data_8IUC
#
_entry.id   8IUC
#
_cell.length_a   122.938
_cell.length_b   194.090
_cell.length_c   111.880
_cell.angle_alpha   90.000
_cell.angle_beta   116.348
_cell.angle_gamma   90.000
#
_symmetry.space_group_name_H-M   'C 1 2 1'
#
loop_
_entity.id
_entity.type
_entity.pdbx_description
1 polymer 'Candidate alpha glycoside phosphorylase Glycoside hydrolase family 65'
2 branched alpha-D-glucopyranose-(1-6)-beta-D-glucopyranose
3 non-polymer 1,2-ETHANEDIOL
4 water water
#
_entity_poly.entity_id   1
_entity_poly.type   'polypeptide(L)'
_entity_poly.pdbx_seq_one_letter_code
;MGSSHHHHHHSSGLVPRGSHQDPWKLSADKPDSNNYYGETVANGMIGIISSPEPLKVKEVVLAGTYDIYKRGRVSSFIPN
YNLLNMKLAFNGESVQTYNINNYKQELDMRNGAFTGSFQFKDLATVTYSYYALRHLPHCIMMVVNINTQKDTEINVENLL
ETPSSLNNQQNYFQNITNTHVNIPLLTSVAFTPTGRSKIAVSNTFLFDEGKKLQPEILHRMNDADMHAMSFDKKIKAGKT
YSFALIGSLISSDHINDPYNEAERLTIYAALEGKSRLLNRHMQEWNSLWQSDIQVEGDPQAQQDIRSMLYHLYSFTRKST
SLSPSPMGLSGLGYNGHVFWDTEIWMFPPMLLLHPEIAKSMIEYRYQRLDAARKKAAIYGYDGAMFPWESADSGAEETPV
NALTGAFEHHVTGDVAIAAWQYYLVTGDKEWLKEKGWPILKATAEFWASRVEKNDKGEYEIKNVVAADEWAENIDNNAYT
NGTAIRNLQYASKCATVLGVIAPKEWTLIADKILISKMSNGVTREHDSYTDQNIKQADANLLAYPLKLITDKEQIERDLK
YYQTKIPQSDTPAMTQAIFSLLYSRLEDSDQAYHWFKDAYQPNLNPPFRVISECKGGTNPYFSTGAGGVLQAVIMGFGGL
DIDAAGGIKQVKSVLPKNWKKLTITGIGIEKKTFVLTH
;
_entity_poly.pdbx_strand_id   A,B,C
#
# COMPACT_ATOMS: atom_id res chain seq x y z
N HIS A 20 -35.08 -32.25 23.01
CA HIS A 20 -33.96 -31.47 22.41
C HIS A 20 -34.44 -30.16 21.75
N GLN A 21 -35.47 -29.47 22.30
CA GLN A 21 -36.00 -28.19 21.78
C GLN A 21 -36.02 -27.08 22.84
N ASP A 22 -34.94 -27.04 23.61
CA ASP A 22 -34.57 -25.91 24.42
C ASP A 22 -34.45 -24.72 23.48
N PRO A 23 -35.06 -23.57 23.80
CA PRO A 23 -34.99 -22.41 22.92
C PRO A 23 -33.63 -21.71 22.82
N TRP A 24 -32.66 -22.07 23.68
CA TRP A 24 -31.32 -21.47 23.72
C TRP A 24 -30.18 -22.46 23.43
N LYS A 25 -30.45 -23.77 23.54
CA LYS A 25 -29.39 -24.78 23.49
C LYS A 25 -29.70 -25.88 22.45
N LEU A 26 -28.70 -26.23 21.65
CA LEU A 26 -28.80 -27.37 20.76
C LEU A 26 -28.06 -28.52 21.46
N SER A 27 -28.62 -29.73 21.44
N SER A 27 -28.66 -29.71 21.51
CA SER A 27 -28.04 -30.82 22.21
CA SER A 27 -28.06 -30.82 22.23
C SER A 27 -28.13 -32.15 21.47
C SER A 27 -28.00 -32.05 21.33
N ALA A 28 -27.08 -32.97 21.69
CA ALA A 28 -26.96 -34.25 21.02
C ALA A 28 -26.51 -35.27 22.04
N ASP A 29 -27.22 -36.38 22.15
CA ASP A 29 -26.84 -37.46 23.05
C ASP A 29 -26.12 -38.53 22.25
N LYS A 30 -24.98 -39.01 22.75
CA LYS A 30 -24.22 -40.06 22.11
C LYS A 30 -24.03 -39.75 20.62
N PRO A 31 -23.22 -38.75 20.27
CA PRO A 31 -22.87 -38.50 18.87
C PRO A 31 -22.57 -39.76 18.05
N ASP A 32 -23.18 -39.86 16.86
CA ASP A 32 -23.01 -41.02 15.99
C ASP A 32 -22.11 -40.59 14.85
N SER A 33 -20.84 -41.02 14.84
CA SER A 33 -19.85 -40.48 13.90
C SER A 33 -20.21 -40.86 12.45
N ASN A 34 -20.98 -41.92 12.23
CA ASN A 34 -21.48 -42.27 10.89
C ASN A 34 -22.59 -41.33 10.37
N ASN A 35 -23.02 -40.31 11.15
CA ASN A 35 -24.15 -39.50 10.72
C ASN A 35 -24.18 -38.22 11.54
N TYR A 36 -23.09 -37.50 11.43
CA TYR A 36 -22.82 -36.36 12.29
C TYR A 36 -22.28 -35.21 11.47
N TYR A 37 -22.96 -34.07 11.59
CA TYR A 37 -22.50 -32.83 11.04
C TYR A 37 -22.28 -31.82 12.15
N GLY A 38 -21.00 -31.45 12.41
CA GLY A 38 -20.65 -30.66 13.56
C GLY A 38 -21.22 -29.25 13.50
N GLU A 39 -21.31 -28.67 14.68
CA GLU A 39 -21.75 -27.28 14.85
C GLU A 39 -20.55 -26.38 15.10
N THR A 40 -20.71 -25.10 14.87
CA THR A 40 -19.59 -24.18 14.89
C THR A 40 -19.73 -23.18 16.04
N VAL A 41 -18.62 -22.83 16.72
CA VAL A 41 -18.55 -21.62 17.51
C VAL A 41 -17.58 -20.66 16.83
N ALA A 42 -17.88 -19.35 16.84
CA ALA A 42 -17.07 -18.46 16.07
C ALA A 42 -17.27 -17.06 16.60
N ASN A 43 -16.29 -16.21 16.37
CA ASN A 43 -16.35 -14.81 16.80
C ASN A 43 -16.20 -13.90 15.60
N GLY A 44 -16.56 -14.37 14.37
CA GLY A 44 -16.36 -13.54 13.22
C GLY A 44 -14.92 -13.56 12.67
N MET A 45 -13.97 -14.21 13.38
CA MET A 45 -12.58 -14.31 12.94
C MET A 45 -12.14 -15.77 12.87
N ILE A 46 -12.34 -16.49 13.96
CA ILE A 46 -12.02 -17.90 13.99
C ILE A 46 -13.34 -18.64 14.11
N GLY A 47 -13.41 -19.77 13.33
CA GLY A 47 -14.51 -20.71 13.49
C GLY A 47 -13.95 -22.07 13.89
N ILE A 48 -14.58 -22.73 14.85
CA ILE A 48 -14.27 -24.09 15.28
C ILE A 48 -15.51 -24.95 15.13
N ILE A 49 -15.33 -26.06 14.39
CA ILE A 49 -16.40 -26.95 14.00
C ILE A 49 -16.17 -28.24 14.79
N SER A 50 -17.24 -28.77 15.39
CA SER A 50 -17.15 -29.82 16.37
C SER A 50 -16.87 -31.15 15.71
N SER A 51 -16.24 -31.98 16.52
CA SER A 51 -16.06 -33.40 16.27
C SER A 51 -17.01 -34.24 17.10
N PRO A 52 -17.45 -35.42 16.59
CA PRO A 52 -18.20 -36.34 17.41
C PRO A 52 -17.33 -36.99 18.50
N GLU A 53 -16.00 -36.90 18.30
CA GLU A 53 -15.05 -37.51 19.24
C GLU A 53 -14.82 -36.57 20.43
N PRO A 54 -14.71 -37.12 21.66
CA PRO A 54 -14.56 -36.30 22.86
C PRO A 54 -13.20 -35.58 22.86
N LEU A 55 -13.20 -34.28 23.19
CA LEU A 55 -11.99 -33.48 23.39
C LEU A 55 -11.20 -33.26 22.07
N LYS A 56 -11.89 -33.38 20.92
CA LYS A 56 -11.30 -33.09 19.62
C LYS A 56 -12.19 -32.03 18.95
N VAL A 57 -11.61 -31.34 17.97
CA VAL A 57 -12.37 -30.54 17.03
C VAL A 57 -12.08 -31.05 15.61
N LYS A 58 -13.08 -30.84 14.74
CA LYS A 58 -13.02 -31.33 13.37
C LYS A 58 -12.17 -30.42 12.50
N GLU A 59 -12.46 -29.13 12.50
CA GLU A 59 -11.87 -28.18 11.59
C GLU A 59 -11.90 -26.81 12.24
N VAL A 60 -10.87 -26.03 11.90
CA VAL A 60 -10.73 -24.66 12.31
C VAL A 60 -10.47 -23.83 11.08
N VAL A 61 -11.11 -22.64 11.02
CA VAL A 61 -10.97 -21.75 9.89
C VAL A 61 -10.73 -20.32 10.40
N LEU A 62 -9.70 -19.67 9.83
CA LEU A 62 -9.44 -18.29 10.10
C LEU A 62 -9.96 -17.43 8.94
N ALA A 63 -10.79 -16.45 9.27
CA ALA A 63 -11.20 -15.49 8.30
C ALA A 63 -10.02 -14.70 7.75
N GLY A 64 -10.14 -14.27 6.51
CA GLY A 64 -9.21 -13.34 5.90
C GLY A 64 -7.93 -13.98 5.37
N THR A 65 -7.75 -15.28 5.62
CA THR A 65 -6.55 -15.94 5.15
C THR A 65 -6.97 -16.83 3.93
N TYR A 66 -6.39 -16.49 2.77
CA TYR A 66 -6.75 -17.09 1.50
C TYR A 66 -5.47 -17.48 0.77
N ASP A 67 -5.48 -18.68 0.18
CA ASP A 67 -4.41 -19.11 -0.71
C ASP A 67 -4.99 -20.08 -1.70
N ILE A 68 -4.24 -20.35 -2.78
CA ILE A 68 -4.64 -21.39 -3.72
C ILE A 68 -4.61 -22.76 -3.00
N TYR A 69 -5.69 -23.50 -3.15
CA TYR A 69 -5.94 -24.71 -2.38
C TYR A 69 -7.29 -25.34 -2.89
N LYS A 70 -7.13 -26.59 -3.25
CA LYS A 70 -8.13 -27.45 -3.81
C LYS A 70 -9.08 -26.75 -4.77
N ARG A 71 -10.37 -26.76 -4.39
CA ARG A 71 -11.48 -26.52 -5.27
C ARG A 71 -11.29 -25.23 -6.08
N GLY A 72 -11.48 -25.32 -7.42
CA GLY A 72 -11.75 -24.10 -8.17
C GLY A 72 -10.46 -23.43 -8.72
N ARG A 73 -9.29 -23.85 -8.25
CA ARG A 73 -7.96 -23.38 -8.70
C ARG A 73 -7.75 -21.90 -8.35
N VAL A 74 -8.58 -21.38 -7.41
CA VAL A 74 -8.59 -19.98 -7.00
C VAL A 74 -8.40 -19.96 -5.49
N SER A 75 -8.21 -18.76 -4.92
CA SER A 75 -7.97 -18.54 -3.51
C SER A 75 -9.08 -19.22 -2.70
N SER A 76 -8.70 -19.66 -1.49
CA SER A 76 -9.57 -20.39 -0.60
C SER A 76 -9.16 -20.19 0.84
N PHE A 77 -10.14 -20.23 1.72
CA PHE A 77 -9.90 -20.50 3.12
C PHE A 77 -9.18 -21.84 3.21
N ILE A 78 -8.41 -21.97 4.25
CA ILE A 78 -7.51 -23.09 4.44
C ILE A 78 -7.90 -23.81 5.72
N PRO A 79 -7.91 -25.16 5.79
CA PRO A 79 -8.05 -25.77 7.09
C PRO A 79 -6.86 -25.44 7.98
N ASN A 80 -7.13 -25.14 9.24
CA ASN A 80 -6.10 -24.58 10.13
C ASN A 80 -5.80 -25.56 11.26
N TYR A 81 -4.94 -25.18 12.23
CA TYR A 81 -4.61 -26.04 13.32
C TYR A 81 -5.85 -26.33 14.15
N ASN A 82 -6.01 -27.62 14.46
CA ASN A 82 -7.07 -28.11 15.32
C ASN A 82 -6.54 -27.94 16.74
N LEU A 83 -6.50 -26.68 17.17
CA LEU A 83 -5.58 -26.25 18.24
C LEU A 83 -6.05 -26.74 19.62
N LEU A 84 -7.32 -27.16 19.73
CA LEU A 84 -7.86 -27.62 21.00
C LEU A 84 -7.61 -29.10 21.26
N ASN A 85 -7.20 -29.83 20.23
CA ASN A 85 -7.18 -31.29 20.36
C ASN A 85 -6.43 -31.76 21.61
N MET A 86 -7.08 -32.61 22.40
CA MET A 86 -6.58 -33.04 23.70
CA MET A 86 -6.52 -33.05 23.68
C MET A 86 -6.79 -34.55 23.86
N LYS A 87 -5.85 -35.19 24.55
CA LYS A 87 -5.90 -36.58 24.93
C LYS A 87 -5.85 -36.64 26.44
N LEU A 88 -6.79 -37.42 27.01
CA LEU A 88 -6.97 -37.53 28.46
C LEU A 88 -6.88 -39.02 28.81
N ALA A 89 -6.04 -39.29 29.81
CA ALA A 89 -5.90 -40.65 30.34
C ALA A 89 -6.10 -40.67 31.84
N PHE A 90 -6.59 -41.81 32.40
CA PHE A 90 -6.69 -42.01 33.84
C PHE A 90 -5.81 -43.19 34.24
N ASN A 91 -4.81 -43.03 35.14
CA ASN A 91 -3.78 -44.04 35.39
C ASN A 91 -3.37 -44.79 34.13
N GLY A 92 -3.14 -44.08 33.06
CA GLY A 92 -2.51 -44.72 31.93
C GLY A 92 -3.52 -45.15 30.89
N GLU A 93 -4.81 -45.11 31.21
CA GLU A 93 -5.83 -45.58 30.30
C GLU A 93 -6.50 -44.41 29.60
N SER A 94 -6.30 -44.32 28.27
CA SER A 94 -6.81 -43.21 27.50
C SER A 94 -8.31 -43.37 27.32
N VAL A 95 -8.94 -42.21 27.22
CA VAL A 95 -10.35 -42.09 26.99
C VAL A 95 -10.66 -42.49 25.55
N GLN A 96 -11.66 -43.34 25.39
CA GLN A 96 -12.10 -43.78 24.07
C GLN A 96 -13.61 -43.89 24.10
N THR A 97 -14.23 -44.06 22.93
CA THR A 97 -15.66 -44.32 22.80
C THR A 97 -16.08 -45.53 23.64
N TYR A 98 -15.29 -46.61 23.63
CA TYR A 98 -15.73 -47.83 24.28
C TYR A 98 -15.47 -47.82 25.80
N ASN A 99 -14.95 -46.73 26.42
CA ASN A 99 -14.85 -46.74 27.87
C ASN A 99 -15.51 -45.52 28.50
N ILE A 100 -16.23 -44.72 27.72
CA ILE A 100 -17.03 -43.66 28.32
C ILE A 100 -18.54 -44.03 28.24
N ASN A 101 -19.35 -43.38 29.04
CA ASN A 101 -20.79 -43.49 28.93
C ASN A 101 -21.41 -42.14 29.31
N ASN A 102 -22.72 -41.98 29.08
CA ASN A 102 -23.47 -40.74 29.29
C ASN A 102 -22.85 -39.57 28.54
N TYR A 103 -22.30 -39.83 27.34
CA TYR A 103 -21.66 -38.82 26.53
C TYR A 103 -22.72 -38.00 25.80
N LYS A 104 -22.63 -36.67 26.00
CA LYS A 104 -23.58 -35.69 25.48
C LYS A 104 -22.82 -34.50 24.95
N GLN A 105 -23.35 -33.81 23.91
CA GLN A 105 -22.76 -32.55 23.54
C GLN A 105 -23.89 -31.50 23.50
N GLU A 106 -23.49 -30.24 23.72
CA GLU A 106 -24.47 -29.17 23.72
CA GLU A 106 -24.43 -29.15 23.80
C GLU A 106 -23.81 -27.87 23.25
N LEU A 107 -24.55 -27.13 22.43
CA LEU A 107 -24.19 -25.78 22.04
C LEU A 107 -25.15 -24.80 22.69
N ASP A 108 -24.60 -23.89 23.52
CA ASP A 108 -25.38 -22.87 24.22
C ASP A 108 -25.24 -21.63 23.34
N MET A 109 -26.35 -21.33 22.70
CA MET A 109 -26.43 -20.25 21.70
C MET A 109 -26.36 -18.90 22.38
N ARG A 110 -26.66 -18.85 23.70
CA ARG A 110 -26.57 -17.60 24.44
C ARG A 110 -25.14 -17.09 24.46
N ASN A 111 -24.15 -17.99 24.51
CA ASN A 111 -22.77 -17.52 24.55
C ASN A 111 -21.79 -18.34 23.71
N GLY A 112 -22.28 -19.08 22.74
CA GLY A 112 -21.41 -19.77 21.82
C GLY A 112 -20.50 -20.78 22.51
N ALA A 113 -21.01 -21.37 23.55
CA ALA A 113 -20.21 -22.34 24.27
C ALA A 113 -20.53 -23.72 23.75
N PHE A 114 -19.49 -24.47 23.38
CA PHE A 114 -19.78 -25.81 22.95
C PHE A 114 -19.27 -26.71 24.04
N THR A 115 -20.13 -27.58 24.59
CA THR A 115 -19.77 -28.37 25.73
C THR A 115 -19.99 -29.85 25.44
N GLY A 116 -18.98 -30.64 25.79
CA GLY A 116 -19.13 -32.08 25.86
C GLY A 116 -19.08 -32.54 27.33
N SER A 117 -19.77 -33.65 27.62
CA SER A 117 -19.68 -34.22 28.96
C SER A 117 -19.84 -35.73 28.86
N PHE A 118 -19.15 -36.39 29.76
CA PHE A 118 -19.16 -37.85 29.77
C PHE A 118 -18.64 -38.39 31.09
N GLN A 119 -18.90 -39.68 31.28
CA GLN A 119 -18.42 -40.35 32.47
C GLN A 119 -17.41 -41.39 31.99
N PHE A 120 -16.26 -41.48 32.67
CA PHE A 120 -15.20 -42.43 32.33
C PHE A 120 -15.43 -43.62 33.25
N LYS A 121 -15.77 -44.77 32.63
CA LYS A 121 -16.17 -45.98 33.30
C LYS A 121 -17.16 -45.61 34.40
N ASP A 122 -16.89 -46.02 35.65
CA ASP A 122 -17.59 -45.49 36.80
C ASP A 122 -16.62 -44.74 37.74
N LEU A 123 -15.56 -44.15 37.20
CA LEU A 123 -14.53 -43.51 38.02
C LEU A 123 -14.69 -41.99 38.12
N ALA A 124 -14.97 -41.33 37.00
CA ALA A 124 -14.98 -39.88 37.00
C ALA A 124 -15.91 -39.35 35.94
N THR A 125 -16.30 -38.09 36.15
CA THR A 125 -17.02 -37.32 35.15
C THR A 125 -16.15 -36.16 34.69
N VAL A 126 -16.35 -35.80 33.42
CA VAL A 126 -15.53 -34.86 32.70
C VAL A 126 -16.50 -33.95 31.95
N THR A 127 -16.34 -32.63 32.11
CA THR A 127 -16.96 -31.67 31.18
C THR A 127 -15.85 -30.82 30.53
N TYR A 128 -16.04 -30.43 29.27
CA TYR A 128 -15.19 -29.47 28.60
C TYR A 128 -16.05 -28.52 27.78
N SER A 129 -15.80 -27.23 27.92
CA SER A 129 -16.53 -26.20 27.20
C SER A 129 -15.52 -25.37 26.43
N TYR A 130 -15.74 -25.09 25.14
CA TYR A 130 -14.80 -24.23 24.44
C TYR A 130 -15.55 -23.09 23.78
N TYR A 131 -14.76 -22.09 23.44
CA TYR A 131 -15.25 -20.76 23.11
C TYR A 131 -14.31 -20.10 22.10
N ALA A 132 -14.86 -19.39 21.10
CA ALA A 132 -14.13 -18.48 20.25
C ALA A 132 -14.36 -17.12 20.87
N LEU A 133 -13.38 -16.58 21.60
CA LEU A 133 -13.65 -15.56 22.58
C LEU A 133 -14.14 -14.33 21.83
N ARG A 134 -15.22 -13.78 22.31
CA ARG A 134 -15.96 -12.83 21.47
C ARG A 134 -15.22 -11.49 21.36
N HIS A 135 -14.53 -11.09 22.45
CA HIS A 135 -13.86 -9.79 22.47
C HIS A 135 -12.47 -9.91 21.83
N LEU A 136 -11.86 -11.11 21.85
CA LEU A 136 -10.50 -11.28 21.36
C LEU A 136 -10.53 -12.13 20.08
N PRO A 137 -10.47 -11.47 18.91
CA PRO A 137 -10.76 -12.15 17.66
C PRO A 137 -9.88 -13.38 17.39
N HIS A 138 -8.58 -13.27 17.86
CA HIS A 138 -7.64 -14.35 17.62
C HIS A 138 -7.44 -15.31 18.76
N CYS A 139 -8.29 -15.34 19.78
CA CYS A 139 -8.07 -16.20 20.94
C CYS A 139 -9.27 -17.14 21.18
N ILE A 140 -8.95 -18.40 21.51
CA ILE A 140 -9.87 -19.46 21.82
C ILE A 140 -9.55 -19.99 23.23
N MET A 141 -10.57 -20.51 23.93
CA MET A 141 -10.34 -21.07 25.25
C MET A 141 -11.19 -22.33 25.46
N MET A 142 -10.60 -23.37 26.05
CA MET A 142 -11.34 -24.54 26.47
C MET A 142 -11.10 -24.75 27.96
N VAL A 143 -12.17 -24.94 28.72
CA VAL A 143 -12.11 -25.16 30.16
C VAL A 143 -12.57 -26.59 30.43
N VAL A 144 -11.74 -27.29 31.18
CA VAL A 144 -11.95 -28.71 31.45
C VAL A 144 -12.11 -28.86 32.96
N ASN A 145 -13.10 -29.67 33.35
CA ASN A 145 -13.43 -30.00 34.71
C ASN A 145 -13.58 -31.50 34.86
N ILE A 146 -12.80 -32.07 35.80
CA ILE A 146 -12.76 -33.49 36.09
C ILE A 146 -13.11 -33.72 37.55
N ASN A 147 -14.15 -34.51 37.81
CA ASN A 147 -14.61 -34.82 39.16
C ASN A 147 -14.42 -36.31 39.35
N THR A 148 -13.63 -36.75 40.29
CA THR A 148 -13.35 -38.18 40.43
C THR A 148 -13.96 -38.73 41.72
N GLN A 149 -14.38 -40.02 41.68
CA GLN A 149 -14.95 -40.74 42.81
C GLN A 149 -13.85 -41.31 43.71
N LYS A 150 -12.75 -41.78 43.12
CA LYS A 150 -11.63 -42.29 43.87
C LYS A 150 -10.40 -41.47 43.57
N ASP A 151 -9.36 -41.67 44.41
CA ASP A 151 -8.07 -41.10 44.07
C ASP A 151 -7.67 -41.60 42.68
N THR A 152 -7.13 -40.72 41.82
CA THR A 152 -6.71 -41.15 40.51
C THR A 152 -5.59 -40.23 40.03
N GLU A 153 -4.90 -40.58 38.93
CA GLU A 153 -3.97 -39.68 38.28
C GLU A 153 -4.42 -39.46 36.83
N ILE A 154 -4.54 -38.22 36.39
CA ILE A 154 -4.81 -37.93 35.01
C ILE A 154 -3.51 -37.60 34.27
N ASN A 155 -3.43 -38.01 32.99
CA ASN A 155 -2.45 -37.48 32.06
C ASN A 155 -3.20 -36.68 30.99
N VAL A 156 -2.74 -35.45 30.75
CA VAL A 156 -3.39 -34.56 29.81
C VAL A 156 -2.36 -34.17 28.75
N GLU A 157 -2.75 -34.27 27.47
CA GLU A 157 -1.89 -33.92 26.33
C GLU A 157 -2.66 -32.97 25.43
N ASN A 158 -2.07 -31.83 25.06
CA ASN A 158 -2.56 -30.97 24.03
C ASN A 158 -1.66 -31.14 22.81
N LEU A 159 -2.27 -31.48 21.67
CA LEU A 159 -1.56 -31.80 20.43
C LEU A 159 -1.71 -30.67 19.42
N LEU A 160 -0.57 -30.33 18.84
CA LEU A 160 -0.60 -29.32 17.77
C LEU A 160 -0.12 -30.02 16.51
N GLU A 161 -1.09 -30.57 15.78
CA GLU A 161 -0.82 -31.26 14.51
C GLU A 161 -0.96 -30.27 13.34
N THR A 162 0.11 -30.14 12.53
CA THR A 162 0.10 -29.28 11.38
C THR A 162 -0.76 -29.94 10.32
N PRO A 163 -1.89 -29.36 9.91
CA PRO A 163 -2.74 -30.00 8.88
C PRO A 163 -2.02 -30.08 7.53
N SER A 164 -2.43 -31.03 6.68
CA SER A 164 -1.77 -31.22 5.39
C SER A 164 -1.98 -30.06 4.44
N SER A 165 -2.90 -29.14 4.76
CA SER A 165 -3.02 -27.93 4.03
C SER A 165 -1.87 -26.95 4.18
N LEU A 166 -1.05 -27.12 5.21
CA LEU A 166 0.06 -26.20 5.47
C LEU A 166 1.39 -26.88 5.27
N ASN A 167 2.48 -26.08 5.18
CA ASN A 167 3.77 -26.61 4.85
C ASN A 167 4.85 -25.81 5.60
N ASN A 168 6.01 -26.49 5.68
CA ASN A 168 7.24 -25.89 6.14
C ASN A 168 7.06 -25.47 7.61
N GLN A 169 6.36 -26.32 8.37
CA GLN A 169 6.05 -26.05 9.77
C GLN A 169 7.34 -26.04 10.63
N GLN A 170 7.19 -25.36 11.77
CA GLN A 170 8.17 -25.38 12.83
C GLN A 170 7.42 -25.52 14.14
N ASN A 171 7.94 -26.39 15.04
CA ASN A 171 7.30 -26.71 16.31
C ASN A 171 8.20 -26.29 17.49
N TYR A 172 7.74 -25.32 18.25
CA TYR A 172 8.47 -24.71 19.37
C TYR A 172 7.77 -24.95 20.70
N PHE A 173 8.52 -24.76 21.78
CA PHE A 173 8.04 -24.85 23.14
C PHE A 173 8.97 -24.03 24.01
N GLN A 174 8.42 -23.21 24.93
CA GLN A 174 9.25 -22.47 25.87
C GLN A 174 8.44 -22.08 27.08
N ASN A 175 9.14 -21.64 28.08
CA ASN A 175 8.59 -21.21 29.33
C ASN A 175 8.80 -19.70 29.49
N ILE A 176 7.71 -18.98 29.67
CA ILE A 176 7.70 -17.56 29.99
C ILE A 176 7.51 -17.44 31.50
N THR A 177 8.49 -16.83 32.15
CA THR A 177 8.47 -16.82 33.60
C THR A 177 8.74 -15.44 34.18
N ASN A 178 8.31 -15.32 35.44
CA ASN A 178 8.70 -14.27 36.38
C ASN A 178 8.51 -14.87 37.77
N THR A 179 8.62 -14.04 38.84
CA THR A 179 8.62 -14.63 40.17
C THR A 179 7.23 -15.25 40.46
N HIS A 180 6.23 -14.89 39.66
CA HIS A 180 4.85 -15.19 40.01
C HIS A 180 4.32 -16.25 39.07
N VAL A 181 4.89 -16.41 37.86
CA VAL A 181 4.26 -17.28 36.88
C VAL A 181 5.27 -18.09 36.09
N ASN A 182 4.75 -19.19 35.52
CA ASN A 182 5.43 -20.00 34.49
C ASN A 182 4.38 -20.36 33.46
N ILE A 183 4.43 -19.66 32.34
CA ILE A 183 3.50 -19.80 31.24
C ILE A 183 4.18 -20.65 30.18
N PRO A 184 3.84 -21.96 30.06
CA PRO A 184 4.49 -22.79 29.05
C PRO A 184 3.73 -22.68 27.74
N LEU A 185 4.43 -22.25 26.68
CA LEU A 185 3.87 -21.99 25.39
C LEU A 185 4.22 -23.08 24.40
N LEU A 186 3.20 -23.68 23.82
CA LEU A 186 3.36 -24.63 22.73
C LEU A 186 2.99 -23.88 21.45
N THR A 187 3.96 -23.70 20.53
CA THR A 187 3.77 -22.85 19.38
C THR A 187 4.15 -23.60 18.12
N SER A 188 3.37 -23.38 17.10
CA SER A 188 3.63 -23.83 15.74
C SER A 188 3.56 -22.68 14.78
N VAL A 189 4.45 -22.68 13.75
CA VAL A 189 4.41 -21.68 12.71
C VAL A 189 4.53 -22.42 11.37
N ALA A 190 3.65 -22.09 10.41
CA ALA A 190 3.62 -22.83 9.12
C ALA A 190 3.10 -21.92 8.01
N PHE A 191 3.05 -22.47 6.76
CA PHE A 191 2.69 -21.62 5.64
C PHE A 191 1.55 -22.25 4.82
N THR A 192 0.71 -21.38 4.24
CA THR A 192 -0.30 -21.78 3.24
C THR A 192 0.39 -22.33 1.99
N PRO A 193 -0.33 -23.13 1.15
CA PRO A 193 0.27 -23.88 0.03
C PRO A 193 1.29 -23.15 -0.83
N THR A 194 1.04 -21.90 -1.22
CA THR A 194 1.97 -21.18 -2.10
C THR A 194 2.96 -20.32 -1.32
N GLY A 195 2.89 -20.35 0.01
CA GLY A 195 3.72 -19.51 0.83
C GLY A 195 3.16 -18.08 0.98
N ARG A 196 1.95 -17.87 0.55
CA ARG A 196 1.27 -16.54 0.53
C ARG A 196 1.06 -15.98 1.96
N SER A 197 0.82 -16.88 2.92
N SER A 197 0.73 -16.87 2.91
CA SER A 197 0.48 -16.51 4.29
CA SER A 197 0.42 -16.49 4.29
C SER A 197 1.22 -17.37 5.27
C SER A 197 1.19 -17.36 5.27
N LYS A 198 1.68 -16.71 6.34
CA LYS A 198 2.36 -17.38 7.42
C LYS A 198 1.40 -17.42 8.60
N ILE A 199 1.20 -18.60 9.16
CA ILE A 199 0.25 -18.86 10.24
C ILE A 199 1.04 -19.15 11.51
N ALA A 200 0.63 -18.56 12.60
CA ALA A 200 1.16 -18.83 13.91
C ALA A 200 0.08 -19.22 14.89
N VAL A 201 0.29 -20.30 15.60
CA VAL A 201 -0.60 -20.72 16.70
C VAL A 201 0.22 -20.87 17.98
N SER A 202 -0.31 -20.44 19.13
CA SER A 202 0.42 -20.52 20.39
C SER A 202 -0.56 -20.83 21.55
N ASN A 203 -0.37 -21.99 22.21
CA ASN A 203 -1.26 -22.44 23.27
C ASN A 203 -0.57 -22.49 24.65
N THR A 204 -1.36 -22.39 25.74
CA THR A 204 -0.84 -22.56 27.09
C THR A 204 -1.95 -23.16 27.96
N PHE A 205 -1.54 -23.79 29.06
CA PHE A 205 -2.47 -24.30 30.04
C PHE A 205 -2.57 -23.30 31.19
N LEU A 206 -3.81 -23.03 31.68
CA LEU A 206 -4.00 -22.22 32.87
C LEU A 206 -4.46 -23.09 34.03
N PHE A 207 -3.83 -22.92 35.20
CA PHE A 207 -4.13 -23.67 36.39
C PHE A 207 -4.59 -22.69 37.46
N ASP A 208 -5.32 -23.18 38.45
CA ASP A 208 -5.72 -22.35 39.57
C ASP A 208 -4.69 -22.40 40.68
N GLU A 209 -3.93 -23.49 40.78
CA GLU A 209 -3.15 -23.73 41.99
C GLU A 209 -1.90 -22.85 42.15
N GLY A 210 -1.44 -22.11 41.15
CA GLY A 210 -0.26 -21.26 41.40
C GLY A 210 1.08 -21.87 40.98
N LYS A 211 2.11 -21.06 40.77
CA LYS A 211 3.31 -21.49 40.08
C LYS A 211 3.96 -22.70 40.77
N LYS A 212 4.06 -22.69 42.09
CA LYS A 212 4.84 -23.72 42.77
C LYS A 212 4.15 -25.09 42.71
N LEU A 213 2.81 -25.11 42.67
CA LEU A 213 2.06 -26.35 42.82
C LEU A 213 1.54 -26.86 41.46
N GLN A 214 1.56 -26.00 40.45
CA GLN A 214 1.10 -26.43 39.11
C GLN A 214 1.93 -27.59 38.58
N PRO A 215 1.39 -28.44 37.69
CA PRO A 215 2.14 -29.55 37.13
C PRO A 215 3.24 -29.10 36.20
N GLU A 216 4.36 -29.82 36.25
CA GLU A 216 5.45 -29.67 35.29
C GLU A 216 4.91 -30.03 33.90
N ILE A 217 5.24 -29.20 32.91
CA ILE A 217 4.74 -29.45 31.55
C ILE A 217 5.86 -30.03 30.71
N LEU A 218 5.63 -31.21 30.09
CA LEU A 218 6.61 -31.83 29.22
C LEU A 218 6.25 -31.55 27.76
N HIS A 219 7.29 -31.55 26.92
CA HIS A 219 7.13 -31.39 25.50
C HIS A 219 7.70 -32.53 24.68
N ARG A 220 6.93 -33.01 23.70
CA ARG A 220 7.40 -34.05 22.79
C ARG A 220 7.23 -33.56 21.37
N MET A 221 8.21 -33.91 20.53
CA MET A 221 8.22 -33.59 19.11
C MET A 221 8.50 -34.86 18.34
N ASN A 222 7.60 -35.86 18.32
CA ASN A 222 8.07 -37.16 17.89
C ASN A 222 7.77 -37.31 16.41
N ASP A 223 6.99 -36.39 15.84
CA ASP A 223 6.55 -36.54 14.45
C ASP A 223 6.94 -35.30 13.67
N ALA A 224 6.97 -35.37 12.35
CA ALA A 224 7.31 -34.21 11.53
C ALA A 224 6.22 -33.19 11.64
N ASP A 225 4.97 -33.67 11.80
CA ASP A 225 3.82 -32.80 11.69
C ASP A 225 3.00 -32.72 12.97
N MET A 226 3.58 -33.13 14.09
CA MET A 226 2.89 -33.02 15.37
C MET A 226 3.89 -32.94 16.52
N HIS A 227 3.58 -32.01 17.43
CA HIS A 227 4.15 -31.91 18.75
C HIS A 227 3.09 -31.68 19.81
N ALA A 228 3.44 -31.79 21.08
CA ALA A 228 2.46 -31.88 22.13
C ALA A 228 3.08 -31.46 23.45
N MET A 229 2.23 -30.95 24.35
CA MET A 229 2.68 -30.64 25.69
C MET A 229 1.76 -31.47 26.59
N SER A 230 2.27 -31.90 27.73
CA SER A 230 1.51 -32.81 28.57
C SER A 230 1.85 -32.56 30.03
N PHE A 231 1.04 -33.15 30.91
CA PHE A 231 1.23 -33.13 32.35
C PHE A 231 0.43 -34.27 32.97
N ASP A 232 0.94 -34.78 34.10
CA ASP A 232 0.19 -35.58 35.05
C ASP A 232 -0.31 -34.75 36.23
N LYS A 233 -1.45 -35.17 36.78
CA LYS A 233 -1.94 -34.60 38.01
C LYS A 233 -2.67 -35.67 38.81
N LYS A 234 -2.36 -35.75 40.11
CA LYS A 234 -3.15 -36.54 41.04
C LYS A 234 -4.37 -35.74 41.49
N ILE A 235 -5.56 -36.33 41.42
CA ILE A 235 -6.81 -35.75 41.90
C ILE A 235 -7.30 -36.63 43.01
N LYS A 236 -7.76 -36.02 44.11
CA LYS A 236 -8.24 -36.83 45.22
C LYS A 236 -9.75 -37.06 45.09
N ALA A 237 -10.14 -38.28 45.50
CA ALA A 237 -11.50 -38.77 45.65
C ALA A 237 -12.42 -37.64 46.09
N GLY A 238 -13.44 -37.36 45.29
CA GLY A 238 -14.46 -36.39 45.67
C GLY A 238 -14.13 -34.96 45.27
N LYS A 239 -12.96 -34.71 44.70
CA LYS A 239 -12.52 -33.37 44.35
C LYS A 239 -12.67 -33.19 42.85
N THR A 240 -12.93 -31.93 42.45
CA THR A 240 -12.98 -31.44 41.08
C THR A 240 -11.65 -30.78 40.76
N TYR A 241 -11.04 -31.17 39.65
CA TYR A 241 -9.85 -30.48 39.16
C TYR A 241 -10.23 -29.79 37.86
N SER A 242 -9.83 -28.54 37.74
N SER A 242 -9.90 -28.50 37.77
CA SER A 242 -10.19 -27.69 36.64
CA SER A 242 -10.19 -27.67 36.62
C SER A 242 -8.94 -27.06 36.04
C SER A 242 -8.89 -27.16 36.03
N PHE A 243 -8.84 -27.06 34.70
CA PHE A 243 -7.75 -26.38 34.01
C PHE A 243 -8.27 -25.88 32.68
N ALA A 244 -7.58 -24.92 32.12
CA ALA A 244 -7.98 -24.38 30.84
C ALA A 244 -6.83 -24.45 29.87
N LEU A 245 -7.22 -24.44 28.59
CA LEU A 245 -6.29 -24.34 27.49
C LEU A 245 -6.66 -23.08 26.76
N ILE A 246 -5.67 -22.23 26.56
CA ILE A 246 -5.85 -21.03 25.78
C ILE A 246 -5.01 -21.14 24.53
N GLY A 247 -5.58 -20.71 23.40
CA GLY A 247 -4.94 -20.74 22.09
C GLY A 247 -5.12 -19.41 21.37
N SER A 248 -4.06 -18.94 20.69
CA SER A 248 -4.12 -17.76 19.84
C SER A 248 -3.66 -18.20 18.44
N LEU A 249 -4.45 -17.80 17.44
CA LEU A 249 -4.31 -18.24 16.03
C LEU A 249 -4.39 -17.00 15.15
N ILE A 250 -3.30 -16.71 14.43
CA ILE A 250 -3.20 -15.44 13.72
C ILE A 250 -2.32 -15.66 12.48
N SER A 251 -2.37 -14.77 11.50
CA SER A 251 -1.59 -14.91 10.27
C SER A 251 -1.00 -13.61 9.80
N SER A 252 -0.18 -13.70 8.73
CA SER A 252 0.43 -12.56 8.12
C SER A 252 -0.59 -11.70 7.42
N ASP A 253 -1.79 -12.25 7.15
CA ASP A 253 -2.90 -11.45 6.60
C ASP A 253 -3.44 -10.50 7.65
N HIS A 254 -3.25 -10.77 8.94
CA HIS A 254 -3.80 -9.95 10.02
C HIS A 254 -2.76 -9.06 10.73
N ILE A 255 -1.49 -9.52 10.73
CA ILE A 255 -0.40 -8.84 11.40
C ILE A 255 0.93 -9.14 10.69
N ASN A 256 1.93 -8.25 10.72
CA ASN A 256 3.17 -8.48 9.97
C ASN A 256 3.99 -9.61 10.62
N ASP A 257 3.91 -9.72 11.96
CA ASP A 257 4.68 -10.73 12.66
C ASP A 257 3.80 -11.66 13.47
N PRO A 258 3.14 -12.62 12.83
CA PRO A 258 2.23 -13.51 13.54
C PRO A 258 2.87 -14.41 14.59
N TYR A 259 4.14 -14.81 14.38
CA TYR A 259 4.82 -15.71 15.31
C TYR A 259 4.89 -15.04 16.70
N ASN A 260 5.42 -13.81 16.75
CA ASN A 260 5.52 -13.06 18.02
C ASN A 260 4.13 -12.61 18.52
N GLU A 261 3.22 -12.22 17.60
CA GLU A 261 1.93 -11.76 18.05
C GLU A 261 1.12 -12.91 18.68
N ALA A 262 1.30 -14.15 18.18
CA ALA A 262 0.52 -15.30 18.71
C ALA A 262 0.96 -15.58 20.16
N GLU A 263 2.28 -15.59 20.40
CA GLU A 263 2.83 -15.80 21.74
C GLU A 263 2.45 -14.65 22.67
N ARG A 264 2.58 -13.41 22.20
CA ARG A 264 2.14 -12.26 22.95
C ARG A 264 0.68 -12.39 23.42
N LEU A 265 -0.20 -12.73 22.50
CA LEU A 265 -1.64 -12.80 22.75
C LEU A 265 -1.96 -13.87 23.77
N THR A 266 -1.21 -14.99 23.74
CA THR A 266 -1.50 -16.06 24.65
C THR A 266 -0.95 -15.73 26.02
N ILE A 267 0.21 -15.04 26.06
CA ILE A 267 0.71 -14.55 27.32
C ILE A 267 -0.31 -13.60 27.96
N TYR A 268 -0.74 -12.65 27.16
CA TYR A 268 -1.74 -11.67 27.58
C TYR A 268 -3.00 -12.36 28.16
N ALA A 269 -3.63 -13.23 27.36
CA ALA A 269 -4.83 -13.94 27.79
C ALA A 269 -4.62 -14.74 29.08
N ALA A 270 -3.44 -15.39 29.20
CA ALA A 270 -3.04 -16.13 30.38
C ALA A 270 -3.00 -15.24 31.63
N LEU A 271 -2.47 -14.02 31.53
CA LEU A 271 -2.42 -13.13 32.65
C LEU A 271 -3.72 -12.32 32.87
N GLU A 272 -4.62 -12.21 31.88
CA GLU A 272 -6.00 -11.76 32.11
C GLU A 272 -6.77 -12.78 32.97
N GLY A 273 -6.52 -14.08 32.64
CA GLY A 273 -7.09 -15.21 33.37
C GLY A 273 -8.50 -15.59 32.89
N LYS A 274 -8.86 -16.85 33.07
CA LYS A 274 -10.17 -17.39 32.66
C LYS A 274 -11.37 -16.52 33.00
N SER A 275 -11.47 -16.11 34.28
N SER A 275 -11.49 -16.10 34.27
CA SER A 275 -12.63 -15.39 34.80
CA SER A 275 -12.69 -15.40 34.75
C SER A 275 -12.88 -14.09 34.02
C SER A 275 -12.90 -14.08 34.02
N ARG A 276 -11.81 -13.32 33.81
CA ARG A 276 -11.91 -12.03 33.13
C ARG A 276 -12.26 -12.25 31.66
N LEU A 277 -11.70 -13.31 31.07
CA LEU A 277 -11.83 -13.61 29.65
C LEU A 277 -13.29 -14.01 29.41
N LEU A 278 -13.83 -14.84 30.30
CA LEU A 278 -15.21 -15.29 30.10
C LEU A 278 -16.20 -14.17 30.37
N ASN A 279 -15.91 -13.30 31.34
CA ASN A 279 -16.79 -12.16 31.62
C ASN A 279 -16.94 -11.25 30.39
N ARG A 280 -15.82 -10.90 29.78
CA ARG A 280 -15.82 -10.10 28.56
C ARG A 280 -16.60 -10.81 27.47
N HIS A 281 -16.34 -12.12 27.28
CA HIS A 281 -17.04 -12.87 26.26
C HIS A 281 -18.55 -12.75 26.48
N MET A 282 -18.98 -13.00 27.72
CA MET A 282 -20.38 -12.98 28.07
C MET A 282 -20.94 -11.58 27.77
N GLN A 283 -20.20 -10.54 28.11
CA GLN A 283 -20.81 -9.21 27.96
C GLN A 283 -21.10 -8.97 26.48
N GLU A 284 -20.18 -9.42 25.62
CA GLU A 284 -20.31 -9.12 24.20
C GLU A 284 -21.46 -9.97 23.67
N TRP A 285 -21.55 -11.26 24.06
CA TRP A 285 -22.71 -12.05 23.65
C TRP A 285 -24.05 -11.47 24.12
N ASN A 286 -24.08 -11.02 25.39
CA ASN A 286 -25.28 -10.39 25.91
C ASN A 286 -25.73 -9.23 25.03
N SER A 287 -24.79 -8.44 24.51
N SER A 287 -24.76 -8.46 24.52
CA SER A 287 -25.16 -7.31 23.66
CA SER A 287 -25.09 -7.31 23.69
C SER A 287 -25.78 -7.80 22.36
C SER A 287 -25.74 -7.78 22.39
N LEU A 288 -25.18 -8.84 21.78
CA LEU A 288 -25.66 -9.38 20.51
C LEU A 288 -27.12 -9.81 20.68
N TRP A 289 -27.46 -10.43 21.82
CA TRP A 289 -28.81 -10.94 22.01
C TRP A 289 -29.80 -9.88 22.49
N GLN A 290 -29.41 -8.64 22.64
CA GLN A 290 -30.40 -7.60 22.83
C GLN A 290 -31.32 -7.43 21.61
N SER A 291 -30.90 -7.90 20.45
CA SER A 291 -31.79 -8.04 19.30
C SER A 291 -32.07 -9.52 19.12
N ASP A 292 -33.36 -9.87 19.11
CA ASP A 292 -33.79 -11.25 19.25
C ASP A 292 -35.17 -11.39 18.61
N ILE A 293 -35.53 -12.65 18.40
CA ILE A 293 -36.82 -13.03 17.89
C ILE A 293 -37.40 -14.12 18.78
N GLN A 294 -38.59 -13.84 19.34
CA GLN A 294 -39.29 -14.72 20.25
C GLN A 294 -40.59 -15.18 19.57
N VAL A 295 -40.75 -16.50 19.53
CA VAL A 295 -41.97 -17.12 19.06
C VAL A 295 -42.67 -17.91 20.18
N GLU A 296 -43.96 -17.68 20.37
CA GLU A 296 -44.78 -18.45 21.29
C GLU A 296 -45.62 -19.42 20.50
N GLY A 297 -45.70 -20.69 20.94
CA GLY A 297 -46.64 -21.66 20.37
C GLY A 297 -45.97 -22.63 19.39
N ASP A 298 -44.65 -22.50 19.22
CA ASP A 298 -43.91 -23.34 18.30
C ASP A 298 -42.46 -23.41 18.74
N PRO A 299 -42.17 -24.33 19.68
CA PRO A 299 -40.82 -24.44 20.20
C PRO A 299 -39.78 -24.78 19.11
N GLN A 300 -40.16 -25.59 18.10
CA GLN A 300 -39.18 -25.94 17.08
C GLN A 300 -38.75 -24.68 16.31
N ALA A 301 -39.75 -23.94 15.82
CA ALA A 301 -39.51 -22.64 15.23
C ALA A 301 -38.63 -21.76 16.12
N GLN A 302 -38.99 -21.61 17.38
CA GLN A 302 -38.20 -20.72 18.22
C GLN A 302 -36.75 -21.15 18.24
N GLN A 303 -36.46 -22.45 18.39
CA GLN A 303 -35.06 -22.92 18.45
C GLN A 303 -34.38 -22.71 17.09
N ASP A 304 -35.12 -22.99 16.01
CA ASP A 304 -34.57 -22.92 14.68
C ASP A 304 -34.17 -21.49 14.36
N ILE A 305 -35.04 -20.54 14.73
CA ILE A 305 -34.79 -19.15 14.46
C ILE A 305 -33.61 -18.66 15.31
N ARG A 306 -33.51 -19.11 16.58
CA ARG A 306 -32.37 -18.71 17.38
C ARG A 306 -31.08 -19.22 16.74
N SER A 307 -31.12 -20.47 16.29
CA SER A 307 -29.98 -21.04 15.58
C SER A 307 -29.59 -20.17 14.39
N MET A 308 -30.54 -19.73 13.58
CA MET A 308 -30.23 -18.83 12.47
C MET A 308 -29.55 -17.52 12.92
N LEU A 309 -30.14 -16.86 13.95
CA LEU A 309 -29.58 -15.63 14.46
C LEU A 309 -28.18 -15.90 15.00
N TYR A 310 -28.05 -17.02 15.75
CA TYR A 310 -26.76 -17.37 16.33
C TYR A 310 -25.65 -17.48 15.26
N HIS A 311 -25.96 -18.10 14.16
CA HIS A 311 -24.99 -18.37 13.10
C HIS A 311 -24.59 -17.06 12.43
N LEU A 312 -25.56 -16.17 12.15
CA LEU A 312 -25.21 -14.88 11.62
C LEU A 312 -24.36 -14.10 12.60
N TYR A 313 -24.75 -14.05 13.88
CA TYR A 313 -23.97 -13.31 14.85
C TYR A 313 -22.54 -13.87 14.98
N SER A 314 -22.39 -15.19 14.91
CA SER A 314 -21.12 -15.81 15.08
C SER A 314 -20.22 -15.59 13.86
N PHE A 315 -20.83 -15.44 12.68
CA PHE A 315 -20.15 -15.40 11.40
C PHE A 315 -19.93 -13.96 10.93
N THR A 316 -20.13 -12.97 11.77
CA THR A 316 -19.96 -11.57 11.41
C THR A 316 -19.20 -10.90 12.56
N ARG A 317 -18.87 -9.61 12.41
CA ARG A 317 -18.15 -8.88 13.45
C ARG A 317 -18.32 -7.39 13.22
N LYS A 318 -18.87 -6.75 14.23
CA LYS A 318 -18.96 -5.28 14.20
C LYS A 318 -17.57 -4.62 14.19
N SER A 319 -17.52 -3.36 13.71
CA SER A 319 -16.28 -2.57 13.77
C SER A 319 -15.13 -3.20 13.00
N THR A 320 -15.41 -3.83 11.83
CA THR A 320 -14.40 -4.47 11.01
C THR A 320 -14.72 -4.17 9.53
N SER A 321 -13.90 -4.69 8.64
CA SER A 321 -14.24 -4.76 7.21
C SER A 321 -14.40 -6.22 6.76
N LEU A 322 -14.96 -7.06 7.67
CA LEU A 322 -15.19 -8.46 7.37
C LEU A 322 -16.59 -8.67 6.84
N SER A 323 -16.68 -9.58 5.86
CA SER A 323 -17.96 -10.02 5.29
C SER A 323 -17.95 -11.54 5.24
N PRO A 324 -19.12 -12.19 5.47
CA PRO A 324 -19.20 -13.65 5.53
C PRO A 324 -19.31 -14.25 4.14
N SER A 325 -18.77 -15.45 4.00
CA SER A 325 -18.96 -16.33 2.89
C SER A 325 -20.37 -16.92 3.03
N PRO A 326 -20.83 -17.62 2.00
CA PRO A 326 -22.10 -18.34 2.07
C PRO A 326 -22.17 -19.32 3.23
N MET A 327 -20.97 -19.83 3.66
CA MET A 327 -20.94 -20.79 4.72
C MET A 327 -20.26 -20.21 5.95
N GLY A 328 -20.18 -18.88 6.07
CA GLY A 328 -19.54 -18.24 7.23
C GLY A 328 -18.20 -18.89 7.57
N LEU A 329 -18.01 -19.26 8.88
CA LEU A 329 -16.76 -19.81 9.35
C LEU A 329 -16.99 -21.28 9.69
N SER A 330 -18.00 -21.89 9.01
CA SER A 330 -18.37 -23.28 9.25
C SER A 330 -17.51 -24.25 8.49
N GLY A 331 -16.60 -23.76 7.64
CA GLY A 331 -15.78 -24.64 6.82
C GLY A 331 -15.38 -23.89 5.55
N LEU A 332 -15.02 -24.64 4.52
N LEU A 332 -15.03 -24.65 4.54
CA LEU A 332 -14.46 -24.12 3.28
CA LEU A 332 -14.44 -24.11 3.33
C LEU A 332 -15.51 -24.00 2.17
C LEU A 332 -15.48 -23.84 2.25
N GLY A 333 -16.79 -23.93 2.57
CA GLY A 333 -17.86 -23.73 1.59
C GLY A 333 -17.59 -22.53 0.67
N TYR A 334 -17.76 -22.70 -0.64
CA TYR A 334 -17.49 -21.66 -1.62
C TYR A 334 -16.15 -20.95 -1.39
N ASN A 335 -15.16 -21.70 -0.93
CA ASN A 335 -13.78 -21.21 -0.76
C ASN A 335 -13.66 -19.97 0.11
N GLY A 336 -14.66 -19.66 0.95
CA GLY A 336 -14.58 -18.54 1.86
C GLY A 336 -14.95 -17.25 1.14
N HIS A 337 -15.32 -17.33 -0.15
CA HIS A 337 -15.51 -16.11 -0.91
C HIS A 337 -16.77 -15.39 -0.50
N VAL A 338 -16.76 -14.08 -0.74
CA VAL A 338 -17.90 -13.18 -0.55
C VAL A 338 -18.64 -12.98 -1.90
N PHE A 339 -19.94 -13.15 -1.77
CA PHE A 339 -20.89 -13.07 -2.89
C PHE A 339 -21.98 -12.06 -2.53
N TRP A 340 -22.97 -11.87 -3.43
CA TRP A 340 -24.20 -11.12 -3.17
C TRP A 340 -25.02 -11.80 -2.10
N ASP A 341 -24.62 -13.02 -1.71
CA ASP A 341 -25.24 -13.62 -0.59
C ASP A 341 -25.11 -12.77 0.64
N THR A 342 -24.03 -11.97 0.78
CA THR A 342 -24.04 -11.01 1.85
C THR A 342 -25.07 -9.90 1.59
N GLU A 343 -24.87 -9.16 0.52
CA GLU A 343 -25.63 -7.90 0.40
C GLU A 343 -27.14 -8.15 0.41
N ILE A 344 -27.64 -9.19 -0.30
CA ILE A 344 -29.07 -9.37 -0.43
C ILE A 344 -29.68 -10.35 0.59
N TRP A 345 -28.87 -11.32 1.05
CA TRP A 345 -29.40 -12.39 1.88
C TRP A 345 -29.06 -12.27 3.38
N MET A 346 -27.79 -12.05 3.74
CA MET A 346 -27.33 -11.99 5.15
C MET A 346 -27.42 -10.55 5.72
N PHE A 347 -27.20 -9.59 4.85
CA PHE A 347 -27.11 -8.19 5.25
C PHE A 347 -28.45 -7.66 5.74
N PRO A 348 -29.59 -7.82 5.02
CA PRO A 348 -30.82 -7.13 5.47
C PRO A 348 -31.29 -7.51 6.87
N PRO A 349 -31.17 -8.74 7.38
CA PRO A 349 -31.63 -8.96 8.75
C PRO A 349 -30.64 -8.31 9.74
N MET A 350 -29.36 -8.27 9.32
CA MET A 350 -28.34 -7.73 10.21
C MET A 350 -28.44 -6.20 10.29
N LEU A 351 -28.77 -5.57 9.15
CA LEU A 351 -29.06 -4.13 9.15
C LEU A 351 -30.19 -3.78 10.11
N LEU A 352 -31.26 -4.55 10.12
CA LEU A 352 -32.35 -4.21 11.01
C LEU A 352 -32.01 -4.44 12.48
N LEU A 353 -31.31 -5.53 12.80
CA LEU A 353 -31.09 -5.95 14.18
C LEU A 353 -29.86 -5.27 14.79
N HIS A 354 -28.81 -5.04 13.98
CA HIS A 354 -27.50 -4.59 14.47
C HIS A 354 -26.80 -3.88 13.33
N PRO A 355 -27.16 -2.62 13.08
CA PRO A 355 -26.63 -1.94 11.93
C PRO A 355 -25.11 -1.92 11.83
N GLU A 356 -24.40 -2.02 12.96
CA GLU A 356 -22.94 -1.99 13.00
C GLU A 356 -22.34 -3.28 12.41
N ILE A 357 -23.12 -4.36 12.40
CA ILE A 357 -22.76 -5.54 11.62
C ILE A 357 -22.92 -5.29 10.10
N ALA A 358 -24.02 -4.66 9.70
CA ALA A 358 -24.24 -4.33 8.29
C ALA A 358 -23.11 -3.37 7.86
N LYS A 359 -22.67 -2.50 8.79
CA LYS A 359 -21.64 -1.50 8.48
C LYS A 359 -20.31 -2.20 8.11
N SER A 360 -19.98 -3.32 8.80
CA SER A 360 -18.77 -4.04 8.44
C SER A 360 -18.92 -4.67 7.04
N MET A 361 -20.08 -5.26 6.80
CA MET A 361 -20.34 -5.96 5.54
C MET A 361 -20.14 -4.98 4.39
N ILE A 362 -20.71 -3.75 4.44
CA ILE A 362 -20.49 -2.83 3.32
CA ILE A 362 -20.48 -2.79 3.35
C ILE A 362 -19.07 -2.23 3.36
N GLU A 363 -18.45 -2.11 4.55
CA GLU A 363 -17.09 -1.62 4.63
C GLU A 363 -16.14 -2.50 3.79
N TYR A 364 -16.39 -3.81 3.88
CA TYR A 364 -15.71 -4.81 3.07
C TYR A 364 -15.69 -4.44 1.56
N ARG A 365 -16.82 -3.92 1.07
CA ARG A 365 -16.94 -3.50 -0.34
C ARG A 365 -16.29 -2.13 -0.56
N TYR A 366 -16.52 -1.18 0.36
CA TYR A 366 -15.89 0.12 0.28
C TYR A 366 -14.39 -0.02 0.12
N GLN A 367 -13.71 -0.88 0.90
N GLN A 367 -13.78 -0.91 0.91
CA GLN A 367 -12.25 -0.92 0.88
CA GLN A 367 -12.34 -1.07 1.00
C GLN A 367 -11.77 -1.74 -0.32
C GLN A 367 -11.82 -1.67 -0.31
N ARG A 368 -12.73 -2.38 -0.99
CA ARG A 368 -12.44 -3.04 -2.25
C ARG A 368 -13.00 -2.27 -3.44
N LEU A 369 -13.27 -0.95 -3.31
CA LEU A 369 -13.77 -0.28 -4.50
C LEU A 369 -12.71 -0.16 -5.62
N ASP A 370 -11.45 0.07 -5.28
CA ASP A 370 -10.43 0.26 -6.31
C ASP A 370 -10.25 -1.02 -7.11
N ALA A 371 -10.35 -2.18 -6.47
CA ALA A 371 -10.26 -3.43 -7.20
C ALA A 371 -11.48 -3.62 -8.14
N ALA A 372 -12.64 -3.07 -7.76
CA ALA A 372 -13.82 -3.14 -8.63
C ALA A 372 -13.63 -2.23 -9.83
N ARG A 373 -13.01 -1.06 -9.63
CA ARG A 373 -12.70 -0.16 -10.75
C ARG A 373 -11.70 -0.83 -11.68
N LYS A 374 -10.76 -1.57 -11.09
CA LYS A 374 -9.82 -2.30 -11.92
C LYS A 374 -10.54 -3.40 -12.76
N LYS A 375 -11.41 -4.19 -12.15
CA LYS A 375 -12.20 -5.14 -12.90
C LYS A 375 -13.00 -4.49 -14.03
N ALA A 376 -13.68 -3.37 -13.76
CA ALA A 376 -14.43 -2.80 -14.83
C ALA A 376 -13.52 -2.46 -16.00
N ALA A 377 -12.35 -1.86 -15.75
CA ALA A 377 -11.46 -1.41 -16.79
C ALA A 377 -11.02 -2.61 -17.65
N ILE A 378 -10.68 -3.72 -17.00
CA ILE A 378 -10.22 -4.93 -17.67
C ILE A 378 -11.31 -5.55 -18.54
N TYR A 379 -12.59 -5.34 -18.22
CA TYR A 379 -13.69 -5.93 -18.99
C TYR A 379 -14.39 -4.86 -19.84
N GLY A 380 -13.79 -3.68 -19.95
CA GLY A 380 -14.18 -2.64 -20.91
C GLY A 380 -15.37 -1.76 -20.51
N TYR A 381 -15.50 -1.56 -19.20
CA TYR A 381 -16.55 -0.73 -18.65
C TYR A 381 -15.97 0.40 -17.77
N ASP A 382 -16.85 1.36 -17.48
CA ASP A 382 -16.46 2.46 -16.62
C ASP A 382 -16.79 2.10 -15.19
N GLY A 383 -16.36 3.00 -14.28
CA GLY A 383 -16.77 2.98 -12.87
C GLY A 383 -16.29 1.71 -12.19
N ALA A 384 -17.09 1.20 -11.26
CA ALA A 384 -16.70 0.02 -10.50
C ALA A 384 -17.56 -1.16 -10.87
N MET A 385 -16.94 -2.32 -11.11
CA MET A 385 -17.62 -3.52 -11.43
C MET A 385 -17.19 -4.49 -10.35
N PHE A 386 -18.06 -4.71 -9.34
CA PHE A 386 -17.74 -5.66 -8.27
C PHE A 386 -17.70 -7.04 -8.83
N PRO A 387 -16.77 -7.88 -8.27
CA PRO A 387 -16.63 -9.25 -8.70
C PRO A 387 -17.78 -10.12 -8.22
N TRP A 388 -18.01 -11.19 -9.02
CA TRP A 388 -18.99 -12.18 -8.65
C TRP A 388 -18.58 -12.82 -7.32
N GLU A 389 -17.26 -13.11 -7.19
CA GLU A 389 -16.70 -13.72 -5.98
C GLU A 389 -15.53 -12.88 -5.58
N SER A 390 -15.50 -12.53 -4.26
CA SER A 390 -14.48 -11.67 -3.72
C SER A 390 -13.73 -12.39 -2.61
N ALA A 391 -12.46 -12.00 -2.37
CA ALA A 391 -11.73 -12.55 -1.25
C ALA A 391 -10.84 -11.47 -0.63
N ASP A 392 -9.51 -11.61 -0.69
CA ASP A 392 -8.62 -10.65 -0.02
C ASP A 392 -8.56 -9.33 -0.75
N SER A 393 -8.19 -9.35 -2.08
CA SER A 393 -7.93 -8.10 -2.79
C SER A 393 -9.15 -7.32 -3.23
N GLY A 394 -10.27 -8.02 -3.43
CA GLY A 394 -11.44 -7.50 -4.09
C GLY A 394 -11.44 -7.62 -5.61
N ALA A 395 -10.47 -8.32 -6.16
CA ALA A 395 -10.47 -8.78 -7.54
C ALA A 395 -11.41 -9.97 -7.69
N GLU A 396 -11.66 -10.35 -8.96
CA GLU A 396 -12.52 -11.49 -9.27
C GLU A 396 -11.81 -12.78 -8.87
N GLU A 397 -12.56 -13.60 -8.13
CA GLU A 397 -12.09 -14.87 -7.59
C GLU A 397 -12.90 -16.08 -7.96
N THR A 398 -13.84 -15.96 -8.86
CA THR A 398 -14.64 -17.08 -9.31
C THR A 398 -13.82 -18.07 -10.11
N PRO A 399 -13.93 -19.35 -9.80
CA PRO A 399 -13.25 -20.29 -10.66
C PRO A 399 -13.58 -20.15 -12.16
N VAL A 400 -12.55 -20.33 -13.01
CA VAL A 400 -12.76 -19.91 -14.39
C VAL A 400 -13.79 -20.81 -15.11
N ASN A 401 -13.90 -22.08 -14.68
CA ASN A 401 -14.87 -22.97 -15.26
C ASN A 401 -16.33 -22.57 -15.00
N ALA A 402 -16.57 -21.58 -14.16
CA ALA A 402 -17.92 -21.11 -13.88
C ALA A 402 -18.15 -19.79 -14.58
N LEU A 403 -19.09 -19.77 -15.53
CA LEU A 403 -19.34 -18.59 -16.35
C LEU A 403 -19.92 -17.51 -15.54
N THR A 404 -20.33 -17.73 -14.28
CA THR A 404 -20.78 -16.62 -13.42
C THR A 404 -19.71 -15.57 -13.17
N GLY A 405 -18.48 -15.99 -13.11
CA GLY A 405 -17.35 -15.06 -12.87
C GLY A 405 -17.27 -13.94 -13.90
N ALA A 406 -17.39 -14.33 -15.19
CA ALA A 406 -17.27 -13.39 -16.27
C ALA A 406 -18.60 -12.70 -16.54
N PHE A 407 -19.75 -13.35 -16.29
CA PHE A 407 -21.02 -12.85 -16.87
C PHE A 407 -22.17 -12.57 -15.91
N GLU A 408 -22.09 -12.94 -14.60
CA GLU A 408 -23.18 -12.71 -13.68
C GLU A 408 -22.95 -11.37 -13.02
N HIS A 409 -23.47 -10.34 -13.68
CA HIS A 409 -23.09 -8.97 -13.37
C HIS A 409 -23.98 -8.25 -12.34
N HIS A 410 -25.11 -8.84 -11.90
CA HIS A 410 -26.01 -8.16 -10.99
C HIS A 410 -25.35 -7.83 -9.65
N VAL A 411 -24.28 -8.56 -9.24
CA VAL A 411 -23.53 -8.25 -8.01
C VAL A 411 -23.24 -6.75 -7.81
N THR A 412 -22.92 -6.04 -8.90
CA THR A 412 -22.59 -4.64 -8.83
C THR A 412 -23.81 -3.87 -8.31
N GLY A 413 -25.00 -4.24 -8.78
CA GLY A 413 -26.19 -3.49 -8.40
C GLY A 413 -26.57 -3.93 -6.98
N ASP A 414 -26.21 -5.18 -6.59
CA ASP A 414 -26.53 -5.67 -5.27
C ASP A 414 -25.71 -4.93 -4.21
N VAL A 415 -24.50 -4.54 -4.57
CA VAL A 415 -23.66 -3.78 -3.67
C VAL A 415 -24.20 -2.38 -3.49
N ALA A 416 -24.71 -1.82 -4.60
CA ALA A 416 -25.24 -0.47 -4.53
C ALA A 416 -26.47 -0.46 -3.66
N ILE A 417 -27.39 -1.41 -3.89
CA ILE A 417 -28.60 -1.53 -3.10
C ILE A 417 -28.26 -1.52 -1.60
N ALA A 418 -27.39 -2.46 -1.16
CA ALA A 418 -27.03 -2.53 0.25
C ALA A 418 -26.46 -1.19 0.76
N ALA A 419 -25.54 -0.58 0.00
CA ALA A 419 -25.01 0.73 0.40
C ALA A 419 -26.12 1.77 0.61
N TRP A 420 -27.10 1.83 -0.26
CA TRP A 420 -28.20 2.80 -0.08
C TRP A 420 -29.06 2.45 1.14
N GLN A 421 -29.35 1.16 1.31
CA GLN A 421 -30.18 0.72 2.44
C GLN A 421 -29.48 1.12 3.74
N TYR A 422 -28.17 0.94 3.78
CA TYR A 422 -27.40 1.30 4.99
C TYR A 422 -27.72 2.73 5.38
N TYR A 423 -27.75 3.60 4.38
CA TYR A 423 -28.07 4.99 4.63
C TYR A 423 -29.51 5.15 5.04
N LEU A 424 -30.44 4.45 4.30
CA LEU A 424 -31.84 4.60 4.64
C LEU A 424 -32.07 4.29 6.13
N VAL A 425 -31.49 3.18 6.63
CA VAL A 425 -31.74 2.73 7.98
C VAL A 425 -31.00 3.56 9.01
N THR A 426 -29.79 4.05 8.71
CA THR A 426 -29.04 4.71 9.76
C THR A 426 -29.25 6.24 9.76
N GLY A 427 -29.49 6.77 8.56
CA GLY A 427 -29.47 8.21 8.30
C GLY A 427 -28.10 8.86 8.39
N ASP A 428 -27.02 8.09 8.32
CA ASP A 428 -25.70 8.66 8.54
C ASP A 428 -25.23 9.34 7.26
N LYS A 429 -25.49 10.64 7.14
CA LYS A 429 -25.08 11.36 5.95
C LYS A 429 -23.54 11.51 5.85
N GLU A 430 -22.80 11.47 6.99
CA GLU A 430 -21.34 11.52 6.98
C GLU A 430 -20.78 10.25 6.33
N TRP A 431 -21.35 9.10 6.68
CA TRP A 431 -21.02 7.89 5.98
C TRP A 431 -21.44 7.96 4.50
N LEU A 432 -22.58 8.59 4.20
CA LEU A 432 -23.01 8.63 2.79
C LEU A 432 -21.93 9.34 1.96
N LYS A 433 -21.44 10.48 2.51
CA LYS A 433 -20.49 11.29 1.78
C LYS A 433 -19.21 10.50 1.59
N GLU A 434 -18.75 9.88 2.67
CA GLU A 434 -17.40 9.33 2.71
CA GLU A 434 -17.40 9.38 2.66
C GLU A 434 -17.37 7.99 1.98
N LYS A 435 -18.46 7.21 2.07
CA LYS A 435 -18.37 5.80 1.66
C LYS A 435 -19.49 5.31 0.72
N GLY A 436 -20.74 5.63 1.10
CA GLY A 436 -21.89 5.35 0.26
C GLY A 436 -21.79 5.93 -1.17
N TRP A 437 -21.57 7.24 -1.27
CA TRP A 437 -21.55 7.87 -2.56
C TRP A 437 -20.41 7.37 -3.41
N PRO A 438 -19.15 7.25 -2.94
CA PRO A 438 -18.12 6.59 -3.77
C PRO A 438 -18.63 5.29 -4.40
N ILE A 439 -19.23 4.39 -3.59
CA ILE A 439 -19.79 3.18 -4.13
C ILE A 439 -20.92 3.45 -5.12
N LEU A 440 -21.89 4.31 -4.77
CA LEU A 440 -23.05 4.48 -5.63
C LEU A 440 -22.68 5.15 -6.94
N LYS A 441 -21.82 6.14 -6.87
CA LYS A 441 -21.39 6.83 -8.05
C LYS A 441 -20.62 5.90 -9.00
N ALA A 442 -19.65 5.17 -8.48
CA ALA A 442 -18.90 4.30 -9.38
C ALA A 442 -19.73 3.17 -9.97
N THR A 443 -20.58 2.54 -9.17
CA THR A 443 -21.45 1.50 -9.65
C THR A 443 -22.53 1.99 -10.61
N ALA A 444 -23.02 3.25 -10.50
CA ALA A 444 -23.91 3.71 -11.49
C ALA A 444 -23.19 4.02 -12.80
N GLU A 445 -21.97 4.56 -12.71
CA GLU A 445 -21.10 4.75 -13.87
C GLU A 445 -20.86 3.44 -14.60
N PHE A 446 -20.68 2.36 -13.87
CA PHE A 446 -20.66 1.04 -14.51
C PHE A 446 -21.91 0.77 -15.35
N TRP A 447 -23.11 0.88 -14.72
CA TRP A 447 -24.33 0.51 -15.42
C TRP A 447 -24.53 1.45 -16.61
N ALA A 448 -24.21 2.72 -16.43
CA ALA A 448 -24.36 3.64 -17.55
C ALA A 448 -23.55 3.23 -18.78
N SER A 449 -22.45 2.49 -18.54
CA SER A 449 -21.54 2.05 -19.59
C SER A 449 -21.89 0.63 -20.05
N ARG A 450 -22.71 -0.09 -19.24
CA ARG A 450 -23.00 -1.52 -19.46
C ARG A 450 -24.28 -1.71 -20.30
N VAL A 451 -25.20 -0.71 -20.29
CA VAL A 451 -26.40 -0.79 -21.07
C VAL A 451 -26.07 -0.49 -22.53
N GLU A 452 -27.00 -0.90 -23.40
CA GLU A 452 -26.99 -0.59 -24.83
C GLU A 452 -28.37 -0.09 -25.24
N LYS A 453 -28.41 1.10 -25.81
CA LYS A 453 -29.64 1.69 -26.30
C LYS A 453 -30.03 1.03 -27.63
N ASN A 454 -31.32 0.74 -27.80
CA ASN A 454 -31.78 0.20 -29.08
C ASN A 454 -32.50 1.28 -29.87
N ASP A 455 -32.95 0.90 -31.08
CA ASP A 455 -33.70 1.74 -32.02
C ASP A 455 -34.99 2.36 -31.47
N LYS A 456 -35.58 1.72 -30.47
CA LYS A 456 -36.83 2.19 -29.88
C LYS A 456 -36.60 3.10 -28.67
N GLY A 457 -35.31 3.42 -28.39
CA GLY A 457 -34.93 4.24 -27.25
C GLY A 457 -34.95 3.50 -25.91
N GLU A 458 -34.99 2.13 -25.91
CA GLU A 458 -34.97 1.39 -24.67
C GLU A 458 -33.53 0.99 -24.43
N TYR A 459 -33.19 0.68 -23.18
CA TYR A 459 -31.84 0.27 -22.84
C TYR A 459 -31.88 -1.22 -22.47
N GLU A 460 -30.96 -1.92 -23.07
CA GLU A 460 -30.81 -3.36 -22.83
C GLU A 460 -29.50 -3.67 -22.10
N ILE A 461 -29.48 -4.83 -21.42
CA ILE A 461 -28.30 -5.37 -20.82
C ILE A 461 -28.19 -6.81 -21.33
N LYS A 462 -27.27 -6.98 -22.29
CA LYS A 462 -27.16 -8.19 -23.07
C LYS A 462 -26.01 -9.06 -22.57
N ASN A 463 -26.24 -10.38 -22.70
CA ASN A 463 -25.24 -11.44 -22.50
C ASN A 463 -24.75 -11.46 -21.05
N VAL A 464 -25.60 -12.00 -20.16
CA VAL A 464 -25.29 -12.17 -18.76
C VAL A 464 -25.59 -13.62 -18.42
N VAL A 465 -25.19 -13.98 -17.22
CA VAL A 465 -25.75 -15.13 -16.50
C VAL A 465 -26.78 -14.52 -15.51
N ALA A 466 -27.96 -15.11 -15.45
CA ALA A 466 -29.09 -14.65 -14.67
C ALA A 466 -28.85 -14.98 -13.20
N ALA A 467 -29.57 -14.34 -12.29
CA ALA A 467 -29.62 -14.80 -10.91
C ALA A 467 -30.03 -16.27 -10.89
N ASP A 468 -31.04 -16.61 -11.74
CA ASP A 468 -31.23 -17.98 -12.11
C ASP A 468 -30.02 -18.42 -12.93
N GLU A 469 -29.03 -19.05 -12.29
CA GLU A 469 -27.76 -19.26 -12.94
C GLU A 469 -27.83 -20.36 -14.01
N TRP A 470 -28.98 -21.08 -14.12
CA TRP A 470 -29.14 -22.03 -15.21
C TRP A 470 -29.30 -21.35 -16.55
N ALA A 471 -29.77 -20.10 -16.54
CA ALA A 471 -29.84 -19.26 -17.72
C ALA A 471 -28.53 -18.49 -17.96
N GLU A 472 -27.75 -19.00 -18.93
CA GLU A 472 -26.39 -18.50 -19.16
C GLU A 472 -26.32 -17.84 -20.53
N ASN A 473 -25.72 -16.63 -20.58
CA ASN A 473 -25.42 -15.89 -21.80
C ASN A 473 -26.74 -15.56 -22.51
N ILE A 474 -27.65 -14.90 -21.75
CA ILE A 474 -28.99 -14.56 -22.22
C ILE A 474 -29.09 -13.04 -22.04
N ASP A 475 -30.13 -12.46 -22.61
CA ASP A 475 -30.33 -11.03 -22.59
C ASP A 475 -31.44 -10.57 -21.67
N ASN A 476 -31.23 -9.37 -21.09
CA ASN A 476 -32.30 -8.63 -20.38
C ASN A 476 -32.92 -9.49 -19.28
N ASN A 477 -32.05 -10.17 -18.50
CA ASN A 477 -32.46 -10.82 -17.28
C ASN A 477 -33.24 -9.84 -16.40
N ALA A 478 -34.40 -10.29 -15.96
CA ALA A 478 -35.23 -9.49 -15.07
C ALA A 478 -34.50 -8.98 -13.84
N TYR A 479 -33.91 -9.87 -13.04
CA TYR A 479 -33.33 -9.47 -11.76
C TYR A 479 -32.15 -8.52 -12.08
N THR A 480 -31.26 -8.85 -13.05
CA THR A 480 -30.08 -8.04 -13.29
C THR A 480 -30.60 -6.62 -13.69
N ASN A 481 -31.54 -6.62 -14.61
CA ASN A 481 -32.07 -5.34 -15.12
C ASN A 481 -32.62 -4.53 -13.95
N GLY A 482 -33.36 -5.20 -13.05
CA GLY A 482 -33.93 -4.47 -11.92
C GLY A 482 -32.82 -3.88 -11.02
N THR A 483 -31.76 -4.64 -10.74
CA THR A 483 -30.66 -4.13 -9.89
C THR A 483 -29.94 -2.96 -10.57
N ALA A 484 -29.94 -2.91 -11.91
CA ALA A 484 -29.36 -1.75 -12.58
C ALA A 484 -30.25 -0.51 -12.42
N ILE A 485 -31.56 -0.71 -12.55
CA ILE A 485 -32.49 0.42 -12.38
C ILE A 485 -32.28 1.01 -10.98
N ARG A 486 -32.28 0.12 -10.00
CA ARG A 486 -32.22 0.54 -8.61
C ARG A 486 -30.88 1.22 -8.39
N ASN A 487 -29.78 0.64 -8.89
CA ASN A 487 -28.48 1.25 -8.73
C ASN A 487 -28.49 2.69 -9.25
N LEU A 488 -29.01 2.88 -10.43
CA LEU A 488 -29.00 4.19 -11.07
C LEU A 488 -29.90 5.15 -10.28
N GLN A 489 -31.11 4.67 -9.88
CA GLN A 489 -32.02 5.55 -9.15
C GLN A 489 -31.39 6.02 -7.84
N TYR A 490 -30.87 5.05 -7.09
CA TYR A 490 -30.35 5.35 -5.74
C TYR A 490 -29.10 6.22 -5.83
N ALA A 491 -28.20 6.02 -6.85
CA ALA A 491 -27.09 6.95 -7.03
C ALA A 491 -27.64 8.38 -7.24
N SER A 492 -28.68 8.51 -8.04
CA SER A 492 -29.17 9.84 -8.31
C SER A 492 -29.72 10.44 -7.03
N LYS A 493 -30.43 9.64 -6.25
CA LYS A 493 -31.03 10.17 -5.06
C LYS A 493 -29.92 10.56 -4.11
N CYS A 494 -28.87 9.74 -4.02
CA CYS A 494 -27.76 10.06 -3.14
C CYS A 494 -27.11 11.41 -3.49
N ALA A 495 -26.93 11.63 -4.77
CA ALA A 495 -26.44 12.89 -5.24
C ALA A 495 -27.32 14.07 -4.76
N THR A 496 -28.66 13.89 -4.80
CA THR A 496 -29.59 14.92 -4.37
C THR A 496 -29.33 15.19 -2.88
N VAL A 497 -29.25 14.13 -2.08
CA VAL A 497 -29.10 14.29 -0.66
C VAL A 497 -27.84 15.10 -0.40
N LEU A 498 -26.75 14.80 -1.13
CA LEU A 498 -25.44 15.33 -0.78
C LEU A 498 -25.19 16.68 -1.44
N GLY A 499 -26.10 17.14 -2.32
CA GLY A 499 -25.89 18.42 -2.99
C GLY A 499 -24.88 18.35 -4.14
N VAL A 500 -24.65 17.16 -4.74
CA VAL A 500 -23.67 17.06 -5.83
C VAL A 500 -24.43 16.79 -7.13
N ILE A 501 -23.85 17.08 -8.30
CA ILE A 501 -24.57 16.96 -9.56
C ILE A 501 -24.35 15.58 -10.15
N ALA A 502 -25.43 14.85 -10.36
CA ALA A 502 -25.34 13.54 -10.97
C ALA A 502 -25.67 13.70 -12.44
N PRO A 503 -25.13 12.85 -13.30
CA PRO A 503 -25.57 12.76 -14.70
C PRO A 503 -27.08 12.55 -14.85
N LYS A 504 -27.76 13.46 -15.55
CA LYS A 504 -29.17 13.21 -15.78
C LYS A 504 -29.42 11.92 -16.58
N GLU A 505 -28.41 11.44 -17.30
CA GLU A 505 -28.49 10.19 -18.05
C GLU A 505 -28.83 9.02 -17.12
N TRP A 506 -28.44 9.06 -15.85
CA TRP A 506 -28.72 7.94 -14.96
C TRP A 506 -30.21 7.68 -14.83
N THR A 507 -31.00 8.75 -14.79
CA THR A 507 -32.42 8.65 -14.57
C THR A 507 -33.06 8.25 -15.89
N LEU A 508 -32.56 8.82 -16.99
CA LEU A 508 -33.13 8.53 -18.31
C LEU A 508 -33.00 7.05 -18.66
N ILE A 509 -31.84 6.51 -18.28
CA ILE A 509 -31.48 5.12 -18.51
C ILE A 509 -32.28 4.21 -17.57
N ALA A 510 -32.34 4.53 -16.27
CA ALA A 510 -33.17 3.76 -15.38
C ALA A 510 -34.60 3.64 -15.86
N ASP A 511 -35.21 4.76 -16.31
CA ASP A 511 -36.61 4.74 -16.67
C ASP A 511 -36.92 3.99 -17.95
N LYS A 512 -35.87 3.49 -18.68
CA LYS A 512 -36.09 2.88 -20.00
C LYS A 512 -35.38 1.52 -20.05
N ILE A 513 -34.80 1.09 -18.95
CA ILE A 513 -34.27 -0.27 -18.98
C ILE A 513 -35.43 -1.27 -19.16
N LEU A 514 -35.26 -2.26 -20.05
CA LEU A 514 -36.33 -3.22 -20.36
C LEU A 514 -36.61 -4.18 -19.20
N ILE A 515 -37.90 -4.27 -18.86
CA ILE A 515 -38.39 -5.40 -18.08
C ILE A 515 -39.68 -5.82 -18.79
N SER A 516 -39.72 -7.06 -19.32
CA SER A 516 -40.76 -7.49 -20.25
C SER A 516 -41.71 -8.51 -19.61
N LYS A 517 -42.91 -8.56 -20.18
CA LYS A 517 -43.99 -9.47 -19.79
C LYS A 517 -44.23 -10.47 -20.91
N MET A 518 -44.51 -11.71 -20.52
CA MET A 518 -45.07 -12.71 -21.42
C MET A 518 -46.55 -12.44 -21.70
N SER A 519 -47.11 -13.22 -22.64
CA SER A 519 -48.44 -12.92 -23.12
C SER A 519 -49.45 -13.06 -21.96
N ASN A 520 -49.19 -13.95 -21.03
CA ASN A 520 -50.06 -14.11 -19.85
C ASN A 520 -49.84 -13.01 -18.77
N GLY A 521 -49.00 -12.00 -19.02
CA GLY A 521 -48.81 -10.88 -18.11
C GLY A 521 -47.77 -11.12 -17.02
N VAL A 522 -47.12 -12.27 -17.06
CA VAL A 522 -46.13 -12.65 -16.10
C VAL A 522 -44.79 -12.08 -16.52
N THR A 523 -44.06 -11.57 -15.53
CA THR A 523 -42.72 -11.05 -15.76
C THR A 523 -41.81 -12.11 -16.42
N ARG A 524 -41.20 -11.76 -17.58
CA ARG A 524 -40.32 -12.69 -18.29
C ARG A 524 -38.92 -12.69 -17.70
N GLU A 525 -38.34 -13.88 -17.37
CA GLU A 525 -37.08 -13.93 -16.67
C GLU A 525 -35.96 -13.35 -17.56
N HIS A 526 -36.01 -13.65 -18.87
CA HIS A 526 -34.98 -13.17 -19.79
C HIS A 526 -35.55 -13.34 -21.19
N ASP A 527 -34.84 -12.81 -22.21
CA ASP A 527 -35.40 -12.70 -23.55
C ASP A 527 -35.68 -14.05 -24.25
N SER A 528 -35.01 -15.07 -23.80
CA SER A 528 -35.10 -16.44 -24.29
C SER A 528 -36.01 -17.30 -23.40
N TYR A 529 -36.69 -16.70 -22.41
CA TYR A 529 -37.41 -17.46 -21.41
C TYR A 529 -38.86 -17.73 -21.84
N THR A 530 -39.29 -18.99 -21.68
CA THR A 530 -40.68 -19.41 -21.91
C THR A 530 -41.20 -20.14 -20.66
N ASP A 531 -40.68 -21.36 -20.40
CA ASP A 531 -41.18 -22.17 -19.29
C ASP A 531 -40.10 -23.06 -18.72
N GLN A 532 -38.80 -22.66 -18.88
CA GLN A 532 -37.69 -23.48 -18.39
C GLN A 532 -37.79 -23.58 -16.87
N ASN A 533 -37.35 -24.72 -16.31
CA ASN A 533 -37.04 -24.76 -14.89
C ASN A 533 -35.92 -23.77 -14.60
N ILE A 534 -35.97 -23.22 -13.38
CA ILE A 534 -35.01 -22.23 -12.93
C ILE A 534 -34.35 -22.69 -11.63
N LYS A 535 -33.13 -22.16 -11.41
CA LYS A 535 -32.33 -22.62 -10.30
C LYS A 535 -32.88 -22.04 -9.00
N GLN A 536 -33.38 -20.79 -9.03
CA GLN A 536 -33.67 -20.05 -7.85
C GLN A 536 -34.39 -18.78 -8.32
N ALA A 537 -34.98 -18.11 -7.32
CA ALA A 537 -35.82 -16.95 -7.59
C ALA A 537 -35.06 -15.89 -8.36
N ASP A 538 -35.80 -15.22 -9.25
CA ASP A 538 -35.19 -14.25 -10.14
C ASP A 538 -36.28 -13.22 -10.42
N ALA A 539 -37.28 -13.53 -11.29
CA ALA A 539 -38.34 -12.54 -11.57
C ALA A 539 -39.04 -12.13 -10.27
N ASN A 540 -39.21 -13.07 -9.34
CA ASN A 540 -39.89 -12.82 -8.09
C ASN A 540 -39.14 -11.81 -7.20
N LEU A 541 -37.83 -11.71 -7.38
CA LEU A 541 -37.00 -10.81 -6.58
C LEU A 541 -37.36 -9.34 -6.95
N LEU A 542 -38.01 -9.11 -8.11
CA LEU A 542 -38.48 -7.74 -8.47
C LEU A 542 -39.53 -7.27 -7.50
N ALA A 543 -40.28 -8.23 -6.90
CA ALA A 543 -41.28 -7.87 -5.92
C ALA A 543 -40.60 -7.62 -4.58
N TYR A 544 -39.82 -8.60 -4.12
CA TYR A 544 -38.94 -8.42 -2.97
C TYR A 544 -37.61 -9.07 -3.24
N PRO A 545 -36.43 -8.45 -3.00
CA PRO A 545 -36.33 -7.15 -2.31
C PRO A 545 -36.48 -5.87 -3.12
N LEU A 546 -36.51 -5.93 -4.44
CA LEU A 546 -36.38 -4.68 -5.18
C LEU A 546 -37.57 -3.75 -5.05
N LYS A 547 -38.81 -4.28 -4.89
CA LYS A 547 -40.00 -3.48 -4.80
C LYS A 547 -40.24 -2.72 -6.10
N LEU A 548 -39.72 -3.21 -7.24
CA LEU A 548 -40.14 -2.63 -8.51
C LEU A 548 -41.55 -3.11 -8.87
N ILE A 549 -41.93 -4.32 -8.44
CA ILE A 549 -43.30 -4.77 -8.65
C ILE A 549 -44.03 -4.69 -7.30
N THR A 550 -45.00 -3.77 -7.18
CA THR A 550 -45.79 -3.58 -5.95
C THR A 550 -47.24 -3.98 -6.10
N ASP A 551 -47.74 -3.92 -7.35
CA ASP A 551 -49.09 -4.32 -7.64
C ASP A 551 -49.32 -5.78 -7.21
N LYS A 552 -50.28 -5.98 -6.32
CA LYS A 552 -50.47 -7.27 -5.70
C LYS A 552 -50.87 -8.37 -6.72
N GLU A 553 -51.73 -8.08 -7.69
CA GLU A 553 -52.11 -9.06 -8.69
C GLU A 553 -50.90 -9.48 -9.55
N GLN A 554 -49.95 -8.58 -9.78
CA GLN A 554 -48.73 -8.91 -10.53
C GLN A 554 -47.88 -9.80 -9.67
N ILE A 555 -47.68 -9.43 -8.37
CA ILE A 555 -46.85 -10.24 -7.49
C ILE A 555 -47.39 -11.67 -7.56
N GLU A 556 -48.71 -11.78 -7.41
CA GLU A 556 -49.39 -13.07 -7.33
C GLU A 556 -49.26 -13.86 -8.64
N ARG A 557 -49.44 -13.21 -9.80
CA ARG A 557 -49.31 -13.94 -11.07
C ARG A 557 -47.89 -14.41 -11.29
N ASP A 558 -46.86 -13.63 -10.83
CA ASP A 558 -45.48 -14.02 -10.97
C ASP A 558 -45.22 -15.20 -10.04
N LEU A 559 -45.78 -15.18 -8.83
CA LEU A 559 -45.64 -16.31 -7.94
C LEU A 559 -46.28 -17.57 -8.54
N LYS A 560 -47.51 -17.49 -9.02
CA LYS A 560 -48.18 -18.66 -9.57
C LYS A 560 -47.42 -19.25 -10.76
N TYR A 561 -46.79 -18.42 -11.59
CA TYR A 561 -46.06 -18.97 -12.72
C TYR A 561 -44.75 -19.62 -12.30
N TYR A 562 -43.98 -18.97 -11.42
CA TYR A 562 -42.61 -19.40 -11.20
C TYR A 562 -42.47 -20.37 -10.02
N GLN A 563 -43.44 -20.45 -9.10
CA GLN A 563 -43.14 -21.12 -7.84
C GLN A 563 -42.87 -22.62 -8.09
N THR A 564 -43.51 -23.25 -9.11
CA THR A 564 -43.28 -24.67 -9.42
C THR A 564 -42.07 -24.88 -10.37
N LYS A 565 -41.40 -23.83 -10.85
CA LYS A 565 -40.30 -23.93 -11.77
C LYS A 565 -38.99 -24.30 -11.08
N ILE A 566 -38.90 -24.25 -9.74
CA ILE A 566 -37.70 -24.62 -9.03
C ILE A 566 -37.77 -26.11 -8.70
N PRO A 567 -36.90 -26.95 -9.27
CA PRO A 567 -36.89 -28.36 -8.88
C PRO A 567 -36.53 -28.62 -7.43
N GLN A 568 -36.90 -29.82 -6.97
CA GLN A 568 -36.56 -30.22 -5.63
C GLN A 568 -35.04 -30.42 -5.46
N SER A 569 -34.35 -30.96 -6.47
CA SER A 569 -32.95 -31.28 -6.32
C SER A 569 -32.00 -30.21 -6.81
N ASP A 570 -30.90 -30.02 -6.07
CA ASP A 570 -29.76 -29.26 -6.57
C ASP A 570 -30.15 -27.79 -6.76
N THR A 571 -31.10 -27.31 -5.95
CA THR A 571 -31.52 -25.93 -5.97
C THR A 571 -31.26 -25.30 -4.59
N PRO A 572 -30.49 -24.17 -4.53
CA PRO A 572 -30.01 -23.66 -3.25
C PRO A 572 -31.10 -22.86 -2.53
N ALA A 573 -30.87 -22.60 -1.22
CA ALA A 573 -31.82 -22.00 -0.31
C ALA A 573 -31.79 -20.49 -0.49
N MET A 574 -32.24 -20.09 -1.68
CA MET A 574 -32.32 -18.70 -2.10
C MET A 574 -33.61 -18.45 -2.90
N THR A 575 -34.76 -18.95 -2.41
CA THR A 575 -35.96 -18.99 -3.22
C THR A 575 -37.13 -18.99 -2.25
N GLN A 576 -37.31 -20.09 -1.51
CA GLN A 576 -38.61 -20.25 -0.83
C GLN A 576 -38.83 -19.22 0.30
N ALA A 577 -37.73 -18.71 0.92
CA ALA A 577 -37.87 -17.71 1.96
C ALA A 577 -38.55 -16.47 1.35
N ILE A 578 -38.24 -16.18 0.08
CA ILE A 578 -38.79 -15.01 -0.63
C ILE A 578 -40.26 -15.30 -0.95
N PHE A 579 -40.58 -16.51 -1.39
CA PHE A 579 -41.96 -16.88 -1.60
C PHE A 579 -42.77 -16.69 -0.30
N SER A 580 -42.19 -17.11 0.84
CA SER A 580 -42.83 -16.96 2.15
C SER A 580 -43.17 -15.48 2.42
N LEU A 581 -42.13 -14.67 2.34
CA LEU A 581 -42.23 -13.26 2.64
C LEU A 581 -43.31 -12.62 1.77
N LEU A 582 -43.28 -12.90 0.46
CA LEU A 582 -44.28 -12.35 -0.45
C LEU A 582 -45.70 -12.81 -0.11
N TYR A 583 -45.88 -14.10 0.23
CA TYR A 583 -47.19 -14.56 0.63
C TYR A 583 -47.60 -13.93 1.95
N SER A 584 -46.66 -13.68 2.89
CA SER A 584 -47.00 -12.96 4.11
C SER A 584 -47.47 -11.54 3.76
N ARG A 585 -46.79 -10.84 2.85
CA ARG A 585 -47.25 -9.50 2.44
C ARG A 585 -48.63 -9.53 1.72
N LEU A 586 -49.00 -10.64 1.09
CA LEU A 586 -50.29 -10.81 0.48
C LEU A 586 -51.31 -11.34 1.49
N GLU A 587 -50.90 -11.50 2.75
CA GLU A 587 -51.79 -11.90 3.84
C GLU A 587 -52.32 -13.32 3.63
N ASP A 588 -51.47 -14.22 3.14
CA ASP A 588 -51.85 -15.61 2.93
C ASP A 588 -51.04 -16.46 3.91
N SER A 589 -51.66 -16.75 5.08
CA SER A 589 -50.94 -17.40 6.16
C SER A 589 -50.47 -18.83 5.81
N ASP A 590 -51.36 -19.69 5.25
CA ASP A 590 -51.03 -21.08 4.91
C ASP A 590 -49.86 -21.16 3.91
N GLN A 591 -49.89 -20.35 2.86
CA GLN A 591 -48.84 -20.40 1.84
C GLN A 591 -47.52 -19.86 2.42
N ALA A 592 -47.60 -18.73 3.18
CA ALA A 592 -46.43 -18.13 3.82
C ALA A 592 -45.72 -19.14 4.71
N TYR A 593 -46.52 -19.84 5.51
CA TYR A 593 -45.99 -20.83 6.43
C TYR A 593 -45.50 -22.04 5.66
N HIS A 594 -46.18 -22.46 4.59
CA HIS A 594 -45.72 -23.60 3.80
C HIS A 594 -44.33 -23.32 3.25
N TRP A 595 -44.12 -22.12 2.71
CA TRP A 595 -42.84 -21.79 2.09
C TRP A 595 -41.74 -21.59 3.15
N PHE A 596 -42.11 -21.02 4.30
CA PHE A 596 -41.18 -20.86 5.42
C PHE A 596 -40.51 -22.20 5.82
N LYS A 597 -41.32 -23.21 6.05
CA LYS A 597 -40.79 -24.53 6.38
C LYS A 597 -40.00 -25.15 5.24
N ASP A 598 -40.50 -25.00 4.02
CA ASP A 598 -39.86 -25.58 2.86
C ASP A 598 -38.51 -24.92 2.58
N ALA A 599 -38.33 -23.67 3.01
CA ALA A 599 -37.06 -22.97 2.79
C ALA A 599 -35.83 -23.63 3.45
N TYR A 600 -36.04 -24.25 4.62
CA TYR A 600 -34.92 -24.77 5.39
C TYR A 600 -35.11 -26.20 5.93
N GLN A 601 -36.33 -26.63 6.30
CA GLN A 601 -36.44 -27.90 6.97
C GLN A 601 -35.96 -29.08 6.11
N PRO A 602 -36.18 -29.12 4.78
CA PRO A 602 -35.71 -30.26 3.98
C PRO A 602 -34.18 -30.24 3.79
N ASN A 603 -33.51 -29.19 4.31
CA ASN A 603 -32.06 -28.96 4.10
C ASN A 603 -31.23 -29.31 5.37
N LEU A 604 -31.87 -29.81 6.43
CA LEU A 604 -31.24 -29.90 7.73
C LEU A 604 -30.33 -31.13 7.79
N ASN A 605 -29.26 -31.04 8.59
CA ASN A 605 -28.43 -32.20 8.91
C ASN A 605 -28.39 -32.42 10.42
N PRO A 606 -28.30 -33.68 10.92
CA PRO A 606 -28.27 -34.02 12.34
C PRO A 606 -26.82 -33.95 12.85
N PRO A 607 -26.60 -33.87 14.16
CA PRO A 607 -27.72 -33.85 15.11
C PRO A 607 -28.18 -32.47 15.60
N PHE A 608 -27.72 -31.39 14.96
CA PHE A 608 -27.89 -30.03 15.47
C PHE A 608 -28.81 -29.20 14.60
N ARG A 609 -29.42 -29.81 13.57
CA ARG A 609 -30.26 -29.09 12.64
C ARG A 609 -29.50 -27.95 11.97
N VAL A 610 -28.25 -28.19 11.57
CA VAL A 610 -27.53 -27.24 10.73
C VAL A 610 -28.14 -27.28 9.32
N ILE A 611 -27.98 -26.18 8.56
CA ILE A 611 -28.58 -26.02 7.26
C ILE A 611 -27.58 -26.29 6.13
N SER A 612 -27.93 -27.21 5.20
CA SER A 612 -27.19 -27.37 3.94
C SER A 612 -27.72 -26.41 2.88
N GLU A 613 -26.94 -26.26 1.78
CA GLU A 613 -27.29 -25.34 0.71
C GLU A 613 -28.59 -25.73 -0.01
N CYS A 614 -28.72 -27.00 -0.28
CA CYS A 614 -29.82 -27.59 -1.04
C CYS A 614 -30.63 -28.63 -0.26
N LYS A 615 -31.87 -28.98 -0.72
CA LYS A 615 -32.62 -30.03 -0.10
C LYS A 615 -31.85 -31.36 -0.15
N GLY A 616 -31.76 -31.96 1.02
CA GLY A 616 -31.09 -33.26 1.24
C GLY A 616 -29.57 -33.16 1.04
N GLY A 617 -29.08 -31.94 0.99
CA GLY A 617 -27.65 -31.72 0.87
C GLY A 617 -26.86 -32.08 2.12
N THR A 618 -25.52 -31.95 1.96
CA THR A 618 -24.62 -32.40 3.00
C THR A 618 -23.43 -31.46 3.13
N ASN A 619 -23.62 -30.14 2.92
CA ASN A 619 -22.53 -29.20 3.00
C ASN A 619 -22.88 -28.03 3.92
N PRO A 620 -23.28 -28.23 5.17
CA PRO A 620 -23.61 -27.13 6.06
C PRO A 620 -22.35 -26.33 6.47
N TYR A 621 -22.49 -25.07 6.93
CA TYR A 621 -23.73 -24.37 7.29
C TYR A 621 -23.94 -23.24 6.30
N PHE A 622 -25.02 -23.29 5.53
CA PHE A 622 -25.35 -22.30 4.52
C PHE A 622 -26.05 -21.09 5.13
N SER A 623 -25.23 -20.18 5.64
N SER A 623 -25.23 -20.15 5.62
CA SER A 623 -25.61 -18.97 6.33
CA SER A 623 -25.68 -18.99 6.33
C SER A 623 -26.43 -18.09 5.38
C SER A 623 -26.41 -18.04 5.38
N THR A 624 -26.23 -18.18 4.06
CA THR A 624 -27.07 -17.47 3.11
C THR A 624 -28.56 -17.87 3.28
N GLY A 625 -28.81 -19.17 3.47
CA GLY A 625 -30.17 -19.69 3.53
C GLY A 625 -30.81 -19.22 4.83
N ALA A 626 -30.02 -19.17 5.91
CA ALA A 626 -30.46 -18.58 7.20
C ALA A 626 -30.80 -17.10 7.06
N GLY A 627 -29.96 -16.35 6.37
CA GLY A 627 -30.31 -14.94 6.14
C GLY A 627 -31.66 -14.72 5.44
N GLY A 628 -31.91 -15.56 4.42
CA GLY A 628 -33.16 -15.54 3.70
C GLY A 628 -34.32 -15.86 4.62
N VAL A 629 -34.25 -16.96 5.33
CA VAL A 629 -35.33 -17.28 6.26
C VAL A 629 -35.55 -16.17 7.28
N LEU A 630 -34.49 -15.56 7.81
CA LEU A 630 -34.63 -14.50 8.81
C LEU A 630 -35.40 -13.32 8.21
N GLN A 631 -35.23 -13.08 6.89
CA GLN A 631 -36.06 -12.07 6.22
C GLN A 631 -37.53 -12.55 6.14
N ALA A 632 -37.78 -13.82 5.92
CA ALA A 632 -39.15 -14.31 5.88
C ALA A 632 -39.84 -14.05 7.21
N VAL A 633 -39.08 -14.15 8.30
CA VAL A 633 -39.58 -13.97 9.66
C VAL A 633 -39.73 -12.48 9.98
N ILE A 634 -38.67 -11.69 9.74
CA ILE A 634 -38.69 -10.30 10.15
C ILE A 634 -39.50 -9.41 9.21
N MET A 635 -39.20 -9.51 7.92
CA MET A 635 -39.86 -8.69 6.90
C MET A 635 -41.21 -9.27 6.46
N GLY A 636 -41.33 -10.61 6.52
CA GLY A 636 -42.57 -11.26 6.14
C GLY A 636 -43.55 -11.32 7.31
N PHE A 637 -43.36 -12.32 8.18
CA PHE A 637 -44.28 -12.46 9.30
C PHE A 637 -44.33 -11.22 10.18
N GLY A 638 -43.18 -10.51 10.36
CA GLY A 638 -43.16 -9.29 11.18
C GLY A 638 -43.61 -8.04 10.44
N GLY A 639 -43.65 -8.09 9.11
CA GLY A 639 -44.07 -6.96 8.30
C GLY A 639 -43.05 -5.81 8.21
N LEU A 640 -41.84 -6.02 8.73
CA LEU A 640 -40.87 -4.92 8.77
C LEU A 640 -40.25 -4.64 7.41
N ASP A 641 -40.01 -3.35 7.13
CA ASP A 641 -39.64 -2.94 5.78
C ASP A 641 -38.71 -1.72 5.83
N ILE A 642 -37.70 -1.71 4.94
CA ILE A 642 -36.89 -0.53 4.75
C ILE A 642 -37.71 0.46 3.91
N ASP A 643 -38.02 1.61 4.51
CA ASP A 643 -38.81 2.67 3.89
C ASP A 643 -37.94 3.45 2.90
N ALA A 644 -38.41 3.55 1.65
CA ALA A 644 -37.67 4.23 0.59
C ALA A 644 -37.37 5.68 0.96
N ALA A 645 -38.00 6.18 2.02
CA ALA A 645 -37.82 7.56 2.46
C ALA A 645 -36.87 7.65 3.64
N GLY A 646 -36.53 6.51 4.24
CA GLY A 646 -35.71 6.50 5.43
C GLY A 646 -36.41 5.76 6.56
N GLY A 647 -35.64 4.94 7.29
CA GLY A 647 -36.09 4.30 8.51
C GLY A 647 -36.73 2.94 8.23
N ILE A 648 -37.34 2.37 9.30
CA ILE A 648 -38.03 1.10 9.26
C ILE A 648 -39.52 1.38 9.40
N LYS A 649 -40.35 0.81 8.52
CA LYS A 649 -41.79 0.89 8.66
C LYS A 649 -42.34 -0.52 8.77
N GLN A 650 -43.65 -0.61 9.04
CA GLN A 650 -44.29 -1.91 9.10
C GLN A 650 -45.52 -1.90 8.20
N VAL A 651 -45.60 -2.93 7.35
CA VAL A 651 -46.70 -3.20 6.44
C VAL A 651 -47.49 -4.38 6.97
N LYS A 652 -48.65 -4.62 6.33
CA LYS A 652 -49.57 -5.66 6.74
C LYS A 652 -48.85 -7.01 6.60
N SER A 653 -49.21 -7.95 7.48
CA SER A 653 -48.56 -9.25 7.49
C SER A 653 -49.52 -10.21 8.19
N VAL A 654 -49.17 -11.50 8.17
CA VAL A 654 -49.91 -12.57 8.84
C VAL A 654 -48.87 -13.47 9.51
N LEU A 655 -49.32 -14.14 10.58
CA LEU A 655 -48.48 -15.11 11.28
C LEU A 655 -48.92 -16.51 10.86
N PRO A 656 -48.02 -17.52 11.01
CA PRO A 656 -48.43 -18.91 10.95
C PRO A 656 -49.60 -19.10 11.90
N LYS A 657 -50.57 -19.94 11.53
CA LYS A 657 -51.73 -20.22 12.38
C LYS A 657 -51.37 -20.61 13.79
N ASN A 658 -50.34 -21.45 13.93
CA ASN A 658 -49.92 -22.08 15.17
C ASN A 658 -48.99 -21.14 15.98
N TRP A 659 -48.56 -20.00 15.41
CA TRP A 659 -47.81 -19.02 16.19
C TRP A 659 -48.78 -18.12 16.95
N LYS A 660 -48.63 -18.10 18.26
CA LYS A 660 -49.48 -17.26 19.08
C LYS A 660 -48.96 -15.85 19.15
N LYS A 661 -47.63 -15.69 19.16
CA LYS A 661 -47.04 -14.38 19.30
C LYS A 661 -45.66 -14.41 18.66
N LEU A 662 -45.34 -13.33 17.95
CA LEU A 662 -44.01 -13.11 17.42
C LEU A 662 -43.48 -11.77 17.94
N THR A 663 -42.34 -11.78 18.63
CA THR A 663 -41.79 -10.57 19.25
C THR A 663 -40.41 -10.36 18.65
N ILE A 664 -40.16 -9.14 18.13
CA ILE A 664 -38.90 -8.80 17.49
C ILE A 664 -38.32 -7.59 18.18
N THR A 665 -37.08 -7.74 18.65
CA THR A 665 -36.51 -6.72 19.54
C THR A 665 -35.24 -6.16 18.87
N GLY A 666 -34.93 -4.91 19.23
CA GLY A 666 -33.72 -4.24 18.80
C GLY A 666 -33.71 -3.71 17.36
N ILE A 667 -34.87 -3.32 16.79
CA ILE A 667 -35.00 -2.95 15.39
C ILE A 667 -34.71 -1.46 15.20
N GLY A 668 -33.88 -1.20 14.16
CA GLY A 668 -33.56 0.12 13.69
C GLY A 668 -32.73 0.91 14.70
N ILE A 669 -32.43 2.19 14.40
CA ILE A 669 -31.49 2.93 15.23
C ILE A 669 -32.19 3.32 16.53
N GLU A 670 -33.51 3.30 16.53
CA GLU A 670 -34.21 3.52 17.78
C GLU A 670 -34.50 2.24 18.59
N LYS A 671 -34.02 1.08 18.14
CA LYS A 671 -34.09 -0.14 18.94
C LYS A 671 -35.53 -0.45 19.36
N LYS A 672 -36.42 -0.53 18.35
CA LYS A 672 -37.84 -0.75 18.59
C LYS A 672 -38.12 -2.24 18.76
N THR A 673 -39.15 -2.51 19.58
CA THR A 673 -39.71 -3.82 19.75
C THR A 673 -41.05 -3.88 19.01
N PHE A 674 -41.21 -4.89 18.16
CA PHE A 674 -42.49 -5.20 17.49
C PHE A 674 -43.08 -6.49 18.05
N VAL A 675 -44.38 -6.43 18.33
CA VAL A 675 -45.14 -7.59 18.81
C VAL A 675 -46.27 -7.86 17.84
N LEU A 676 -46.41 -9.12 17.41
CA LEU A 676 -47.50 -9.49 16.53
C LEU A 676 -48.23 -10.67 17.10
N THR A 677 -49.56 -10.62 16.98
CA THR A 677 -50.48 -11.67 17.40
C THR A 677 -51.53 -11.79 16.30
N HIS A 678 -52.39 -12.81 16.44
CA HIS A 678 -53.49 -13.04 15.53
C HIS A 678 -54.57 -11.97 15.84
N HIS B 20 0.49 4.41 -52.81
CA HIS B 20 0.89 4.10 -51.41
C HIS B 20 0.57 5.25 -50.44
N GLN B 21 -0.25 6.21 -50.88
CA GLN B 21 -0.59 7.42 -50.11
C GLN B 21 -2.10 7.51 -49.86
N ASP B 22 -2.72 6.40 -49.51
CA ASP B 22 -4.08 6.40 -49.03
C ASP B 22 -4.10 7.21 -47.72
N PRO B 23 -5.10 8.09 -47.48
CA PRO B 23 -5.03 8.95 -46.29
C PRO B 23 -5.37 8.26 -44.97
N TRP B 24 -5.80 6.98 -45.05
CA TRP B 24 -6.22 6.21 -43.90
C TRP B 24 -5.43 4.90 -43.79
N LYS B 25 -4.68 4.50 -44.82
CA LYS B 25 -4.04 3.18 -44.75
C LYS B 25 -2.57 3.24 -45.16
N LEU B 26 -1.71 2.44 -44.49
CA LEU B 26 -0.30 2.35 -44.87
C LEU B 26 -0.12 0.96 -45.46
N SER B 27 0.52 0.85 -46.62
CA SER B 27 0.53 -0.31 -47.51
C SER B 27 1.98 -0.72 -47.73
N ALA B 28 2.25 -2.02 -47.71
CA ALA B 28 3.52 -2.55 -48.19
C ALA B 28 3.29 -3.75 -49.12
N ASP B 29 3.87 -3.71 -50.33
CA ASP B 29 3.85 -4.89 -51.19
C ASP B 29 5.10 -5.72 -50.93
N LYS B 30 4.94 -7.02 -50.80
CA LYS B 30 6.04 -7.96 -50.71
C LYS B 30 7.11 -7.48 -49.72
N PRO B 31 6.84 -7.50 -48.43
CA PRO B 31 7.84 -7.15 -47.43
C PRO B 31 9.23 -7.71 -47.66
N ASP B 32 10.22 -6.84 -47.53
CA ASP B 32 11.60 -7.21 -47.69
C ASP B 32 12.21 -7.31 -46.30
N SER B 33 12.42 -8.53 -45.80
CA SER B 33 12.91 -8.74 -44.44
C SER B 33 14.32 -8.15 -44.21
N ASN B 34 15.09 -7.92 -45.27
CA ASN B 34 16.40 -7.28 -45.15
C ASN B 34 16.31 -5.77 -44.96
N ASN B 35 15.12 -5.20 -45.17
CA ASN B 35 14.98 -3.76 -45.03
C ASN B 35 13.58 -3.41 -44.53
N TYR B 36 13.25 -3.87 -43.34
CA TYR B 36 11.86 -3.81 -42.91
C TYR B 36 11.78 -3.38 -41.47
N TYR B 37 11.00 -2.34 -41.17
CA TYR B 37 10.69 -1.91 -39.84
C TYR B 37 9.18 -2.03 -39.61
N GLY B 38 8.80 -2.95 -38.75
CA GLY B 38 7.38 -3.22 -38.58
C GLY B 38 6.61 -2.06 -37.92
N GLU B 39 5.31 -2.15 -38.11
CA GLU B 39 4.34 -1.19 -37.60
C GLU B 39 3.59 -1.85 -36.44
N THR B 40 2.98 -0.96 -35.62
CA THR B 40 2.44 -1.36 -34.33
C THR B 40 0.94 -1.16 -34.38
N VAL B 41 0.22 -2.09 -33.78
CA VAL B 41 -1.16 -1.90 -33.36
C VAL B 41 -1.18 -1.96 -31.84
N ALA B 42 -1.92 -1.08 -31.20
CA ALA B 42 -1.91 -0.99 -29.74
C ALA B 42 -3.20 -0.33 -29.25
N ASN B 43 -3.53 -0.59 -27.96
CA ASN B 43 -4.72 -0.07 -27.32
C ASN B 43 -4.34 0.70 -26.04
N GLY B 44 -3.07 1.12 -25.95
CA GLY B 44 -2.47 1.76 -24.79
C GLY B 44 -2.05 0.83 -23.65
N MET B 45 -2.26 -0.47 -23.84
CA MET B 45 -1.85 -1.44 -22.84
C MET B 45 -0.97 -2.51 -23.47
N ILE B 46 -1.36 -3.04 -24.64
CA ILE B 46 -0.61 -4.05 -25.35
C ILE B 46 -0.25 -3.46 -26.71
N GLY B 47 1.02 -3.54 -27.11
CA GLY B 47 1.45 -3.18 -28.46
C GLY B 47 1.93 -4.45 -29.13
N ILE B 48 1.61 -4.59 -30.41
CA ILE B 48 2.02 -5.72 -31.25
C ILE B 48 2.71 -5.15 -32.49
N ILE B 49 3.96 -5.53 -32.69
CA ILE B 49 4.76 -4.98 -33.76
C ILE B 49 4.91 -6.04 -34.84
N SER B 50 4.66 -5.63 -36.08
CA SER B 50 4.54 -6.56 -37.18
C SER B 50 5.89 -7.15 -37.61
N SER B 51 5.74 -8.36 -38.18
CA SER B 51 6.81 -9.13 -38.79
C SER B 51 6.66 -9.10 -40.30
N PRO B 52 7.75 -9.10 -41.07
CA PRO B 52 7.58 -9.34 -42.50
C PRO B 52 7.06 -10.74 -42.87
N GLU B 53 7.18 -11.69 -41.95
CA GLU B 53 6.75 -13.04 -42.21
C GLU B 53 5.23 -13.12 -42.04
N PRO B 54 4.56 -13.91 -42.91
CA PRO B 54 3.11 -14.05 -42.81
C PRO B 54 2.73 -14.79 -41.51
N LEU B 55 1.68 -14.32 -40.90
CA LEU B 55 1.03 -14.92 -39.76
C LEU B 55 1.94 -14.99 -38.53
N LYS B 56 2.93 -14.11 -38.47
CA LYS B 56 3.72 -13.88 -37.28
C LYS B 56 3.69 -12.39 -36.90
N VAL B 57 4.07 -12.17 -35.63
CA VAL B 57 4.40 -10.88 -35.06
C VAL B 57 5.86 -10.88 -34.55
N LYS B 58 6.45 -9.69 -34.60
CA LYS B 58 7.86 -9.57 -34.28
C LYS B 58 8.03 -9.50 -32.76
N GLU B 59 7.23 -8.66 -32.13
CA GLU B 59 7.43 -8.32 -30.73
C GLU B 59 6.06 -7.94 -30.16
N VAL B 60 5.89 -8.21 -28.85
CA VAL B 60 4.71 -7.81 -28.12
C VAL B 60 5.17 -7.19 -26.79
N VAL B 61 4.62 -6.02 -26.48
CA VAL B 61 4.96 -5.29 -25.26
C VAL B 61 3.68 -5.04 -24.45
N LEU B 62 3.82 -5.23 -23.14
CA LEU B 62 2.77 -4.94 -22.17
C LEU B 62 3.13 -3.74 -21.31
N ALA B 63 2.35 -2.67 -21.43
CA ALA B 63 2.56 -1.54 -20.58
C ALA B 63 2.49 -1.90 -19.10
N GLY B 64 3.25 -1.13 -18.31
CA GLY B 64 3.14 -1.14 -16.86
C GLY B 64 3.94 -2.31 -16.26
N THR B 65 4.55 -3.16 -17.10
CA THR B 65 5.33 -4.31 -16.61
C THR B 65 6.84 -4.06 -16.80
N TYR B 66 7.50 -3.78 -15.70
CA TYR B 66 8.92 -3.47 -15.72
C TYR B 66 9.73 -4.45 -14.85
N ASP B 67 10.92 -4.83 -15.36
CA ASP B 67 11.88 -5.57 -14.59
C ASP B 67 13.29 -5.28 -15.13
N ILE B 68 14.31 -5.63 -14.33
CA ILE B 68 15.70 -5.47 -14.75
C ILE B 68 15.92 -6.39 -15.97
N TYR B 69 16.46 -5.81 -17.04
CA TYR B 69 16.64 -6.50 -18.31
C TYR B 69 17.42 -5.58 -19.27
N LYS B 70 18.46 -6.17 -19.75
CA LYS B 70 19.46 -5.61 -20.67
C LYS B 70 19.77 -4.15 -20.39
N ARG B 71 19.46 -3.28 -21.37
CA ARG B 71 20.01 -1.94 -21.39
C ARG B 71 19.90 -1.20 -20.03
N GLY B 72 21.03 -0.63 -19.61
CA GLY B 72 20.98 0.43 -18.62
C GLY B 72 21.03 -0.08 -17.16
N ARG B 73 20.92 -1.39 -16.99
CA ARG B 73 20.94 -1.98 -15.66
C ARG B 73 19.77 -1.56 -14.74
N VAL B 74 18.70 -0.97 -15.33
CA VAL B 74 17.55 -0.44 -14.62
C VAL B 74 16.32 -1.10 -15.22
N SER B 75 15.16 -0.81 -14.64
CA SER B 75 13.95 -1.50 -15.09
C SER B 75 13.72 -1.20 -16.57
N SER B 76 12.93 -2.11 -17.15
CA SER B 76 12.64 -2.07 -18.55
C SER B 76 11.32 -2.79 -18.83
N PHE B 77 10.68 -2.34 -19.90
CA PHE B 77 9.76 -3.21 -20.63
C PHE B 77 10.49 -4.53 -20.99
N ILE B 78 9.65 -5.53 -21.17
CA ILE B 78 10.07 -6.90 -21.32
C ILE B 78 9.42 -7.38 -22.62
N PRO B 79 10.21 -7.93 -23.58
CA PRO B 79 9.57 -8.61 -24.71
C PRO B 79 8.66 -9.74 -24.23
N ASN B 80 7.44 -9.81 -24.75
CA ASN B 80 6.42 -10.69 -24.22
C ASN B 80 6.06 -11.80 -25.25
N TYR B 81 5.13 -12.67 -24.90
CA TYR B 81 4.62 -13.68 -25.80
C TYR B 81 4.18 -13.12 -27.12
N ASN B 82 4.80 -13.66 -28.19
CA ASN B 82 4.32 -13.42 -29.55
C ASN B 82 3.05 -14.24 -29.78
N LEU B 83 1.95 -13.77 -29.17
CA LEU B 83 0.87 -14.69 -28.88
C LEU B 83 0.07 -15.06 -30.13
N LEU B 84 0.17 -14.23 -31.19
CA LEU B 84 -0.54 -14.50 -32.44
C LEU B 84 0.17 -15.46 -33.39
N ASN B 85 1.43 -15.85 -33.09
CA ASN B 85 2.18 -16.65 -34.06
C ASN B 85 1.44 -17.93 -34.43
N MET B 86 1.31 -18.12 -35.76
CA MET B 86 0.53 -19.20 -36.28
C MET B 86 1.32 -19.81 -37.46
N LYS B 87 1.20 -21.11 -37.64
CA LYS B 87 1.74 -21.79 -38.81
C LYS B 87 0.57 -22.39 -39.58
N LEU B 88 0.59 -22.25 -40.89
CA LEU B 88 -0.48 -22.74 -41.73
C LEU B 88 0.15 -23.66 -42.76
N ALA B 89 -0.49 -24.82 -43.00
CA ALA B 89 -0.10 -25.76 -44.02
C ALA B 89 -1.31 -26.11 -44.87
N PHE B 90 -1.06 -26.29 -46.17
CA PHE B 90 -2.08 -26.72 -47.10
C PHE B 90 -1.70 -28.07 -47.70
N ASN B 91 -2.59 -29.06 -47.57
CA ASN B 91 -2.44 -30.36 -48.23
C ASN B 91 -1.03 -30.88 -47.96
N GLY B 92 -0.52 -30.71 -46.75
CA GLY B 92 0.79 -31.24 -46.39
C GLY B 92 1.86 -30.17 -46.21
N GLU B 93 1.67 -29.00 -46.81
CA GLU B 93 2.81 -28.14 -47.11
C GLU B 93 2.68 -26.78 -46.44
N SER B 94 3.78 -26.48 -45.73
CA SER B 94 3.97 -25.36 -44.88
C SER B 94 4.01 -24.09 -45.72
N VAL B 95 3.23 -23.09 -45.29
CA VAL B 95 3.15 -21.80 -45.92
C VAL B 95 4.34 -21.00 -45.43
N GLN B 96 5.16 -20.54 -46.36
CA GLN B 96 6.30 -19.69 -46.03
C GLN B 96 6.37 -18.51 -46.98
N THR B 97 7.21 -17.54 -46.63
CA THR B 97 7.53 -16.42 -47.51
C THR B 97 7.89 -16.95 -48.90
N TYR B 98 8.56 -18.08 -48.97
CA TYR B 98 9.19 -18.47 -50.22
C TYR B 98 8.18 -19.05 -51.22
N ASN B 99 7.01 -19.57 -50.79
CA ASN B 99 6.09 -20.30 -51.67
C ASN B 99 4.73 -19.62 -51.77
N ILE B 100 4.63 -18.36 -51.32
CA ILE B 100 3.41 -17.56 -51.48
C ILE B 100 3.64 -16.49 -52.53
N ASN B 101 2.57 -15.93 -53.04
CA ASN B 101 2.75 -14.87 -54.03
C ASN B 101 1.67 -13.81 -53.80
N ASN B 102 1.93 -12.61 -54.29
CA ASN B 102 1.01 -11.50 -54.19
C ASN B 102 0.86 -11.08 -52.72
N TYR B 103 1.95 -11.18 -51.94
CA TYR B 103 1.82 -10.94 -50.53
C TYR B 103 1.86 -9.43 -50.30
N LYS B 104 0.94 -8.96 -49.47
CA LYS B 104 0.82 -7.56 -49.12
C LYS B 104 0.46 -7.42 -47.63
N GLN B 105 0.84 -6.26 -47.05
CA GLN B 105 0.47 -5.94 -45.68
C GLN B 105 -0.10 -4.52 -45.74
N GLU B 106 -1.04 -4.25 -44.81
CA GLU B 106 -1.68 -2.95 -44.72
CA GLU B 106 -1.80 -3.01 -44.75
C GLU B 106 -2.09 -2.69 -43.28
N LEU B 107 -1.84 -1.43 -42.85
CA LEU B 107 -2.32 -0.93 -41.56
C LEU B 107 -3.48 0.03 -41.84
N ASP B 108 -4.67 -0.32 -41.33
CA ASP B 108 -5.79 0.59 -41.46
C ASP B 108 -5.74 1.43 -40.19
N MET B 109 -5.44 2.72 -40.32
CA MET B 109 -5.32 3.61 -39.20
C MET B 109 -6.70 3.93 -38.63
N ARG B 110 -7.78 3.66 -39.37
CA ARG B 110 -9.11 4.01 -38.88
C ARG B 110 -9.45 3.14 -37.70
N ASN B 111 -8.89 1.90 -37.63
CA ASN B 111 -9.26 1.01 -36.56
C ASN B 111 -8.11 0.12 -36.11
N GLY B 112 -6.86 0.53 -36.39
CA GLY B 112 -5.73 -0.22 -35.88
C GLY B 112 -5.73 -1.67 -36.31
N ALA B 113 -6.23 -1.94 -37.50
CA ALA B 113 -6.24 -3.29 -38.04
C ALA B 113 -4.96 -3.50 -38.84
N PHE B 114 -4.20 -4.56 -38.52
CA PHE B 114 -3.07 -4.90 -39.38
C PHE B 114 -3.43 -6.17 -40.17
N THR B 115 -3.38 -6.05 -41.48
CA THR B 115 -3.89 -7.07 -42.37
C THR B 115 -2.76 -7.58 -43.26
N GLY B 116 -2.55 -8.89 -43.33
CA GLY B 116 -1.79 -9.40 -44.44
C GLY B 116 -2.65 -10.23 -45.39
N SER B 117 -2.21 -10.32 -46.66
CA SER B 117 -2.96 -11.15 -47.60
C SER B 117 -2.00 -11.78 -48.60
N PHE B 118 -2.25 -13.04 -49.02
CA PHE B 118 -1.41 -13.65 -50.06
C PHE B 118 -2.16 -14.78 -50.75
N GLN B 119 -1.56 -15.25 -51.86
CA GLN B 119 -2.04 -16.41 -52.58
C GLN B 119 -1.07 -17.55 -52.24
N PHE B 120 -1.64 -18.72 -51.98
CA PHE B 120 -0.86 -19.96 -51.92
C PHE B 120 -1.13 -20.82 -53.17
N LYS B 121 -0.15 -20.77 -54.09
CA LYS B 121 -0.15 -21.60 -55.28
C LYS B 121 -1.54 -21.57 -55.95
N ASP B 122 -2.07 -22.75 -56.20
CA ASP B 122 -3.32 -22.89 -56.96
C ASP B 122 -4.46 -23.21 -55.99
N LEU B 123 -4.21 -23.09 -54.67
CA LEU B 123 -5.11 -23.64 -53.67
C LEU B 123 -6.04 -22.62 -53.00
N ALA B 124 -5.52 -21.49 -52.52
CA ALA B 124 -6.29 -20.56 -51.69
C ALA B 124 -5.63 -19.20 -51.55
N THR B 125 -6.52 -18.20 -51.37
CA THR B 125 -6.18 -16.88 -50.89
C THR B 125 -6.35 -16.81 -49.38
N VAL B 126 -5.40 -16.21 -48.69
CA VAL B 126 -5.41 -16.09 -47.26
C VAL B 126 -5.41 -14.59 -46.92
N THR B 127 -6.26 -14.23 -45.98
CA THR B 127 -6.22 -12.88 -45.43
CA THR B 127 -6.22 -12.88 -45.44
C THR B 127 -6.31 -12.97 -43.92
N TYR B 128 -5.48 -12.18 -43.26
CA TYR B 128 -5.53 -12.21 -41.80
C TYR B 128 -5.48 -10.78 -41.29
N SER B 129 -6.25 -10.51 -40.24
CA SER B 129 -6.26 -9.14 -39.70
C SER B 129 -6.18 -9.26 -38.20
N TYR B 130 -5.33 -8.44 -37.56
CA TYR B 130 -5.27 -8.49 -36.11
C TYR B 130 -5.40 -7.10 -35.50
N TYR B 131 -5.73 -7.11 -34.24
CA TYR B 131 -6.26 -6.00 -33.49
C TYR B 131 -5.84 -6.11 -32.02
N ALA B 132 -5.45 -4.98 -31.45
CA ALA B 132 -5.32 -4.81 -29.99
C ALA B 132 -6.62 -4.19 -29.57
N LEU B 133 -7.51 -5.00 -29.02
CA LEU B 133 -8.90 -4.59 -28.93
C LEU B 133 -9.03 -3.31 -28.11
N ARG B 134 -9.70 -2.34 -28.70
CA ARG B 134 -9.57 -1.00 -28.11
C ARG B 134 -10.33 -0.88 -26.76
N HIS B 135 -11.44 -1.65 -26.58
CA HIS B 135 -12.19 -1.58 -25.32
C HIS B 135 -11.68 -2.52 -24.22
N LEU B 136 -10.92 -3.53 -24.61
CA LEU B 136 -10.47 -4.60 -23.74
C LEU B 136 -8.97 -4.54 -23.67
N PRO B 137 -8.41 -3.84 -22.67
CA PRO B 137 -7.00 -3.51 -22.72
C PRO B 137 -6.06 -4.73 -22.78
N HIS B 138 -6.50 -5.83 -22.20
CA HIS B 138 -5.65 -7.03 -22.21
C HIS B 138 -5.98 -8.10 -23.26
N CYS B 139 -6.80 -7.78 -24.25
CA CYS B 139 -7.26 -8.73 -25.24
C CYS B 139 -6.86 -8.34 -26.67
N ILE B 140 -6.44 -9.38 -27.39
CA ILE B 140 -5.95 -9.37 -28.78
C ILE B 140 -6.78 -10.36 -29.63
N MET B 141 -7.02 -10.01 -30.90
CA MET B 141 -7.83 -10.88 -31.75
C MET B 141 -7.17 -10.87 -33.12
N MET B 142 -7.03 -12.08 -33.73
CA MET B 142 -6.74 -12.18 -35.15
C MET B 142 -7.86 -12.94 -35.86
N VAL B 143 -8.28 -12.44 -37.01
CA VAL B 143 -9.30 -13.11 -37.80
C VAL B 143 -8.68 -13.57 -39.11
N VAL B 144 -8.85 -14.87 -39.49
CA VAL B 144 -8.23 -15.47 -40.67
C VAL B 144 -9.33 -15.95 -41.59
N ASN B 145 -9.20 -15.58 -42.86
CA ASN B 145 -10.13 -15.99 -43.91
C ASN B 145 -9.35 -16.71 -45.01
N ILE B 146 -9.83 -17.93 -45.33
CA ILE B 146 -9.28 -18.79 -46.35
C ILE B 146 -10.33 -18.88 -47.45
N ASN B 147 -9.98 -18.43 -48.65
CA ASN B 147 -10.84 -18.59 -49.81
C ASN B 147 -10.22 -19.52 -50.84
N THR B 148 -10.86 -20.66 -51.08
CA THR B 148 -10.25 -21.73 -51.85
C THR B 148 -10.59 -21.62 -53.34
N GLN B 149 -9.56 -21.85 -54.17
CA GLN B 149 -9.71 -22.14 -55.57
C GLN B 149 -9.74 -23.64 -55.94
N LYS B 150 -9.20 -24.47 -55.05
CA LYS B 150 -9.28 -25.91 -55.13
C LYS B 150 -9.65 -26.54 -53.77
N ASP B 151 -10.15 -27.79 -53.81
CA ASP B 151 -10.26 -28.57 -52.57
C ASP B 151 -8.92 -28.55 -51.84
N THR B 152 -8.94 -28.32 -50.54
CA THR B 152 -7.71 -28.41 -49.80
C THR B 152 -7.96 -28.71 -48.34
N GLU B 153 -6.91 -29.17 -47.68
CA GLU B 153 -7.00 -29.41 -46.26
C GLU B 153 -5.98 -28.49 -45.61
N ILE B 154 -6.45 -27.73 -44.62
CA ILE B 154 -5.54 -26.90 -43.90
C ILE B 154 -5.19 -27.56 -42.60
N ASN B 155 -3.94 -27.28 -42.15
CA ASN B 155 -3.55 -27.52 -40.80
C ASN B 155 -3.12 -26.17 -40.22
N VAL B 156 -3.68 -25.83 -39.06
CA VAL B 156 -3.47 -24.55 -38.43
C VAL B 156 -2.86 -24.85 -37.09
N GLU B 157 -1.81 -24.10 -36.77
CA GLU B 157 -1.19 -24.19 -35.46
C GLU B 157 -0.95 -22.80 -34.90
N ASN B 158 -1.36 -22.59 -33.63
CA ASN B 158 -1.01 -21.42 -32.86
C ASN B 158 0.03 -21.83 -31.83
N LEU B 159 1.16 -21.13 -31.79
CA LEU B 159 2.31 -21.44 -30.96
C LEU B 159 2.40 -20.39 -29.84
N LEU B 160 2.68 -20.89 -28.64
CA LEU B 160 3.00 -20.01 -27.53
C LEU B 160 4.42 -20.28 -27.08
N GLU B 161 5.36 -19.58 -27.72
CA GLU B 161 6.76 -19.70 -27.42
C GLU B 161 7.12 -18.73 -26.29
N THR B 162 7.69 -19.24 -25.21
CA THR B 162 8.12 -18.39 -24.10
C THR B 162 9.42 -17.67 -24.50
N PRO B 163 9.41 -16.34 -24.62
CA PRO B 163 10.62 -15.63 -25.08
C PRO B 163 11.69 -15.74 -24.00
N SER B 164 12.95 -15.58 -24.44
CA SER B 164 14.09 -15.79 -23.58
C SER B 164 14.16 -14.70 -22.52
N SER B 165 13.40 -13.59 -22.67
CA SER B 165 13.28 -12.64 -21.61
C SER B 165 12.51 -13.11 -20.37
N LEU B 166 11.77 -14.23 -20.44
CA LEU B 166 11.01 -14.73 -19.32
C LEU B 166 11.60 -16.09 -18.90
N ASN B 167 11.20 -16.52 -17.69
CA ASN B 167 11.73 -17.76 -17.14
C ASN B 167 10.64 -18.44 -16.31
N ASN B 168 10.97 -19.70 -15.99
CA ASN B 168 10.16 -20.56 -15.14
C ASN B 168 8.74 -20.67 -15.69
N GLN B 169 8.67 -20.86 -17.04
CA GLN B 169 7.37 -20.98 -17.72
C GLN B 169 6.69 -22.29 -17.37
N GLN B 170 5.34 -22.27 -17.46
CA GLN B 170 4.50 -23.43 -17.47
C GLN B 170 3.54 -23.30 -18.65
N ASN B 171 3.32 -24.46 -19.29
CA ASN B 171 2.53 -24.60 -20.51
C ASN B 171 1.30 -25.46 -20.26
N TYR B 172 0.12 -24.84 -20.34
CA TYR B 172 -1.16 -25.50 -20.00
C TYR B 172 -2.10 -25.57 -21.23
N PHE B 173 -3.04 -26.51 -21.14
CA PHE B 173 -4.09 -26.66 -22.13
C PHE B 173 -5.30 -27.27 -21.46
N GLN B 174 -6.51 -26.74 -21.74
CA GLN B 174 -7.71 -27.39 -21.23
C GLN B 174 -8.90 -27.03 -22.10
N ASN B 175 -9.98 -27.73 -21.82
CA ASN B 175 -11.25 -27.47 -22.45
C ASN B 175 -12.24 -26.92 -21.44
N ILE B 176 -12.83 -25.77 -21.75
CA ILE B 176 -13.91 -25.20 -20.96
C ILE B 176 -15.18 -25.55 -21.72
N THR B 177 -16.09 -26.23 -21.08
CA THR B 177 -17.25 -26.76 -21.82
C THR B 177 -18.57 -26.51 -21.08
N ASN B 178 -19.63 -26.45 -21.88
CA ASN B 178 -20.98 -26.65 -21.37
C ASN B 178 -21.75 -27.25 -22.54
N THR B 179 -23.09 -27.30 -22.43
CA THR B 179 -23.82 -28.02 -23.48
C THR B 179 -23.64 -27.31 -24.82
N HIS B 180 -23.34 -26.02 -24.82
CA HIS B 180 -23.31 -25.25 -26.05
C HIS B 180 -21.90 -25.08 -26.59
N VAL B 181 -20.85 -25.10 -25.74
CA VAL B 181 -19.55 -24.68 -26.21
C VAL B 181 -18.44 -25.65 -25.79
N ASN B 182 -17.36 -25.59 -26.55
CA ASN B 182 -16.06 -26.20 -26.19
C ASN B 182 -15.00 -25.17 -26.57
N ILE B 183 -14.54 -24.46 -25.53
CA ILE B 183 -13.56 -23.41 -25.64
C ILE B 183 -12.19 -24.02 -25.24
N PRO B 184 -11.27 -24.27 -26.18
CA PRO B 184 -9.94 -24.81 -25.87
C PRO B 184 -9.03 -23.66 -25.54
N LEU B 185 -8.44 -23.73 -24.35
CA LEU B 185 -7.50 -22.73 -23.88
C LEU B 185 -6.03 -23.22 -23.91
N LEU B 186 -5.22 -22.48 -24.63
CA LEU B 186 -3.77 -22.66 -24.63
C LEU B 186 -3.23 -21.56 -23.72
N THR B 187 -2.63 -21.95 -22.63
CA THR B 187 -2.18 -20.97 -21.66
C THR B 187 -0.70 -21.17 -21.32
N SER B 188 -0.05 -20.07 -21.06
CA SER B 188 1.28 -20.07 -20.48
C SER B 188 1.31 -19.07 -19.32
N VAL B 189 2.15 -19.46 -18.38
CA VAL B 189 2.52 -18.59 -17.26
C VAL B 189 4.05 -18.58 -17.13
N ALA B 190 4.59 -17.39 -16.92
CA ALA B 190 6.05 -17.22 -16.75
C ALA B 190 6.37 -15.94 -15.97
N PHE B 191 7.68 -15.75 -15.74
CA PHE B 191 8.15 -14.67 -14.88
C PHE B 191 9.16 -13.79 -15.63
N THR B 192 9.13 -12.48 -15.36
CA THR B 192 10.22 -11.58 -15.72
C THR B 192 11.53 -11.91 -15.04
N PRO B 193 12.66 -11.38 -15.56
CA PRO B 193 13.99 -11.91 -15.13
C PRO B 193 14.27 -12.07 -13.63
N THR B 194 13.89 -11.14 -12.81
CA THR B 194 14.22 -11.16 -11.38
C THR B 194 13.05 -11.78 -10.59
N GLY B 195 11.98 -12.18 -11.29
CA GLY B 195 10.79 -12.70 -10.61
C GLY B 195 9.79 -11.63 -10.14
N ARG B 196 9.99 -10.40 -10.51
CA ARG B 196 9.23 -9.23 -10.08
C ARG B 196 7.79 -9.29 -10.57
N SER B 197 7.59 -9.84 -11.77
N SER B 197 7.61 -9.77 -11.79
CA SER B 197 6.25 -9.88 -12.32
CA SER B 197 6.28 -9.91 -12.35
C SER B 197 5.96 -11.23 -12.97
C SER B 197 6.00 -11.33 -12.80
N LYS B 198 4.71 -11.69 -12.72
CA LYS B 198 4.22 -12.95 -13.25
C LYS B 198 3.30 -12.61 -14.42
N ILE B 199 3.57 -13.25 -15.60
CA ILE B 199 2.86 -12.96 -16.82
C ILE B 199 2.00 -14.17 -17.18
N ALA B 200 0.77 -13.92 -17.54
CA ALA B 200 -0.09 -15.01 -18.07
C ALA B 200 -0.72 -14.64 -19.40
N VAL B 201 -0.72 -15.63 -20.30
CA VAL B 201 -1.27 -15.49 -21.65
C VAL B 201 -2.21 -16.66 -21.89
N SER B 202 -3.37 -16.37 -22.44
CA SER B 202 -4.31 -17.48 -22.71
C SER B 202 -5.05 -17.26 -24.01
N ASN B 203 -4.97 -18.26 -24.90
CA ASN B 203 -5.45 -18.12 -26.27
C ASN B 203 -6.54 -19.15 -26.55
N THR B 204 -7.45 -18.83 -27.45
CA THR B 204 -8.46 -19.78 -27.92
C THR B 204 -8.79 -19.53 -29.40
N PHE B 205 -9.31 -20.56 -30.09
CA PHE B 205 -9.85 -20.44 -31.45
C PHE B 205 -11.38 -20.32 -31.41
N LEU B 206 -11.98 -19.38 -32.17
CA LEU B 206 -13.41 -19.29 -32.35
C LEU B 206 -13.73 -19.73 -33.75
N PHE B 207 -14.82 -20.48 -33.85
CA PHE B 207 -15.28 -21.04 -35.09
C PHE B 207 -16.71 -20.55 -35.26
N ASP B 208 -17.17 -20.47 -36.49
CA ASP B 208 -18.55 -20.17 -36.78
C ASP B 208 -19.44 -21.42 -36.71
N GLU B 209 -18.91 -22.64 -36.91
CA GLU B 209 -19.77 -23.79 -37.10
C GLU B 209 -20.36 -24.38 -35.81
N GLY B 210 -19.88 -24.01 -34.63
CA GLY B 210 -20.57 -24.58 -33.47
C GLY B 210 -19.96 -25.90 -32.99
N LYS B 211 -20.25 -26.25 -31.74
CA LYS B 211 -19.47 -27.23 -30.98
C LYS B 211 -19.41 -28.60 -31.67
N LYS B 212 -20.52 -29.14 -32.16
CA LYS B 212 -20.52 -30.48 -32.76
C LYS B 212 -19.66 -30.56 -34.04
N LEU B 213 -19.62 -29.49 -34.84
CA LEU B 213 -18.90 -29.56 -36.11
C LEU B 213 -17.51 -28.92 -36.07
N GLN B 214 -17.15 -28.19 -35.00
CA GLN B 214 -15.84 -27.51 -34.97
C GLN B 214 -14.72 -28.56 -34.97
N PRO B 215 -13.52 -28.21 -35.48
CA PRO B 215 -12.40 -29.13 -35.54
C PRO B 215 -12.00 -29.49 -34.12
N GLU B 216 -11.61 -30.74 -33.92
CA GLU B 216 -10.90 -31.12 -32.72
C GLU B 216 -9.57 -30.37 -32.59
N ILE B 217 -9.25 -29.97 -31.37
CA ILE B 217 -8.07 -29.17 -31.13
C ILE B 217 -7.08 -30.11 -30.41
N LEU B 218 -5.90 -30.28 -31.01
CA LEU B 218 -4.82 -31.09 -30.42
C LEU B 218 -3.86 -30.15 -29.69
N HIS B 219 -3.13 -30.69 -28.72
CA HIS B 219 -2.16 -29.90 -27.98
C HIS B 219 -0.84 -30.59 -27.94
N ARG B 220 0.25 -29.89 -28.28
CA ARG B 220 1.59 -30.51 -28.28
C ARG B 220 2.49 -29.69 -27.38
N MET B 221 3.36 -30.36 -26.63
CA MET B 221 4.29 -29.71 -25.68
C MET B 221 5.72 -30.24 -25.89
N ASN B 222 6.31 -30.06 -27.10
CA ASN B 222 7.44 -30.87 -27.50
C ASN B 222 8.75 -30.17 -27.07
N ASP B 223 8.70 -28.88 -26.86
CA ASP B 223 9.86 -28.07 -26.44
C ASP B 223 9.74 -27.53 -25.03
N ALA B 224 10.84 -27.04 -24.42
CA ALA B 224 10.83 -26.54 -23.06
C ALA B 224 10.19 -25.16 -23.06
N ASP B 225 10.31 -24.51 -24.19
CA ASP B 225 9.92 -23.10 -24.31
C ASP B 225 8.84 -22.89 -25.39
N MET B 226 8.12 -23.95 -25.73
CA MET B 226 7.05 -23.81 -26.70
CA MET B 226 7.08 -23.84 -26.73
C MET B 226 6.06 -24.96 -26.63
N HIS B 227 4.81 -24.56 -26.67
CA HIS B 227 3.69 -25.47 -26.87
C HIS B 227 2.79 -24.89 -27.93
N ALA B 228 1.85 -25.73 -28.39
CA ALA B 228 1.00 -25.31 -29.51
C ALA B 228 -0.33 -26.03 -29.50
N MET B 229 -1.36 -25.30 -30.02
CA MET B 229 -2.64 -25.96 -30.26
C MET B 229 -2.88 -25.97 -31.77
N SER B 230 -3.59 -26.99 -32.29
CA SER B 230 -3.62 -27.22 -33.75
C SER B 230 -4.90 -27.91 -34.13
N PHE B 231 -5.27 -27.76 -35.42
CA PHE B 231 -6.39 -28.47 -35.94
C PHE B 231 -6.21 -28.60 -37.46
N ASP B 232 -6.94 -29.58 -38.01
CA ASP B 232 -7.11 -29.68 -39.46
C ASP B 232 -8.56 -29.40 -39.86
N LYS B 233 -8.73 -28.91 -41.11
CA LYS B 233 -10.06 -28.66 -41.67
C LYS B 233 -9.99 -28.86 -43.19
N LYS B 234 -10.88 -29.74 -43.68
CA LYS B 234 -11.09 -29.87 -45.12
C LYS B 234 -12.00 -28.75 -45.65
N ILE B 235 -11.54 -28.07 -46.69
CA ILE B 235 -12.36 -27.06 -47.31
C ILE B 235 -12.53 -27.41 -48.79
N LYS B 236 -13.75 -27.46 -49.27
CA LYS B 236 -14.00 -27.65 -50.69
C LYS B 236 -13.72 -26.40 -51.52
N ALA B 237 -13.40 -26.62 -52.79
CA ALA B 237 -13.17 -25.55 -53.72
C ALA B 237 -14.32 -24.55 -53.66
N GLY B 238 -13.97 -23.27 -53.72
CA GLY B 238 -14.96 -22.23 -53.97
C GLY B 238 -15.64 -21.75 -52.67
N LYS B 239 -15.07 -22.09 -51.53
CA LYS B 239 -15.67 -21.85 -50.25
C LYS B 239 -14.76 -20.87 -49.52
N THR B 240 -15.34 -20.17 -48.52
CA THR B 240 -14.58 -19.41 -47.55
C THR B 240 -14.70 -20.09 -46.20
N TYR B 241 -13.58 -20.20 -45.49
CA TYR B 241 -13.55 -20.74 -44.17
C TYR B 241 -12.83 -19.71 -43.34
N SER B 242 -13.49 -19.36 -42.22
N SER B 242 -13.47 -19.30 -42.23
CA SER B 242 -12.99 -18.38 -41.30
CA SER B 242 -12.92 -18.27 -41.38
C SER B 242 -12.78 -19.00 -39.92
C SER B 242 -12.90 -18.75 -39.94
N PHE B 243 -11.81 -18.43 -39.21
CA PHE B 243 -11.71 -18.70 -37.81
C PHE B 243 -10.98 -17.52 -37.19
N ALA B 244 -11.09 -17.37 -35.87
CA ALA B 244 -10.39 -16.33 -35.14
C ALA B 244 -9.55 -16.92 -34.03
N LEU B 245 -8.50 -16.18 -33.68
CA LEU B 245 -7.69 -16.39 -32.51
C LEU B 245 -7.84 -15.20 -31.55
N ILE B 246 -8.30 -15.53 -30.34
CA ILE B 246 -8.38 -14.58 -29.25
C ILE B 246 -7.34 -14.88 -28.23
N GLY B 247 -6.64 -13.84 -27.77
CA GLY B 247 -5.67 -14.00 -26.71
C GLY B 247 -5.78 -12.90 -25.69
N SER B 248 -5.52 -13.27 -24.46
CA SER B 248 -5.43 -12.33 -23.37
C SER B 248 -4.07 -12.40 -22.73
N LEU B 249 -3.56 -11.23 -22.41
CA LEU B 249 -2.20 -11.06 -21.90
C LEU B 249 -2.16 -10.09 -20.73
N ILE B 250 -1.78 -10.59 -19.58
CA ILE B 250 -1.84 -9.79 -18.32
C ILE B 250 -0.77 -10.22 -17.36
N SER B 251 -0.53 -9.38 -16.34
CA SER B 251 0.54 -9.64 -15.41
C SER B 251 0.13 -9.29 -13.99
N SER B 252 0.97 -9.67 -13.03
CA SER B 252 0.80 -9.33 -11.60
C SER B 252 0.88 -7.82 -11.38
N ASP B 253 1.42 -7.07 -12.31
CA ASP B 253 1.41 -5.63 -12.17
C ASP B 253 0.03 -5.10 -12.35
N HIS B 254 -0.82 -5.86 -13.06
CA HIS B 254 -2.17 -5.37 -13.44
C HIS B 254 -3.29 -6.02 -12.59
N ILE B 255 -3.04 -7.21 -12.02
CA ILE B 255 -4.07 -7.97 -11.33
C ILE B 255 -3.34 -8.99 -10.44
N ASN B 256 -3.88 -9.30 -9.24
CA ASN B 256 -3.17 -10.17 -8.32
C ASN B 256 -3.04 -11.60 -8.84
N ASP B 257 -4.01 -12.05 -9.67
CA ASP B 257 -4.03 -13.46 -10.08
C ASP B 257 -4.10 -13.49 -11.60
N PRO B 258 -2.99 -13.18 -12.28
CA PRO B 258 -3.01 -13.14 -13.74
C PRO B 258 -3.31 -14.44 -14.42
N TYR B 259 -2.91 -15.58 -13.86
CA TYR B 259 -3.22 -16.85 -14.47
C TYR B 259 -4.73 -17.08 -14.68
N ASN B 260 -5.49 -16.92 -13.60
CA ASN B 260 -6.92 -17.14 -13.68
C ASN B 260 -7.56 -15.96 -14.42
N GLU B 261 -6.98 -14.77 -14.25
CA GLU B 261 -7.58 -13.63 -14.97
C GLU B 261 -7.42 -13.80 -16.51
N ALA B 262 -6.30 -14.24 -17.00
CA ALA B 262 -6.08 -14.48 -18.43
C ALA B 262 -7.14 -15.46 -18.99
N GLU B 263 -7.34 -16.58 -18.29
CA GLU B 263 -8.26 -17.58 -18.81
C GLU B 263 -9.68 -17.03 -18.80
N ARG B 264 -10.04 -16.35 -17.71
CA ARG B 264 -11.37 -15.77 -17.53
C ARG B 264 -11.66 -14.75 -18.65
N LEU B 265 -10.69 -13.93 -19.00
CA LEU B 265 -10.85 -12.92 -20.03
C LEU B 265 -10.99 -13.54 -21.42
N THR B 266 -10.30 -14.65 -21.66
CA THR B 266 -10.39 -15.29 -22.98
C THR B 266 -11.69 -16.04 -23.08
N ILE B 267 -12.15 -16.68 -21.99
CA ILE B 267 -13.50 -17.23 -21.98
C ILE B 267 -14.54 -16.14 -22.31
N TYR B 268 -14.47 -15.07 -21.51
CA TYR B 268 -15.39 -13.93 -21.71
C TYR B 268 -15.41 -13.51 -23.19
N ALA B 269 -14.23 -13.18 -23.73
CA ALA B 269 -14.17 -12.70 -25.08
C ALA B 269 -14.72 -13.72 -26.07
N ALA B 270 -14.44 -15.00 -25.89
CA ALA B 270 -14.99 -16.01 -26.76
C ALA B 270 -16.52 -16.02 -26.74
N LEU B 271 -17.14 -15.86 -25.59
CA LEU B 271 -18.57 -15.90 -25.47
C LEU B 271 -19.19 -14.54 -25.83
N GLU B 272 -18.39 -13.47 -25.88
CA GLU B 272 -18.90 -12.23 -26.52
C GLU B 272 -18.94 -12.44 -28.06
N GLY B 273 -17.90 -13.06 -28.57
CA GLY B 273 -17.77 -13.39 -29.98
C GLY B 273 -17.14 -12.31 -30.89
N LYS B 274 -16.66 -12.69 -32.09
CA LYS B 274 -15.93 -11.78 -32.98
C LYS B 274 -16.72 -10.50 -33.29
N SER B 275 -18.01 -10.66 -33.65
N SER B 275 -18.01 -10.65 -33.63
CA SER B 275 -18.85 -9.58 -34.13
CA SER B 275 -18.79 -9.53 -34.13
C SER B 275 -18.98 -8.48 -33.07
C SER B 275 -18.97 -8.46 -33.05
N ARG B 276 -19.31 -8.88 -31.84
CA ARG B 276 -19.51 -7.97 -30.71
C ARG B 276 -18.19 -7.28 -30.36
N LEU B 277 -17.12 -8.05 -30.36
CA LEU B 277 -15.81 -7.52 -30.00
C LEU B 277 -15.37 -6.45 -31.00
N LEU B 278 -15.49 -6.74 -32.30
CA LEU B 278 -15.07 -5.81 -33.32
C LEU B 278 -15.96 -4.59 -33.31
N ASN B 279 -17.27 -4.78 -33.02
CA ASN B 279 -18.16 -3.62 -33.05
C ASN B 279 -17.73 -2.65 -31.93
N ARG B 280 -17.46 -3.19 -30.75
CA ARG B 280 -16.98 -2.39 -29.62
C ARG B 280 -15.66 -1.72 -29.99
N HIS B 281 -14.69 -2.48 -30.53
CA HIS B 281 -13.42 -1.95 -31.02
C HIS B 281 -13.68 -0.70 -31.91
N MET B 282 -14.54 -0.88 -32.93
N MET B 282 -14.51 -0.89 -32.95
CA MET B 282 -14.83 0.12 -33.94
CA MET B 282 -14.76 0.13 -33.96
C MET B 282 -15.44 1.37 -33.31
C MET B 282 -15.38 1.35 -33.27
N GLN B 283 -16.35 1.19 -32.35
CA GLN B 283 -17.01 2.35 -31.70
C GLN B 283 -15.97 3.23 -30.97
N GLU B 284 -14.98 2.60 -30.36
CA GLU B 284 -13.98 3.31 -29.56
C GLU B 284 -13.00 3.98 -30.55
N TRP B 285 -12.67 3.33 -31.68
CA TRP B 285 -11.78 3.97 -32.65
C TRP B 285 -12.51 5.16 -33.29
N ASN B 286 -13.78 4.96 -33.63
CA ASN B 286 -14.58 6.05 -34.20
C ASN B 286 -14.53 7.27 -33.29
N SER B 287 -14.70 7.08 -31.99
CA SER B 287 -14.67 8.19 -31.03
CA SER B 287 -14.66 8.16 -31.01
C SER B 287 -13.30 8.88 -31.06
N LEU B 288 -12.22 8.14 -31.16
CA LEU B 288 -10.90 8.74 -31.18
C LEU B 288 -10.74 9.66 -32.40
N TRP B 289 -11.29 9.25 -33.57
CA TRP B 289 -11.05 9.96 -34.83
C TRP B 289 -12.04 11.11 -34.98
N GLN B 290 -12.93 11.30 -33.99
CA GLN B 290 -13.72 12.53 -34.00
C GLN B 290 -12.85 13.78 -33.79
N SER B 291 -11.63 13.63 -33.31
CA SER B 291 -10.61 14.65 -33.38
C SER B 291 -9.60 14.24 -34.44
N ASP B 292 -9.38 15.08 -35.46
CA ASP B 292 -8.74 14.66 -36.71
C ASP B 292 -8.12 15.92 -37.32
N ILE B 293 -7.17 15.75 -38.24
CA ILE B 293 -6.49 16.80 -39.00
C ILE B 293 -6.54 16.39 -40.47
N GLN B 294 -7.19 17.27 -41.25
CA GLN B 294 -7.39 17.10 -42.69
C GLN B 294 -6.59 18.16 -43.46
N VAL B 295 -5.81 17.71 -44.44
CA VAL B 295 -5.00 18.58 -45.29
C VAL B 295 -5.41 18.29 -46.73
N GLU B 296 -5.87 19.33 -47.43
CA GLU B 296 -6.04 19.23 -48.87
C GLU B 296 -4.84 19.81 -49.63
N GLY B 297 -4.46 19.09 -50.70
CA GLY B 297 -3.42 19.51 -51.62
C GLY B 297 -2.06 18.86 -51.38
N ASP B 298 -1.97 17.86 -50.49
CA ASP B 298 -0.70 17.27 -50.08
C ASP B 298 -1.01 15.89 -49.47
N PRO B 299 -1.27 14.92 -50.34
CA PRO B 299 -1.60 13.58 -49.85
C PRO B 299 -0.55 12.99 -48.93
N GLN B 300 0.76 13.23 -49.22
CA GLN B 300 1.76 12.59 -48.37
C GLN B 300 1.69 13.18 -46.96
N ALA B 301 1.57 14.52 -46.84
CA ALA B 301 1.41 15.16 -45.54
C ALA B 301 0.19 14.63 -44.80
N GLN B 302 -0.91 14.49 -45.56
CA GLN B 302 -2.16 14.00 -44.99
C GLN B 302 -1.89 12.67 -44.33
N GLN B 303 -1.31 11.74 -45.10
CA GLN B 303 -1.07 10.38 -44.55
C GLN B 303 -0.11 10.44 -43.37
N ASP B 304 1.00 11.17 -43.50
CA ASP B 304 1.95 11.28 -42.43
C ASP B 304 1.32 11.76 -41.13
N ILE B 305 0.56 12.87 -41.16
CA ILE B 305 -0.06 13.42 -39.98
C ILE B 305 -1.06 12.43 -39.37
N ARG B 306 -1.87 11.73 -40.21
CA ARG B 306 -2.73 10.65 -39.73
C ARG B 306 -1.90 9.58 -39.05
N SER B 307 -0.72 9.29 -39.58
CA SER B 307 0.10 8.25 -38.92
C SER B 307 0.55 8.73 -37.54
N MET B 308 0.90 10.01 -37.43
CA MET B 308 1.34 10.58 -36.16
C MET B 308 0.20 10.58 -35.15
N LEU B 309 -1.02 10.98 -35.57
CA LEU B 309 -2.16 10.90 -34.70
C LEU B 309 -2.44 9.46 -34.24
N TYR B 310 -2.55 8.55 -35.23
CA TYR B 310 -2.75 7.13 -35.02
C TYR B 310 -1.81 6.59 -33.94
N HIS B 311 -0.52 6.89 -34.03
CA HIS B 311 0.42 6.36 -33.09
C HIS B 311 0.16 6.95 -31.69
N LEU B 312 -0.14 8.25 -31.55
CA LEU B 312 -0.36 8.78 -30.22
CA LEU B 312 -0.39 8.83 -30.25
C LEU B 312 -1.65 8.22 -29.64
N TYR B 313 -2.68 8.03 -30.47
CA TYR B 313 -3.93 7.46 -30.01
C TYR B 313 -3.71 5.98 -29.61
N SER B 314 -2.84 5.28 -30.30
CA SER B 314 -2.59 3.85 -30.01
C SER B 314 -1.75 3.68 -28.77
N PHE B 315 -0.90 4.68 -28.45
CA PHE B 315 0.05 4.58 -27.36
C PHE B 315 -0.39 5.30 -26.07
N THR B 316 -1.66 5.70 -26.00
CA THR B 316 -2.20 6.35 -24.81
C THR B 316 -3.58 5.75 -24.55
N ARG B 317 -4.13 5.97 -23.35
CA ARG B 317 -5.45 5.41 -23.05
C ARG B 317 -6.17 6.29 -22.04
N LYS B 318 -7.36 6.76 -22.41
CA LYS B 318 -8.19 7.48 -21.49
C LYS B 318 -8.54 6.68 -20.24
N SER B 319 -8.89 7.43 -19.22
CA SER B 319 -9.40 6.88 -17.97
C SER B 319 -8.41 5.94 -17.30
N THR B 320 -7.10 6.28 -17.35
CA THR B 320 -6.08 5.48 -16.69
C THR B 320 -5.10 6.39 -15.94
N SER B 321 -4.03 5.79 -15.48
CA SER B 321 -2.82 6.47 -15.03
C SER B 321 -1.58 6.08 -15.83
N LEU B 322 -1.78 5.73 -17.13
CA LEU B 322 -0.70 5.36 -18.03
C LEU B 322 -0.18 6.61 -18.73
N SER B 323 1.13 6.60 -18.99
CA SER B 323 1.86 7.60 -19.74
C SER B 323 2.79 6.93 -20.70
N PRO B 324 2.92 7.45 -21.91
CA PRO B 324 3.75 6.81 -22.90
C PRO B 324 5.24 7.04 -22.68
N SER B 325 6.02 6.00 -22.97
CA SER B 325 7.44 6.17 -23.24
C SER B 325 7.69 6.91 -24.56
N PRO B 326 8.95 7.33 -24.81
CA PRO B 326 9.30 7.99 -26.06
C PRO B 326 8.97 7.19 -27.30
N MET B 327 8.98 5.85 -27.13
CA MET B 327 8.67 4.90 -28.20
C MET B 327 7.32 4.23 -28.02
N GLY B 328 6.50 4.71 -27.10
CA GLY B 328 5.14 4.21 -26.86
C GLY B 328 5.17 2.71 -26.68
N LEU B 329 4.32 1.97 -27.41
CA LEU B 329 4.34 0.51 -27.27
C LEU B 329 4.91 -0.15 -28.53
N SER B 330 5.91 0.47 -29.14
CA SER B 330 6.45 0.02 -30.39
C SER B 330 7.63 -0.87 -30.13
N GLY B 331 7.96 -1.04 -28.85
CA GLY B 331 9.16 -1.79 -28.50
C GLY B 331 9.78 -1.32 -27.20
N LEU B 332 11.06 -1.67 -26.98
CA LEU B 332 11.79 -1.39 -25.73
C LEU B 332 12.56 -0.10 -25.75
N GLY B 333 12.20 0.83 -26.66
CA GLY B 333 12.91 2.09 -26.67
C GLY B 333 12.93 2.75 -25.29
N TYR B 334 14.09 3.21 -24.89
CA TYR B 334 14.29 3.91 -23.64
C TYR B 334 13.69 3.15 -22.47
N ASN B 335 13.67 1.80 -22.60
CA ASN B 335 13.29 0.93 -21.51
C ASN B 335 11.80 1.03 -21.16
N GLY B 336 11.00 1.77 -21.98
CA GLY B 336 9.61 2.03 -21.61
C GLY B 336 9.42 3.14 -20.56
N HIS B 337 10.48 3.94 -20.25
CA HIS B 337 10.42 4.82 -19.13
C HIS B 337 9.71 6.07 -19.66
N VAL B 338 9.13 6.75 -18.72
CA VAL B 338 8.45 8.02 -18.98
C VAL B 338 9.40 9.18 -18.71
N PHE B 339 9.36 10.21 -19.61
CA PHE B 339 10.26 11.37 -19.58
C PHE B 339 9.36 12.60 -19.76
N TRP B 340 9.99 13.74 -19.80
CA TRP B 340 9.35 14.98 -20.16
C TRP B 340 8.88 14.93 -21.61
N ASP B 341 9.33 13.94 -22.40
CA ASP B 341 8.74 13.64 -23.70
C ASP B 341 7.20 13.56 -23.59
N THR B 342 6.67 13.19 -22.42
CA THR B 342 5.23 13.18 -22.34
C THR B 342 4.82 14.64 -22.17
N GLU B 343 5.15 15.21 -21.00
CA GLU B 343 4.63 16.54 -20.64
C GLU B 343 4.76 17.53 -21.76
N ILE B 344 5.96 17.64 -22.38
CA ILE B 344 6.14 18.81 -23.27
C ILE B 344 5.88 18.47 -24.74
N TRP B 345 6.02 17.19 -25.10
CA TRP B 345 6.01 16.77 -26.50
C TRP B 345 4.72 16.05 -26.93
N MET B 346 4.31 14.98 -26.20
CA MET B 346 3.14 14.21 -26.62
C MET B 346 1.84 14.75 -26.00
N PHE B 347 1.94 15.33 -24.78
CA PHE B 347 0.81 15.80 -24.00
C PHE B 347 0.10 16.98 -24.63
N PRO B 348 0.82 18.05 -25.08
CA PRO B 348 0.06 19.22 -25.58
C PRO B 348 -0.92 18.90 -26.72
N PRO B 349 -0.56 18.09 -27.75
CA PRO B 349 -1.52 17.85 -28.82
C PRO B 349 -2.67 16.97 -28.35
N MET B 350 -2.36 16.06 -27.43
CA MET B 350 -3.45 15.29 -26.88
C MET B 350 -4.43 16.14 -26.03
N LEU B 351 -3.91 17.15 -25.31
CA LEU B 351 -4.73 17.93 -24.40
C LEU B 351 -5.70 18.74 -25.22
N LEU B 352 -5.26 19.12 -26.43
CA LEU B 352 -6.14 19.93 -27.24
C LEU B 352 -7.23 19.06 -27.89
N LEU B 353 -6.82 17.86 -28.29
CA LEU B 353 -7.66 17.01 -29.12
C LEU B 353 -8.51 16.09 -28.25
N HIS B 354 -7.98 15.57 -27.17
CA HIS B 354 -8.74 14.63 -26.33
C HIS B 354 -8.26 14.84 -24.91
N PRO B 355 -8.79 15.77 -24.16
CA PRO B 355 -8.26 16.10 -22.82
C PRO B 355 -8.18 14.93 -21.87
N GLU B 356 -9.09 13.99 -22.06
CA GLU B 356 -9.12 12.81 -21.18
C GLU B 356 -7.89 11.96 -21.38
N ILE B 357 -7.22 12.08 -22.55
CA ILE B 357 -5.91 11.42 -22.68
C ILE B 357 -4.85 12.16 -21.86
N ALA B 358 -4.87 13.50 -21.94
CA ALA B 358 -3.93 14.28 -21.19
C ALA B 358 -4.14 14.05 -19.71
N LYS B 359 -5.41 13.85 -19.32
CA LYS B 359 -5.75 13.56 -17.95
C LYS B 359 -5.02 12.29 -17.44
N SER B 360 -5.04 11.23 -18.22
CA SER B 360 -4.29 10.00 -17.89
C SER B 360 -2.78 10.29 -17.71
N MET B 361 -2.21 11.06 -18.66
CA MET B 361 -0.79 11.31 -18.60
C MET B 361 -0.47 12.04 -17.28
N ILE B 362 -1.17 13.15 -16.95
CA ILE B 362 -0.85 13.81 -15.69
C ILE B 362 -1.21 12.97 -14.47
N GLU B 363 -2.15 12.02 -14.61
CA GLU B 363 -2.56 11.15 -13.49
C GLU B 363 -1.42 10.22 -13.14
N TYR B 364 -0.69 9.83 -14.16
CA TYR B 364 0.53 9.05 -13.98
C TYR B 364 1.50 9.76 -13.03
N ARG B 365 1.59 11.09 -13.12
CA ARG B 365 2.50 11.86 -12.27
C ARG B 365 1.91 12.07 -10.90
N TYR B 366 0.59 12.42 -10.89
CA TYR B 366 -0.07 12.64 -9.61
C TYR B 366 0.14 11.44 -8.69
N GLN B 367 0.03 10.24 -9.26
N GLN B 367 0.02 10.24 -9.26
CA GLN B 367 0.08 9.03 -8.44
CA GLN B 367 0.06 9.02 -8.46
C GLN B 367 1.50 8.74 -7.97
C GLN B 367 1.50 8.71 -8.01
N ARG B 368 2.49 9.35 -8.65
CA ARG B 368 3.87 9.21 -8.27
C ARG B 368 4.40 10.42 -7.53
N LEU B 369 3.52 11.25 -6.94
CA LEU B 369 4.02 12.45 -6.30
C LEU B 369 4.85 12.09 -5.07
N ASP B 370 4.42 11.07 -4.34
CA ASP B 370 5.14 10.69 -3.13
CA ASP B 370 5.15 10.74 -3.11
C ASP B 370 6.55 10.21 -3.46
N ALA B 371 6.68 9.50 -4.59
CA ALA B 371 8.01 9.06 -5.07
C ALA B 371 8.89 10.26 -5.40
N ALA B 372 8.30 11.36 -5.90
CA ALA B 372 9.05 12.55 -6.24
C ALA B 372 9.46 13.30 -4.97
N ARG B 373 8.59 13.30 -3.96
CA ARG B 373 8.94 13.80 -2.64
C ARG B 373 10.13 13.05 -2.08
N LYS B 374 10.09 11.73 -2.21
CA LYS B 374 11.19 10.90 -1.72
C LYS B 374 12.53 11.19 -2.43
N LYS B 375 12.50 11.45 -3.74
CA LYS B 375 13.71 11.81 -4.47
C LYS B 375 14.23 13.13 -3.96
N ALA B 376 13.35 14.10 -3.84
CA ALA B 376 13.83 15.34 -3.39
C ALA B 376 14.54 15.24 -2.04
N ALA B 377 13.98 14.46 -1.11
CA ALA B 377 14.61 14.32 0.22
C ALA B 377 16.00 13.64 0.11
N ILE B 378 16.13 12.66 -0.77
CA ILE B 378 17.39 11.91 -0.95
C ILE B 378 18.47 12.80 -1.54
N TYR B 379 18.10 13.81 -2.36
CA TYR B 379 19.04 14.74 -3.01
C TYR B 379 19.09 16.10 -2.35
N GLY B 380 18.48 16.28 -1.13
CA GLY B 380 18.73 17.40 -0.24
C GLY B 380 17.82 18.61 -0.52
N TYR B 381 16.67 18.38 -1.15
CA TYR B 381 15.74 19.44 -1.54
C TYR B 381 14.40 19.23 -0.85
N ASP B 382 13.57 20.27 -0.93
CA ASP B 382 12.20 20.21 -0.45
C ASP B 382 11.22 19.82 -1.56
N GLY B 383 9.96 19.63 -1.18
CA GLY B 383 8.89 19.44 -2.16
C GLY B 383 9.02 18.12 -2.91
N ALA B 384 8.66 18.18 -4.21
CA ALA B 384 8.64 17.03 -5.08
C ALA B 384 9.62 17.25 -6.21
N MET B 385 10.55 16.33 -6.38
CA MET B 385 11.55 16.38 -7.43
C MET B 385 11.26 15.21 -8.36
N PHE B 386 10.57 15.47 -9.44
CA PHE B 386 10.26 14.36 -10.36
C PHE B 386 11.54 13.81 -10.99
N PRO B 387 11.59 12.48 -11.21
CA PRO B 387 12.76 11.86 -11.80
C PRO B 387 12.86 12.06 -13.31
N TRP B 388 14.12 12.13 -13.75
CA TRP B 388 14.42 12.26 -15.16
C TRP B 388 13.66 11.16 -15.92
N GLU B 389 13.75 9.90 -15.43
CA GLU B 389 13.07 8.79 -16.07
C GLU B 389 12.26 8.08 -15.01
N SER B 390 11.06 7.68 -15.34
CA SER B 390 10.14 7.13 -14.38
C SER B 390 9.52 5.88 -14.98
N ALA B 391 9.19 4.91 -14.10
CA ALA B 391 8.58 3.66 -14.48
C ALA B 391 7.48 3.33 -13.50
N ASP B 392 7.50 2.19 -12.83
CA ASP B 392 6.41 1.74 -12.00
C ASP B 392 6.25 2.59 -10.74
N SER B 393 7.33 2.81 -9.95
CA SER B 393 7.17 3.40 -8.63
C SER B 393 7.07 4.92 -8.72
N GLY B 394 7.73 5.45 -9.73
CA GLY B 394 7.90 6.90 -9.81
C GLY B 394 9.24 7.37 -9.20
N ALA B 395 10.04 6.48 -8.67
CA ALA B 395 11.43 6.78 -8.30
C ALA B 395 12.29 6.97 -9.57
N GLU B 396 13.51 7.45 -9.37
CA GLU B 396 14.41 7.68 -10.50
C GLU B 396 14.86 6.36 -11.11
N GLU B 397 14.82 6.28 -12.46
CA GLU B 397 15.14 5.02 -13.13
C GLU B 397 16.15 5.23 -14.27
N THR B 398 16.73 6.41 -14.36
CA THR B 398 17.80 6.66 -15.32
C THR B 398 19.00 5.69 -15.08
N PRO B 399 19.52 5.12 -16.15
CA PRO B 399 20.79 4.41 -16.06
C PRO B 399 21.85 5.29 -15.39
N VAL B 400 22.62 4.67 -14.49
CA VAL B 400 23.47 5.48 -13.62
C VAL B 400 24.67 6.05 -14.43
N ASN B 401 24.98 5.46 -15.59
CA ASN B 401 26.04 5.94 -16.43
C ASN B 401 25.62 7.19 -17.19
N ALA B 402 24.35 7.56 -17.11
CA ALA B 402 23.89 8.80 -17.75
C ALA B 402 23.68 9.89 -16.68
N LEU B 403 24.48 10.95 -16.76
CA LEU B 403 24.42 12.02 -15.79
C LEU B 403 23.11 12.78 -15.82
N THR B 404 22.25 12.60 -16.85
CA THR B 404 20.90 13.15 -16.84
C THR B 404 20.14 12.77 -15.58
N GLY B 405 20.30 11.53 -15.10
CA GLY B 405 19.48 11.03 -14.01
C GLY B 405 19.64 11.87 -12.74
N ALA B 406 20.88 12.23 -12.44
CA ALA B 406 21.21 12.97 -11.23
C ALA B 406 21.01 14.46 -11.45
N PHE B 407 21.22 14.93 -12.70
CA PHE B 407 21.43 16.35 -12.91
C PHE B 407 20.56 17.06 -13.93
N GLU B 408 19.73 16.41 -14.76
CA GLU B 408 18.78 17.09 -15.59
C GLU B 408 17.49 17.31 -14.78
N HIS B 409 17.31 18.54 -14.29
CA HIS B 409 16.29 18.79 -13.26
C HIS B 409 15.03 19.51 -13.80
N HIS B 410 15.05 19.92 -15.07
CA HIS B 410 13.89 20.62 -15.61
C HIS B 410 12.62 19.78 -15.61
N VAL B 411 12.73 18.48 -15.57
CA VAL B 411 11.56 17.67 -15.65
C VAL B 411 10.51 18.06 -14.59
N THR B 412 10.94 18.52 -13.41
CA THR B 412 10.03 18.87 -12.34
C THR B 412 9.20 20.07 -12.80
N GLY B 413 9.84 20.99 -13.43
CA GLY B 413 9.05 22.15 -13.94
C GLY B 413 8.11 21.73 -15.12
N ASP B 414 8.59 20.81 -15.97
CA ASP B 414 7.83 20.28 -17.11
C ASP B 414 6.52 19.64 -16.62
N VAL B 415 6.56 18.75 -15.59
CA VAL B 415 5.36 18.23 -14.92
C VAL B 415 4.44 19.36 -14.43
N ALA B 416 4.95 20.45 -13.83
CA ALA B 416 4.10 21.50 -13.28
C ALA B 416 3.41 22.25 -14.41
N ILE B 417 4.14 22.44 -15.53
CA ILE B 417 3.58 23.15 -16.68
C ILE B 417 2.39 22.39 -17.22
N ALA B 418 2.53 21.10 -17.36
CA ALA B 418 1.48 20.37 -18.01
C ALA B 418 0.29 20.29 -17.07
N ALA B 419 0.57 20.17 -15.76
CA ALA B 419 -0.54 20.18 -14.80
C ALA B 419 -1.33 21.49 -14.91
N TRP B 420 -0.64 22.61 -14.95
CA TRP B 420 -1.35 23.88 -15.05
C TRP B 420 -2.11 23.93 -16.36
N GLN B 421 -1.43 23.51 -17.46
CA GLN B 421 -2.11 23.55 -18.76
C GLN B 421 -3.39 22.74 -18.73
N TYR B 422 -3.36 21.54 -18.17
CA TYR B 422 -4.60 20.78 -18.01
C TYR B 422 -5.73 21.66 -17.48
N TYR B 423 -5.45 22.35 -16.39
CA TYR B 423 -6.45 23.23 -15.79
C TYR B 423 -6.91 24.29 -16.74
N LEU B 424 -5.95 24.86 -17.49
CA LEU B 424 -6.36 25.99 -18.32
C LEU B 424 -7.34 25.51 -19.39
N VAL B 425 -7.08 24.36 -19.99
CA VAL B 425 -7.86 23.88 -21.12
C VAL B 425 -9.18 23.30 -20.61
N THR B 426 -9.20 22.55 -19.48
CA THR B 426 -10.45 21.98 -19.02
C THR B 426 -11.25 22.92 -18.09
N GLY B 427 -10.59 23.87 -17.40
CA GLY B 427 -11.26 24.65 -16.36
C GLY B 427 -11.82 23.76 -15.23
N ASP B 428 -11.32 22.51 -15.02
CA ASP B 428 -11.87 21.74 -13.90
C ASP B 428 -11.23 22.10 -12.53
N LYS B 429 -11.81 22.99 -11.77
CA LYS B 429 -11.21 23.46 -10.53
C LYS B 429 -11.28 22.38 -9.47
N GLU B 430 -12.11 21.36 -9.67
CA GLU B 430 -12.19 20.22 -8.76
C GLU B 430 -10.94 19.34 -8.90
N TRP B 431 -10.51 19.17 -10.15
CA TRP B 431 -9.24 18.50 -10.37
C TRP B 431 -8.08 19.39 -9.94
N LEU B 432 -8.17 20.73 -10.06
CA LEU B 432 -7.03 21.56 -9.68
C LEU B 432 -6.80 21.42 -8.17
N LYS B 433 -7.91 21.39 -7.41
CA LYS B 433 -7.82 21.36 -5.97
C LYS B 433 -7.26 20.00 -5.49
N GLU B 434 -7.74 18.91 -6.07
CA GLU B 434 -7.38 17.56 -5.63
C GLU B 434 -6.02 17.08 -6.18
N LYS B 435 -5.61 17.45 -7.39
CA LYS B 435 -4.47 16.85 -8.09
C LYS B 435 -3.50 17.91 -8.62
N GLY B 436 -4.02 18.96 -9.24
CA GLY B 436 -3.13 19.96 -9.79
C GLY B 436 -2.35 20.73 -8.74
N TRP B 437 -3.07 21.36 -7.81
CA TRP B 437 -2.40 22.00 -6.70
C TRP B 437 -1.42 21.11 -5.92
N PRO B 438 -1.71 19.87 -5.48
CA PRO B 438 -0.64 19.12 -4.82
C PRO B 438 0.64 19.09 -5.68
N ILE B 439 0.48 18.94 -7.00
CA ILE B 439 1.65 18.92 -7.86
C ILE B 439 2.32 20.28 -7.87
N LEU B 440 1.58 21.33 -8.10
CA LEU B 440 2.16 22.63 -8.28
C LEU B 440 2.82 23.11 -7.01
N LYS B 441 2.12 22.92 -5.88
CA LYS B 441 2.69 23.30 -4.62
C LYS B 441 4.03 22.57 -4.41
N ALA B 442 4.05 21.24 -4.51
CA ALA B 442 5.28 20.53 -4.15
C ALA B 442 6.46 20.85 -5.09
N THR B 443 6.16 20.97 -6.41
CA THR B 443 7.20 21.32 -7.39
C THR B 443 7.72 22.73 -7.14
N ALA B 444 6.82 23.61 -6.74
CA ALA B 444 7.33 24.92 -6.49
C ALA B 444 8.19 24.95 -5.23
N GLU B 445 7.81 24.16 -4.22
CA GLU B 445 8.65 24.03 -3.03
C GLU B 445 10.06 23.47 -3.36
N PHE B 446 10.10 22.58 -4.35
CA PHE B 446 11.36 22.09 -4.90
C PHE B 446 12.20 23.20 -5.50
N TRP B 447 11.58 24.06 -6.34
CA TRP B 447 12.37 25.10 -6.98
C TRP B 447 12.80 26.16 -5.98
N ALA B 448 11.92 26.53 -5.04
CA ALA B 448 12.30 27.46 -4.02
C ALA B 448 13.54 27.03 -3.23
N SER B 449 13.69 25.73 -3.04
CA SER B 449 14.80 25.10 -2.34
C SER B 449 15.99 24.82 -3.27
N ARG B 450 15.77 24.85 -4.59
CA ARG B 450 16.79 24.47 -5.57
C ARG B 450 17.64 25.69 -5.96
N VAL B 451 17.08 26.91 -5.92
CA VAL B 451 17.81 28.09 -6.32
C VAL B 451 18.80 28.54 -5.21
N GLU B 452 19.80 29.33 -5.65
CA GLU B 452 20.75 30.03 -4.78
C GLU B 452 20.78 31.52 -5.11
N LYS B 453 20.62 32.38 -4.09
CA LYS B 453 20.60 33.80 -4.31
C LYS B 453 22.06 34.26 -4.33
N ASN B 454 22.39 35.18 -5.21
CA ASN B 454 23.76 35.69 -5.25
C ASN B 454 23.81 37.10 -4.68
N ASP B 455 25.03 37.64 -4.63
CA ASP B 455 25.32 38.96 -4.10
C ASP B 455 24.41 40.02 -4.71
N LYS B 456 24.03 39.85 -5.98
CA LYS B 456 23.34 40.92 -6.67
C LYS B 456 21.83 40.76 -6.53
N GLY B 457 21.41 39.74 -5.79
CA GLY B 457 20.00 39.50 -5.58
C GLY B 457 19.34 38.66 -6.68
N GLU B 458 20.13 38.06 -7.56
CA GLU B 458 19.57 37.26 -8.65
C GLU B 458 19.46 35.86 -8.10
N TYR B 459 18.52 35.06 -8.62
CA TYR B 459 18.54 33.63 -8.30
C TYR B 459 19.16 32.81 -9.44
N GLU B 460 19.94 31.81 -9.04
CA GLU B 460 20.66 30.96 -9.98
C GLU B 460 20.31 29.53 -9.68
N ILE B 461 20.42 28.68 -10.70
CA ILE B 461 20.26 27.25 -10.55
C ILE B 461 21.54 26.67 -11.13
N LYS B 462 22.43 26.20 -10.25
CA LYS B 462 23.78 25.77 -10.62
C LYS B 462 23.86 24.26 -10.69
N ASN B 463 24.72 23.81 -11.59
CA ASN B 463 25.13 22.42 -11.73
C ASN B 463 23.97 21.53 -12.22
N VAL B 464 23.60 21.63 -13.51
CA VAL B 464 22.56 20.84 -14.13
C VAL B 464 23.10 20.28 -15.42
N VAL B 465 22.36 19.31 -15.97
CA VAL B 465 22.45 18.97 -17.38
C VAL B 465 21.30 19.69 -18.12
N ALA B 466 21.67 20.38 -19.20
CA ALA B 466 20.74 21.20 -19.94
C ALA B 466 19.79 20.32 -20.76
N ALA B 467 18.70 20.94 -21.21
CA ALA B 467 17.84 20.29 -22.20
C ALA B 467 18.69 19.92 -23.43
N ASP B 468 19.59 20.84 -23.83
CA ASP B 468 20.75 20.45 -24.62
C ASP B 468 21.67 19.56 -23.78
N GLU B 469 21.43 18.24 -23.89
CA GLU B 469 22.08 17.31 -22.97
C GLU B 469 23.59 17.23 -23.17
N TRP B 470 24.14 17.76 -24.27
CA TRP B 470 25.58 17.77 -24.51
C TRP B 470 26.29 18.66 -23.49
N ALA B 471 25.57 19.64 -22.93
CA ALA B 471 26.04 20.53 -21.89
C ALA B 471 25.73 19.96 -20.52
N GLU B 472 26.80 19.45 -19.87
CA GLU B 472 26.68 18.68 -18.65
C GLU B 472 27.41 19.40 -17.52
N ASN B 473 26.72 19.52 -16.37
CA ASN B 473 27.36 20.08 -15.17
C ASN B 473 27.77 21.54 -15.39
N ILE B 474 26.77 22.27 -15.93
CA ILE B 474 26.84 23.69 -16.19
C ILE B 474 25.84 24.46 -15.34
N ASP B 475 25.81 25.80 -15.48
CA ASP B 475 25.01 26.61 -14.57
C ASP B 475 24.07 27.53 -15.34
N ASN B 476 22.86 27.72 -14.84
CA ASN B 476 21.91 28.66 -15.41
C ASN B 476 21.52 28.28 -16.86
N ASN B 477 21.22 27.05 -17.04
CA ASN B 477 20.61 26.60 -18.30
C ASN B 477 19.33 27.40 -18.57
N ALA B 478 19.23 28.01 -19.76
CA ALA B 478 18.08 28.80 -20.17
C ALA B 478 16.79 27.98 -20.02
N TYR B 479 16.72 26.76 -20.52
CA TYR B 479 15.42 26.11 -20.48
C TYR B 479 15.08 25.76 -19.02
N THR B 480 16.07 25.15 -18.33
CA THR B 480 15.84 24.78 -16.96
C THR B 480 15.38 26.00 -16.17
N ASN B 481 16.04 27.14 -16.36
CA ASN B 481 15.69 28.32 -15.60
C ASN B 481 14.27 28.80 -15.92
N GLY B 482 13.91 28.75 -17.21
CA GLY B 482 12.56 29.07 -17.67
C GLY B 482 11.46 28.19 -17.08
N THR B 483 11.68 26.86 -16.96
CA THR B 483 10.66 26.00 -16.36
C THR B 483 10.50 26.29 -14.85
N ALA B 484 11.58 26.75 -14.20
CA ALA B 484 11.51 27.02 -12.78
C ALA B 484 10.66 28.28 -12.62
N ILE B 485 10.96 29.25 -13.47
CA ILE B 485 10.12 30.46 -13.45
C ILE B 485 8.63 30.13 -13.64
N ARG B 486 8.30 29.40 -14.72
CA ARG B 486 6.91 29.04 -14.95
C ARG B 486 6.31 28.29 -13.76
N ASN B 487 6.98 27.23 -13.33
CA ASN B 487 6.51 26.45 -12.19
C ASN B 487 6.15 27.32 -10.99
N LEU B 488 6.95 28.36 -10.67
CA LEU B 488 6.71 29.13 -9.48
C LEU B 488 5.53 30.08 -9.76
N GLN B 489 5.42 30.54 -10.99
CA GLN B 489 4.35 31.49 -11.33
C GLN B 489 3.00 30.77 -11.38
N TYR B 490 2.98 29.57 -11.96
CA TYR B 490 1.74 28.82 -12.10
C TYR B 490 1.28 28.33 -10.72
N ALA B 491 2.20 27.89 -9.86
CA ALA B 491 1.74 27.47 -8.52
C ALA B 491 1.10 28.66 -7.78
N SER B 492 1.65 29.85 -7.99
CA SER B 492 1.13 31.05 -7.36
C SER B 492 -0.24 31.37 -7.94
N LYS B 493 -0.40 31.19 -9.27
CA LYS B 493 -1.68 31.50 -9.91
C LYS B 493 -2.69 30.51 -9.40
N CYS B 494 -2.25 29.26 -9.25
CA CYS B 494 -3.18 28.26 -8.75
C CYS B 494 -3.62 28.54 -7.32
N ALA B 495 -2.66 28.87 -6.43
CA ALA B 495 -3.10 29.22 -5.08
C ALA B 495 -4.20 30.30 -5.13
N THR B 496 -4.08 31.35 -5.96
CA THR B 496 -5.13 32.36 -6.08
C THR B 496 -6.48 31.80 -6.56
N VAL B 497 -6.48 30.98 -7.60
CA VAL B 497 -7.69 30.34 -8.05
C VAL B 497 -8.37 29.65 -6.85
N LEU B 498 -7.61 28.88 -6.05
CA LEU B 498 -8.15 28.08 -4.97
C LEU B 498 -8.33 28.86 -3.66
N GLY B 499 -8.05 30.17 -3.63
CA GLY B 499 -8.18 30.96 -2.43
C GLY B 499 -7.21 30.60 -1.31
N VAL B 500 -6.00 30.13 -1.65
CA VAL B 500 -5.00 29.72 -0.65
C VAL B 500 -3.84 30.71 -0.70
N ILE B 501 -3.11 30.89 0.43
CA ILE B 501 -1.96 31.79 0.47
C ILE B 501 -0.74 31.02 0.00
N ALA B 502 -0.09 31.54 -1.05
CA ALA B 502 1.17 30.98 -1.54
C ALA B 502 2.30 31.72 -0.83
N PRO B 503 3.46 31.09 -0.56
CA PRO B 503 4.70 31.76 -0.13
C PRO B 503 5.05 32.89 -1.09
N LYS B 504 5.20 34.09 -0.55
CA LYS B 504 5.49 35.26 -1.37
C LYS B 504 6.84 35.11 -2.06
N GLU B 505 7.65 34.17 -1.55
CA GLU B 505 9.00 33.92 -2.02
C GLU B 505 8.92 33.39 -3.46
N TRP B 506 7.84 32.67 -3.81
CA TRP B 506 7.70 32.03 -5.11
C TRP B 506 7.74 33.05 -6.25
N THR B 507 6.97 34.14 -6.15
CA THR B 507 7.05 35.22 -7.12
C THR B 507 8.38 36.01 -7.07
N LEU B 508 8.91 36.31 -5.86
CA LEU B 508 10.18 37.01 -5.68
C LEU B 508 11.33 36.30 -6.41
N ILE B 509 11.34 34.97 -6.29
CA ILE B 509 12.29 34.11 -6.96
C ILE B 509 12.09 34.12 -8.48
N ALA B 510 10.83 33.93 -8.97
CA ALA B 510 10.51 33.76 -10.39
C ALA B 510 10.99 34.99 -11.18
N ASP B 511 10.80 36.12 -10.51
CA ASP B 511 11.07 37.43 -11.11
C ASP B 511 12.58 37.72 -11.22
N LYS B 512 13.43 37.03 -10.45
CA LYS B 512 14.86 37.31 -10.44
C LYS B 512 15.68 36.07 -10.84
N ILE B 513 15.05 34.99 -11.28
CA ILE B 513 15.82 33.87 -11.84
C ILE B 513 16.49 34.36 -13.13
N LEU B 514 17.80 34.08 -13.27
CA LEU B 514 18.63 34.64 -14.35
C LEU B 514 18.33 33.98 -15.70
N ILE B 515 18.00 34.82 -16.70
CA ILE B 515 18.04 34.45 -18.11
C ILE B 515 18.85 35.51 -18.88
N SER B 516 20.03 35.17 -19.44
CA SER B 516 20.98 36.15 -19.98
C SER B 516 21.02 36.12 -21.50
N LYS B 517 21.48 37.24 -22.10
CA LYS B 517 21.80 37.30 -23.53
C LYS B 517 23.30 37.50 -23.72
N MET B 518 23.84 37.00 -24.83
CA MET B 518 25.23 37.14 -25.20
C MET B 518 25.37 38.49 -25.90
N SER B 519 26.56 38.86 -26.34
CA SER B 519 26.76 40.21 -26.85
C SER B 519 26.17 40.39 -28.24
N ASN B 520 25.96 39.30 -28.95
CA ASN B 520 25.25 39.30 -30.21
C ASN B 520 23.72 39.37 -30.04
N GLY B 521 23.24 39.51 -28.78
CA GLY B 521 21.83 39.69 -28.46
C GLY B 521 21.04 38.38 -28.45
N VAL B 522 21.77 37.26 -28.48
CA VAL B 522 21.19 35.93 -28.48
C VAL B 522 21.15 35.43 -27.04
N THR B 523 20.03 34.76 -26.70
CA THR B 523 19.85 34.14 -25.41
C THR B 523 20.96 33.09 -25.23
N ARG B 524 21.67 33.20 -24.11
CA ARG B 524 22.78 32.33 -23.82
C ARG B 524 22.21 31.04 -23.23
N GLU B 525 22.64 29.89 -23.74
CA GLU B 525 22.01 28.67 -23.32
C GLU B 525 22.35 28.29 -21.87
N HIS B 526 23.56 28.64 -21.45
CA HIS B 526 24.05 28.37 -20.11
C HIS B 526 25.32 29.19 -19.90
N ASP B 527 25.86 29.19 -18.68
CA ASP B 527 26.88 30.14 -18.25
C ASP B 527 28.24 29.93 -18.96
N SER B 528 28.46 28.70 -19.38
CA SER B 528 29.60 28.27 -20.19
C SER B 528 29.35 28.34 -21.71
N TYR B 529 28.22 28.91 -22.19
CA TYR B 529 27.86 28.83 -23.61
C TYR B 529 28.42 30.07 -24.31
N THR B 530 29.14 29.79 -25.43
CA THR B 530 29.62 30.81 -26.38
C THR B 530 29.09 30.48 -27.79
N ASP B 531 29.51 29.33 -28.35
CA ASP B 531 29.24 29.05 -29.77
C ASP B 531 29.08 27.55 -30.04
N GLN B 532 28.88 26.73 -28.99
CA GLN B 532 28.97 25.28 -29.16
C GLN B 532 27.77 24.76 -29.98
N ASN B 533 28.01 23.65 -30.68
CA ASN B 533 26.92 22.82 -31.21
C ASN B 533 26.06 22.31 -30.06
N ILE B 534 24.75 22.15 -30.30
CA ILE B 534 23.80 21.74 -29.26
C ILE B 534 22.99 20.53 -29.74
N LYS B 535 22.50 19.73 -28.78
CA LYS B 535 21.98 18.43 -29.13
C LYS B 535 20.59 18.58 -29.75
N GLN B 536 19.87 19.59 -29.22
CA GLN B 536 18.47 19.79 -29.46
C GLN B 536 18.07 21.16 -28.88
N ALA B 537 16.82 21.58 -29.17
CA ALA B 537 16.33 22.90 -28.80
C ALA B 537 16.30 23.07 -27.27
N ASP B 538 16.71 24.27 -26.85
CA ASP B 538 16.80 24.60 -25.42
C ASP B 538 16.41 26.06 -25.27
N ALA B 539 17.28 27.00 -25.68
CA ALA B 539 16.93 28.40 -25.55
C ALA B 539 15.69 28.75 -26.37
N ASN B 540 15.52 28.10 -27.52
CA ASN B 540 14.38 28.34 -28.41
C ASN B 540 13.03 27.95 -27.75
N LEU B 541 13.10 27.00 -26.79
CA LEU B 541 11.92 26.61 -26.01
C LEU B 541 11.39 27.73 -25.09
N LEU B 542 12.17 28.80 -24.80
CA LEU B 542 11.63 29.92 -24.03
C LEU B 542 10.63 30.70 -24.86
N ALA B 543 10.74 30.61 -26.17
CA ALA B 543 9.76 31.24 -27.04
C ALA B 543 8.52 30.35 -27.09
N TYR B 544 8.71 29.04 -27.32
CA TYR B 544 7.59 28.14 -27.36
C TYR B 544 8.17 26.83 -26.90
N PRO B 545 7.55 26.14 -25.92
CA PRO B 545 6.26 26.48 -25.32
C PRO B 545 6.14 27.50 -24.18
N LEU B 546 7.26 27.98 -23.63
CA LEU B 546 7.18 28.60 -22.34
C LEU B 546 6.65 30.01 -22.53
N LYS B 547 6.87 30.57 -23.71
CA LYS B 547 6.43 31.93 -24.02
C LYS B 547 6.87 33.00 -23.01
N LEU B 548 8.07 32.82 -22.45
CA LEU B 548 8.77 33.84 -21.68
C LEU B 548 9.41 34.88 -22.61
N ILE B 549 9.77 34.44 -23.84
CA ILE B 549 10.25 35.34 -24.88
C ILE B 549 9.13 35.51 -25.91
N THR B 550 8.53 36.71 -26.00
CA THR B 550 7.39 36.93 -26.88
C THR B 550 7.69 38.07 -27.88
N ASP B 551 8.82 38.80 -27.68
CA ASP B 551 9.31 39.82 -28.63
C ASP B 551 9.76 39.13 -29.94
N LYS B 552 9.07 39.40 -31.06
CA LYS B 552 9.34 38.66 -32.29
C LYS B 552 10.78 38.76 -32.81
N GLU B 553 11.44 39.93 -32.61
CA GLU B 553 12.85 40.15 -32.97
C GLU B 553 13.76 39.19 -32.17
N GLN B 554 13.50 39.04 -30.86
CA GLN B 554 14.31 38.18 -30.01
C GLN B 554 14.11 36.74 -30.42
N ILE B 555 12.86 36.40 -30.79
CA ILE B 555 12.53 35.01 -31.17
C ILE B 555 13.32 34.64 -32.43
N GLU B 556 13.24 35.58 -33.38
CA GLU B 556 13.95 35.46 -34.63
C GLU B 556 15.47 35.45 -34.39
N ARG B 557 16.04 36.35 -33.52
CA ARG B 557 17.48 36.35 -33.23
C ARG B 557 17.94 34.94 -32.79
N ASP B 558 17.17 34.39 -31.85
CA ASP B 558 17.50 33.12 -31.24
C ASP B 558 17.32 31.94 -32.22
N LEU B 559 16.30 32.01 -33.11
CA LEU B 559 16.10 30.98 -34.13
C LEU B 559 17.31 30.95 -35.07
N LYS B 560 17.65 32.12 -35.63
CA LYS B 560 18.68 32.16 -36.64
C LYS B 560 20.00 31.66 -36.06
N TYR B 561 20.28 31.99 -34.78
CA TYR B 561 21.51 31.57 -34.14
C TYR B 561 21.52 30.04 -33.96
N TYR B 562 20.55 29.52 -33.21
CA TYR B 562 20.57 28.13 -32.78
C TYR B 562 20.27 27.16 -33.95
N GLN B 563 19.57 27.61 -35.01
CA GLN B 563 19.17 26.65 -36.05
C GLN B 563 20.45 26.16 -36.77
N THR B 564 21.57 26.86 -36.62
CA THR B 564 22.81 26.43 -37.25
C THR B 564 23.62 25.48 -36.36
N LYS B 565 23.19 25.25 -35.11
CA LYS B 565 24.03 24.67 -34.09
C LYS B 565 23.64 23.21 -33.90
N ILE B 566 22.60 22.72 -34.61
CA ILE B 566 22.14 21.35 -34.47
C ILE B 566 22.79 20.44 -35.54
N PRO B 567 23.72 19.52 -35.20
CA PRO B 567 24.30 18.66 -36.22
C PRO B 567 23.28 17.77 -36.91
N GLN B 568 23.66 17.23 -38.08
CA GLN B 568 22.75 16.31 -38.77
C GLN B 568 22.62 14.99 -38.03
N SER B 569 23.73 14.49 -37.45
CA SER B 569 23.76 13.18 -36.80
C SER B 569 23.57 13.26 -35.28
N ASP B 570 22.90 12.24 -34.77
CA ASP B 570 22.85 11.92 -33.34
C ASP B 570 22.03 12.96 -32.59
N THR B 571 21.21 13.72 -33.33
CA THR B 571 20.37 14.72 -32.71
C THR B 571 18.91 14.28 -32.83
N PRO B 572 18.16 14.18 -31.71
CA PRO B 572 16.83 13.61 -31.68
C PRO B 572 15.77 14.59 -32.16
N ALA B 573 14.59 14.05 -32.53
CA ALA B 573 13.53 14.86 -33.11
C ALA B 573 12.77 15.63 -32.01
N MET B 574 13.49 16.60 -31.42
CA MET B 574 13.01 17.44 -30.33
C MET B 574 13.51 18.85 -30.55
N THR B 575 13.36 19.29 -31.82
CA THR B 575 13.98 20.52 -32.26
C THR B 575 13.26 21.17 -33.45
N GLN B 576 13.37 20.56 -34.63
CA GLN B 576 12.95 21.21 -35.86
C GLN B 576 11.45 21.50 -35.85
N ALA B 577 10.68 20.70 -35.10
CA ALA B 577 9.25 20.95 -35.04
C ALA B 577 9.01 22.32 -34.40
N ILE B 578 9.87 22.62 -33.39
CA ILE B 578 9.81 23.91 -32.71
C ILE B 578 10.21 25.01 -33.65
N PHE B 579 11.34 24.84 -34.36
CA PHE B 579 11.68 25.84 -35.37
C PHE B 579 10.49 26.13 -36.27
N SER B 580 9.81 25.09 -36.75
CA SER B 580 8.69 25.21 -37.70
C SER B 580 7.61 26.09 -37.14
N LEU B 581 7.30 25.77 -35.87
CA LEU B 581 6.18 26.30 -35.13
C LEU B 581 6.41 27.81 -34.97
N LEU B 582 7.60 28.20 -34.48
CA LEU B 582 7.94 29.60 -34.29
C LEU B 582 7.92 30.29 -35.64
N TYR B 583 8.42 29.62 -36.70
CA TYR B 583 8.36 30.29 -38.03
C TYR B 583 6.91 30.48 -38.50
N SER B 584 5.97 29.54 -38.24
CA SER B 584 4.56 29.78 -38.53
C SER B 584 4.05 30.96 -37.71
N ARG B 585 4.52 31.14 -36.46
CA ARG B 585 3.99 32.20 -35.62
C ARG B 585 4.54 33.56 -36.08
N LEU B 586 5.73 33.54 -36.68
CA LEU B 586 6.27 34.73 -37.35
C LEU B 586 5.76 34.91 -38.79
N GLU B 587 4.86 34.02 -39.28
CA GLU B 587 4.23 34.06 -40.59
C GLU B 587 5.22 33.98 -41.76
N ASP B 588 6.21 33.09 -41.62
CA ASP B 588 7.18 32.73 -42.63
C ASP B 588 6.90 31.29 -43.08
N SER B 589 6.05 31.22 -44.11
CA SER B 589 5.57 30.00 -44.71
C SER B 589 6.71 29.10 -45.16
N ASP B 590 7.65 29.64 -45.96
CA ASP B 590 8.62 28.77 -46.61
C ASP B 590 9.49 28.08 -45.57
N GLN B 591 9.92 28.85 -44.57
CA GLN B 591 10.82 28.34 -43.53
C GLN B 591 10.11 27.37 -42.59
N ALA B 592 8.88 27.73 -42.20
CA ALA B 592 8.06 26.83 -41.37
C ALA B 592 7.88 25.47 -42.04
N TYR B 593 7.60 25.48 -43.35
CA TYR B 593 7.39 24.22 -44.07
C TYR B 593 8.71 23.48 -44.23
N HIS B 594 9.82 24.21 -44.45
CA HIS B 594 11.14 23.59 -44.52
C HIS B 594 11.43 22.83 -43.23
N TRP B 595 11.21 23.50 -42.08
CA TRP B 595 11.50 22.86 -40.79
C TRP B 595 10.46 21.78 -40.41
N PHE B 596 9.19 21.94 -40.80
CA PHE B 596 8.23 20.86 -40.66
C PHE B 596 8.70 19.54 -41.33
N LYS B 597 9.12 19.59 -42.61
CA LYS B 597 9.59 18.38 -43.22
C LYS B 597 10.86 17.88 -42.53
N ASP B 598 11.78 18.78 -42.21
CA ASP B 598 13.09 18.39 -41.74
C ASP B 598 12.98 17.66 -40.40
N ALA B 599 11.91 17.96 -39.66
CA ALA B 599 11.62 17.40 -38.34
C ALA B 599 11.42 15.90 -38.35
N TYR B 600 10.96 15.29 -39.47
CA TYR B 600 10.63 13.86 -39.43
C TYR B 600 11.01 13.09 -40.70
N GLN B 601 10.88 13.66 -41.90
CA GLN B 601 11.19 13.03 -43.20
C GLN B 601 12.59 12.38 -43.25
N PRO B 602 13.66 13.03 -42.73
CA PRO B 602 14.96 12.39 -42.60
C PRO B 602 15.11 11.25 -41.61
N ASN B 603 14.05 10.99 -40.83
CA ASN B 603 14.03 10.03 -39.72
C ASN B 603 13.22 8.77 -40.04
N LEU B 604 12.73 8.63 -41.30
CA LEU B 604 11.68 7.66 -41.60
C LEU B 604 12.31 6.30 -41.94
N ASN B 605 11.59 5.23 -41.63
CA ASN B 605 11.99 3.88 -41.90
C ASN B 605 10.94 3.16 -42.72
N PRO B 606 11.36 2.37 -43.75
CA PRO B 606 10.44 1.68 -44.66
C PRO B 606 9.92 0.42 -44.00
N PRO B 607 8.80 -0.17 -44.46
CA PRO B 607 8.01 0.30 -45.60
C PRO B 607 6.79 1.16 -45.24
N PHE B 608 6.60 1.48 -43.93
CA PHE B 608 5.42 2.18 -43.40
C PHE B 608 5.66 3.66 -42.99
N ARG B 609 6.88 4.18 -43.26
CA ARG B 609 7.22 5.55 -42.87
C ARG B 609 7.08 5.74 -41.36
N VAL B 610 7.51 4.73 -40.61
CA VAL B 610 7.61 4.93 -39.16
C VAL B 610 8.76 5.92 -38.86
N ILE B 611 8.76 6.55 -37.66
CA ILE B 611 9.75 7.57 -37.32
C ILE B 611 10.81 7.06 -36.35
N SER B 612 12.11 7.24 -36.70
CA SER B 612 13.23 7.00 -35.80
C SER B 612 13.55 8.26 -34.97
N GLU B 613 14.33 8.05 -33.90
CA GLU B 613 14.64 9.15 -32.99
C GLU B 613 15.44 10.28 -33.67
N CYS B 614 16.44 9.89 -34.47
CA CYS B 614 17.39 10.81 -35.12
C CYS B 614 17.40 10.59 -36.64
N LYS B 615 18.01 11.56 -37.34
CA LYS B 615 18.11 11.47 -38.80
C LYS B 615 18.88 10.22 -39.20
N GLY B 616 18.28 9.43 -40.12
CA GLY B 616 18.86 8.19 -40.58
C GLY B 616 18.98 7.11 -39.52
N GLY B 617 18.26 7.27 -38.42
CA GLY B 617 18.26 6.31 -37.31
C GLY B 617 17.45 5.05 -37.65
N THR B 618 17.49 4.03 -36.78
CA THR B 618 16.88 2.72 -37.02
C THR B 618 16.25 2.14 -35.76
N ASN B 619 15.64 3.02 -34.96
CA ASN B 619 15.04 2.71 -33.68
C ASN B 619 13.63 3.31 -33.57
N PRO B 620 12.73 3.08 -34.57
CA PRO B 620 11.34 3.54 -34.44
C PRO B 620 10.60 2.78 -33.34
N TYR B 621 9.44 3.27 -32.89
CA TYR B 621 8.71 4.47 -33.37
C TYR B 621 8.82 5.54 -32.26
N PHE B 622 9.47 6.65 -32.60
CA PHE B 622 9.77 7.77 -31.70
C PHE B 622 8.54 8.66 -31.61
N SER B 623 7.58 8.29 -30.76
N SER B 623 7.61 8.24 -30.76
CA SER B 623 6.34 9.03 -30.65
CA SER B 623 6.35 8.91 -30.52
C SER B 623 6.55 10.44 -30.06
C SER B 623 6.56 10.38 -30.06
N THR B 624 7.64 10.63 -29.29
CA THR B 624 8.04 11.97 -28.94
C THR B 624 8.14 12.91 -30.15
N GLY B 625 8.79 12.40 -31.21
CA GLY B 625 8.93 13.10 -32.49
C GLY B 625 7.60 13.48 -33.12
N ALA B 626 6.69 12.53 -33.11
CA ALA B 626 5.36 12.72 -33.67
C ALA B 626 4.60 13.81 -32.92
N GLY B 627 4.81 13.79 -31.62
CA GLY B 627 4.15 14.73 -30.73
C GLY B 627 4.61 16.14 -31.04
N GLY B 628 5.91 16.34 -31.20
CA GLY B 628 6.31 17.70 -31.56
C GLY B 628 5.77 18.09 -32.92
N VAL B 629 5.82 17.21 -33.92
CA VAL B 629 5.35 17.61 -35.26
C VAL B 629 3.86 17.97 -35.24
N LEU B 630 3.10 17.24 -34.40
CA LEU B 630 1.69 17.52 -34.29
C LEU B 630 1.52 18.91 -33.72
N GLN B 631 2.44 19.32 -32.79
CA GLN B 631 2.36 20.70 -32.33
C GLN B 631 2.69 21.66 -33.47
N ALA B 632 3.75 21.43 -34.25
CA ALA B 632 3.99 22.30 -35.41
C ALA B 632 2.74 22.44 -36.30
N VAL B 633 1.95 21.38 -36.42
CA VAL B 633 0.76 21.42 -37.28
C VAL B 633 -0.38 22.20 -36.61
N ILE B 634 -0.71 21.88 -35.37
CA ILE B 634 -1.90 22.38 -34.67
C ILE B 634 -1.63 23.79 -34.11
N MET B 635 -0.51 23.94 -33.39
CA MET B 635 -0.21 25.21 -32.76
C MET B 635 0.51 26.11 -33.76
N GLY B 636 1.22 25.52 -34.72
CA GLY B 636 1.97 26.26 -35.71
C GLY B 636 1.13 26.69 -36.91
N PHE B 637 0.83 25.74 -37.80
CA PHE B 637 0.01 26.08 -38.97
C PHE B 637 -1.43 26.47 -38.58
N GLY B 638 -1.98 25.82 -37.56
CA GLY B 638 -3.35 26.08 -37.12
C GLY B 638 -3.47 27.32 -36.24
N GLY B 639 -2.33 27.78 -35.70
CA GLY B 639 -2.23 28.94 -34.84
C GLY B 639 -2.93 28.75 -33.50
N LEU B 640 -3.13 27.48 -33.09
CA LEU B 640 -3.88 27.26 -31.86
C LEU B 640 -2.90 27.34 -30.68
N ASP B 641 -3.42 27.77 -29.53
CA ASP B 641 -2.63 28.23 -28.40
C ASP B 641 -3.48 28.01 -27.15
N ILE B 642 -2.86 27.49 -26.09
CA ILE B 642 -3.44 27.54 -24.77
C ILE B 642 -3.29 28.97 -24.24
N ASP B 643 -4.42 29.58 -24.00
CA ASP B 643 -4.60 30.91 -23.45
C ASP B 643 -4.22 30.95 -21.99
N ALA B 644 -3.19 31.75 -21.67
CA ALA B 644 -2.72 31.98 -20.31
C ALA B 644 -3.92 32.29 -19.39
N ALA B 645 -5.05 32.74 -19.94
CA ALA B 645 -6.18 33.03 -19.09
C ALA B 645 -7.30 31.99 -19.12
N GLY B 646 -7.12 30.86 -19.81
CA GLY B 646 -8.17 29.86 -19.92
C GLY B 646 -8.57 29.52 -21.36
N GLY B 647 -8.67 28.21 -21.65
CA GLY B 647 -9.19 27.70 -22.91
C GLY B 647 -8.19 27.90 -24.06
N ILE B 648 -8.69 27.70 -25.31
CA ILE B 648 -7.85 27.64 -26.50
C ILE B 648 -8.15 28.90 -27.32
N LYS B 649 -7.10 29.52 -27.86
CA LYS B 649 -7.26 30.72 -28.65
C LYS B 649 -6.55 30.47 -29.99
N GLN B 650 -6.72 31.41 -30.92
CA GLN B 650 -6.05 31.27 -32.19
C GLN B 650 -5.23 32.52 -32.48
N VAL B 651 -3.93 32.32 -32.75
CA VAL B 651 -3.03 33.43 -33.09
C VAL B 651 -2.75 33.40 -34.61
N LYS B 652 -2.17 34.47 -35.14
CA LYS B 652 -1.74 34.44 -36.54
C LYS B 652 -0.88 33.23 -36.89
N SER B 653 -1.11 32.74 -38.13
CA SER B 653 -0.38 31.61 -38.69
C SER B 653 -0.28 31.72 -40.20
N VAL B 654 0.55 30.85 -40.79
CA VAL B 654 0.57 30.63 -42.22
C VAL B 654 0.52 29.13 -42.48
N LEU B 655 0.16 28.79 -43.73
CA LEU B 655 0.11 27.41 -44.19
C LEU B 655 1.26 27.23 -45.17
N PRO B 656 1.73 25.99 -45.39
CA PRO B 656 2.61 25.72 -46.55
C PRO B 656 1.89 26.16 -47.82
N LYS B 657 2.66 26.72 -48.76
CA LYS B 657 2.14 27.20 -50.04
C LYS B 657 1.20 26.17 -50.68
N ASN B 658 1.61 24.90 -50.61
CA ASN B 658 1.04 23.81 -51.39
C ASN B 658 -0.15 23.18 -50.64
N TRP B 659 -0.37 23.54 -49.37
CA TRP B 659 -1.59 23.17 -48.65
C TRP B 659 -2.70 24.15 -48.95
N LYS B 660 -3.79 23.63 -49.55
CA LYS B 660 -4.94 24.42 -49.96
C LYS B 660 -5.93 24.58 -48.79
N LYS B 661 -5.98 23.61 -47.88
CA LYS B 661 -6.83 23.79 -46.71
C LYS B 661 -6.38 22.88 -45.56
N LEU B 662 -6.39 23.45 -44.34
CA LEU B 662 -6.15 22.67 -43.13
C LEU B 662 -7.40 22.76 -42.25
N THR B 663 -7.88 21.55 -41.84
CA THR B 663 -9.07 21.39 -41.01
C THR B 663 -8.71 20.56 -39.78
N ILE B 664 -8.85 21.20 -38.60
CA ILE B 664 -8.59 20.57 -37.33
C ILE B 664 -9.93 20.44 -36.58
N THR B 665 -10.31 19.22 -36.19
CA THR B 665 -11.59 18.99 -35.51
C THR B 665 -11.36 18.51 -34.07
N GLY B 666 -12.41 18.74 -33.26
CA GLY B 666 -12.46 18.27 -31.88
C GLY B 666 -11.52 19.02 -30.93
N ILE B 667 -11.43 20.35 -30.97
CA ILE B 667 -10.40 21.03 -30.21
C ILE B 667 -11.02 21.62 -28.97
N GLY B 668 -10.36 21.42 -27.84
CA GLY B 668 -10.82 22.03 -26.61
C GLY B 668 -12.12 21.40 -26.11
N ILE B 669 -12.62 21.90 -24.96
CA ILE B 669 -13.73 21.18 -24.33
C ILE B 669 -14.99 21.54 -25.10
N GLU B 670 -14.96 22.54 -25.99
CA GLU B 670 -16.09 22.79 -26.87
C GLU B 670 -15.99 22.06 -28.21
N LYS B 671 -15.01 21.20 -28.39
CA LYS B 671 -14.98 20.38 -29.59
C LYS B 671 -15.09 21.25 -30.84
N LYS B 672 -14.29 22.32 -30.90
CA LYS B 672 -14.36 23.31 -31.97
C LYS B 672 -13.66 22.78 -33.20
N THR B 673 -14.14 23.20 -34.36
CA THR B 673 -13.47 22.97 -35.63
C THR B 673 -12.82 24.25 -36.14
N PHE B 674 -11.55 24.12 -36.54
CA PHE B 674 -10.75 25.20 -37.11
C PHE B 674 -10.42 24.85 -38.57
N VAL B 675 -10.74 25.85 -39.45
CA VAL B 675 -10.44 25.75 -40.86
C VAL B 675 -9.51 26.89 -41.24
N LEU B 676 -8.31 26.55 -41.76
CA LEU B 676 -7.38 27.55 -42.31
C LEU B 676 -7.17 27.36 -43.82
N THR B 677 -7.08 28.52 -44.54
CA THR B 677 -6.82 28.52 -45.96
C THR B 677 -5.85 29.68 -46.24
N HIS B 678 -5.26 29.71 -47.45
CA HIS B 678 -4.57 30.92 -47.90
C HIS B 678 -5.56 32.11 -48.09
N HIS C 20 40.02 19.24 28.38
CA HIS C 20 38.96 18.72 27.46
C HIS C 20 37.57 19.31 27.82
N GLN C 21 37.49 20.64 28.11
CA GLN C 21 36.24 21.35 28.46
C GLN C 21 35.92 22.49 27.51
N ASP C 22 36.28 22.29 26.26
CA ASP C 22 35.86 23.17 25.20
C ASP C 22 34.33 23.10 25.10
N PRO C 23 33.64 24.23 24.97
CA PRO C 23 32.17 24.25 24.97
C PRO C 23 31.57 23.79 23.64
N TRP C 24 32.42 23.52 22.62
CA TRP C 24 31.89 23.07 21.34
C TRP C 24 32.47 21.73 20.89
N LYS C 25 33.54 21.28 21.54
CA LYS C 25 34.32 20.14 21.06
C LYS C 25 34.54 19.15 22.18
N LEU C 26 34.45 17.85 21.84
CA LEU C 26 34.75 16.80 22.80
C LEU C 26 36.04 16.11 22.34
N SER C 27 37.08 16.03 23.18
CA SER C 27 38.35 15.54 22.68
C SER C 27 38.92 14.42 23.54
N ALA C 28 39.67 13.53 22.89
CA ALA C 28 40.34 12.45 23.58
C ALA C 28 41.80 12.38 23.12
N ASP C 29 42.73 12.35 24.07
CA ASP C 29 44.14 12.08 23.75
C ASP C 29 44.40 10.61 23.92
N LYS C 30 45.09 10.03 22.95
CA LYS C 30 45.51 8.64 22.93
C LYS C 30 44.37 7.69 23.32
N PRO C 31 43.35 7.47 22.46
CA PRO C 31 42.29 6.50 22.74
C PRO C 31 42.81 5.19 23.36
N ASP C 32 42.19 4.77 24.48
CA ASP C 32 42.51 3.51 25.14
C ASP C 32 41.45 2.45 24.77
N SER C 33 41.75 1.53 23.84
CA SER C 33 40.77 0.57 23.34
C SER C 33 40.28 -0.39 24.45
N ASN C 34 40.97 -0.46 25.60
CA ASN C 34 40.47 -1.19 26.77
C ASN C 34 39.41 -0.42 27.57
N ASN C 35 39.20 0.86 27.28
CA ASN C 35 38.26 1.63 28.07
C ASN C 35 37.77 2.80 27.23
N TYR C 36 37.07 2.45 26.16
CA TYR C 36 36.66 3.40 25.17
C TYR C 36 35.23 3.14 24.72
N TYR C 37 34.42 4.20 24.68
CA TYR C 37 33.06 4.20 24.21
C TYR C 37 32.98 5.26 23.15
N GLY C 38 32.80 4.81 21.88
CA GLY C 38 32.84 5.75 20.79
C GLY C 38 31.69 6.75 20.78
N GLU C 39 31.97 7.84 20.09
CA GLU C 39 31.02 8.90 19.82
C GLU C 39 30.38 8.66 18.45
N THR C 40 29.28 9.36 18.23
CA THR C 40 28.48 9.17 17.04
C THR C 40 28.39 10.49 16.24
N VAL C 41 28.48 10.42 14.90
CA VAL C 41 28.04 11.49 14.04
C VAL C 41 26.85 10.91 13.27
N ALA C 42 25.86 11.73 13.04
CA ALA C 42 24.65 11.30 12.40
C ALA C 42 23.87 12.49 11.84
N ASN C 43 22.95 12.17 10.91
CA ASN C 43 22.14 13.18 10.24
C ASN C 43 20.67 12.79 10.33
N GLY C 44 20.32 11.91 11.30
CA GLY C 44 19.00 11.36 11.47
C GLY C 44 18.64 10.16 10.60
N MET C 45 19.51 9.86 9.63
CA MET C 45 19.31 8.69 8.81
C MET C 45 20.45 7.71 9.02
N ILE C 46 21.69 8.18 8.97
CA ILE C 46 22.85 7.31 9.15
C ILE C 46 23.64 7.82 10.37
N GLY C 47 24.01 6.86 11.22
CA GLY C 47 24.83 7.17 12.38
C GLY C 47 26.12 6.39 12.23
N ILE C 48 27.24 7.02 12.52
CA ILE C 48 28.53 6.35 12.49
C ILE C 48 29.19 6.48 13.86
N ILE C 49 29.57 5.36 14.44
CA ILE C 49 30.08 5.30 15.79
C ILE C 49 31.59 5.05 15.70
N SER C 50 32.35 5.82 16.50
CA SER C 50 33.79 5.91 16.35
C SER C 50 34.46 4.65 16.90
N SER C 51 35.63 4.37 16.33
CA SER C 51 36.57 3.35 16.77
C SER C 51 37.74 4.05 17.45
N PRO C 52 38.42 3.40 18.38
CA PRO C 52 39.70 3.91 18.89
C PRO C 52 40.82 3.76 17.89
N GLU C 53 40.62 2.90 16.85
CA GLU C 53 41.64 2.62 15.82
C GLU C 53 41.64 3.78 14.84
N PRO C 54 42.80 4.24 14.29
CA PRO C 54 42.79 5.34 13.34
C PRO C 54 42.18 4.85 12.02
N LEU C 55 41.38 5.72 11.39
CA LEU C 55 40.83 5.59 10.06
C LEU C 55 39.88 4.39 9.96
N LYS C 56 39.25 4.01 11.07
CA LYS C 56 38.21 3.01 11.11
C LYS C 56 37.02 3.56 11.87
N VAL C 57 35.86 2.95 11.63
CA VAL C 57 34.64 3.18 12.36
C VAL C 57 34.19 1.87 13.02
N LYS C 58 33.60 1.99 14.23
CA LYS C 58 33.20 0.79 14.95
C LYS C 58 31.91 0.19 14.36
N GLU C 59 30.91 1.03 14.09
CA GLU C 59 29.57 0.56 13.67
C GLU C 59 28.84 1.66 12.92
N VAL C 60 27.95 1.26 12.00
CA VAL C 60 27.17 2.16 11.22
C VAL C 60 25.77 1.56 11.25
N VAL C 61 24.83 2.45 11.39
CA VAL C 61 23.40 2.17 11.54
C VAL C 61 22.62 3.06 10.61
N LEU C 62 21.68 2.41 9.90
CA LEU C 62 20.74 3.08 9.05
C LEU C 62 19.36 3.01 9.64
N ALA C 63 18.73 4.23 9.77
CA ALA C 63 17.41 4.37 10.32
C ALA C 63 16.41 3.74 9.34
N GLY C 64 15.30 3.27 9.90
CA GLY C 64 14.23 2.72 9.08
C GLY C 64 14.43 1.34 8.45
N THR C 65 15.54 0.65 8.74
CA THR C 65 15.84 -0.68 8.25
C THR C 65 15.83 -1.62 9.44
N TYR C 66 14.80 -2.47 9.45
CA TYR C 66 14.60 -3.46 10.52
C TYR C 66 14.45 -4.86 9.96
N ASP C 67 15.05 -5.80 10.71
CA ASP C 67 14.87 -7.18 10.44
C ASP C 67 15.08 -7.99 11.70
N ILE C 68 14.64 -9.26 11.67
CA ILE C 68 14.89 -10.17 12.78
C ILE C 68 16.40 -10.35 12.89
N TYR C 69 16.92 -10.18 14.13
CA TYR C 69 18.34 -10.21 14.40
C TYR C 69 18.61 -10.04 15.90
N LYS C 70 19.24 -11.02 16.47
CA LYS C 70 19.71 -11.09 17.83
C LYS C 70 18.63 -10.81 18.83
N ARG C 71 18.88 -9.81 19.68
CA ARG C 71 18.10 -9.57 20.87
C ARG C 71 16.57 -9.60 20.59
N GLY C 72 15.89 -10.37 21.40
CA GLY C 72 14.45 -10.19 21.63
C GLY C 72 13.57 -10.92 20.61
N ARG C 73 14.22 -11.51 19.59
CA ARG C 73 13.53 -12.33 18.57
C ARG C 73 12.50 -11.51 17.78
N VAL C 74 12.65 -10.20 17.82
CA VAL C 74 11.82 -9.22 17.13
C VAL C 74 12.68 -8.37 16.21
N SER C 75 12.01 -7.43 15.44
CA SER C 75 12.70 -6.59 14.47
C SER C 75 13.83 -5.84 15.19
N SER C 76 14.89 -5.46 14.47
CA SER C 76 16.02 -4.74 15.01
C SER C 76 16.71 -3.96 13.90
N PHE C 77 17.26 -2.80 14.32
CA PHE C 77 18.35 -2.18 13.60
C PHE C 77 19.43 -3.22 13.35
N ILE C 78 20.15 -3.01 12.23
CA ILE C 78 21.06 -4.06 11.75
C ILE C 78 22.49 -3.42 11.65
N PRO C 79 23.58 -4.00 12.16
CA PRO C 79 24.92 -3.37 11.95
C PRO C 79 25.24 -3.33 10.46
N ASN C 80 25.57 -2.16 9.91
CA ASN C 80 25.70 -2.02 8.48
C ASN C 80 27.20 -1.93 8.08
N TYR C 81 27.41 -1.74 6.77
CA TYR C 81 28.75 -1.55 6.25
C TYR C 81 29.52 -0.46 6.99
N ASN C 82 30.70 -0.82 7.50
CA ASN C 82 31.64 0.16 8.08
C ASN C 82 32.36 0.79 6.89
N LEU C 83 31.68 1.72 6.22
CA LEU C 83 31.99 2.02 4.82
C LEU C 83 33.19 2.97 4.72
N LEU C 84 33.57 3.62 5.82
CA LEU C 84 34.75 4.50 5.83
C LEU C 84 36.08 3.79 6.13
N ASN C 85 36.05 2.48 6.34
CA ASN C 85 37.23 1.84 6.84
C ASN C 85 38.37 1.91 5.81
N MET C 86 39.53 2.35 6.29
CA MET C 86 40.61 2.63 5.40
C MET C 86 41.89 2.05 6.03
N LYS C 87 42.81 1.61 5.19
CA LYS C 87 44.15 1.21 5.57
C LYS C 87 45.16 2.09 4.84
N LEU C 88 46.09 2.66 5.61
CA LEU C 88 47.14 3.53 5.11
C LEU C 88 48.48 2.90 5.42
N ALA C 89 49.39 2.91 4.42
CA ALA C 89 50.76 2.50 4.52
C ALA C 89 51.67 3.58 3.95
N PHE C 90 52.78 3.79 4.64
CA PHE C 90 53.81 4.71 4.22
C PHE C 90 55.12 4.00 3.97
N ASN C 91 55.65 4.17 2.74
CA ASN C 91 56.91 3.55 2.32
C ASN C 91 56.81 2.05 2.60
N GLY C 92 55.65 1.45 2.34
CA GLY C 92 55.40 0.03 2.55
C GLY C 92 54.86 -0.36 3.93
N GLU C 93 54.87 0.53 4.92
CA GLU C 93 54.66 0.14 6.31
C GLU C 93 53.27 0.56 6.77
N SER C 94 52.55 -0.44 7.24
CA SER C 94 51.16 -0.29 7.63
C SER C 94 51.04 0.61 8.87
N VAL C 95 50.15 1.59 8.81
CA VAL C 95 49.90 2.52 9.89
C VAL C 95 48.98 1.91 10.93
N GLN C 96 49.48 1.72 12.17
CA GLN C 96 48.67 1.08 13.21
C GLN C 96 48.73 1.93 14.48
N THR C 97 47.75 1.67 15.38
CA THR C 97 47.86 2.20 16.74
C THR C 97 49.29 2.05 17.31
N TYR C 98 49.93 0.90 17.15
CA TYR C 98 51.20 0.69 17.85
C TYR C 98 52.37 1.55 17.30
N ASN C 99 52.29 2.21 16.10
CA ASN C 99 53.44 2.90 15.51
C ASN C 99 53.18 4.38 15.16
N ILE C 100 52.10 4.95 15.63
CA ILE C 100 51.83 6.37 15.49
C ILE C 100 52.11 7.00 16.86
N ASN C 101 52.10 8.34 16.88
CA ASN C 101 52.25 9.04 18.14
C ASN C 101 51.49 10.35 18.00
N ASN C 102 51.27 10.98 19.16
CA ASN C 102 50.47 12.18 19.33
C ASN C 102 49.07 11.98 18.73
N TYR C 103 48.50 10.78 18.93
CA TYR C 103 47.21 10.43 18.35
C TYR C 103 46.07 10.99 19.23
N LYS C 104 45.20 11.76 18.58
CA LYS C 104 44.11 12.46 19.21
C LYS C 104 42.81 12.28 18.40
N GLN C 105 41.66 12.35 19.09
CA GLN C 105 40.37 12.38 18.42
C GLN C 105 39.56 13.57 18.97
N GLU C 106 38.70 14.11 18.13
CA GLU C 106 37.86 15.22 18.54
CA GLU C 106 37.92 15.31 18.42
C GLU C 106 36.54 15.17 17.79
N LEU C 107 35.44 15.43 18.54
CA LEU C 107 34.12 15.64 17.93
C LEU C 107 33.76 17.13 18.02
N ASP C 108 33.63 17.77 16.87
CA ASP C 108 33.21 19.17 16.78
C ASP C 108 31.67 19.14 16.70
N MET C 109 31.05 19.48 17.83
CA MET C 109 29.62 19.43 17.93
C MET C 109 29.02 20.55 17.05
N ARG C 110 29.82 21.51 16.58
CA ARG C 110 29.21 22.59 15.80
C ARG C 110 28.76 22.06 14.46
N ASN C 111 29.40 20.97 13.99
CA ASN C 111 29.06 20.48 12.67
C ASN C 111 29.14 18.95 12.55
N GLY C 112 29.07 18.34 13.70
CA GLY C 112 29.21 16.91 13.74
C GLY C 112 30.39 16.34 12.95
N ALA C 113 31.55 16.96 13.02
CA ALA C 113 32.75 16.40 12.41
C ALA C 113 33.47 15.54 13.44
N PHE C 114 33.78 14.30 13.05
CA PHE C 114 34.69 13.53 13.90
C PHE C 114 36.08 13.53 13.28
N THR C 115 37.09 13.92 14.03
CA THR C 115 38.42 14.14 13.45
C THR C 115 39.46 13.36 14.24
N GLY C 116 40.33 12.68 13.53
CA GLY C 116 41.46 12.05 14.21
C GLY C 116 42.72 12.67 13.63
N SER C 117 43.76 12.73 14.43
CA SER C 117 45.03 13.21 13.94
C SER C 117 46.15 12.46 14.62
N PHE C 118 47.25 12.33 13.93
CA PHE C 118 48.43 11.64 14.47
C PHE C 118 49.67 11.86 13.62
N GLN C 119 50.82 11.52 14.22
CA GLN C 119 52.10 11.59 13.57
C GLN C 119 52.55 10.16 13.26
N PHE C 120 52.99 9.92 12.02
CA PHE C 120 53.64 8.68 11.62
C PHE C 120 55.16 8.91 11.54
N LYS C 121 55.89 8.49 12.59
CA LYS C 121 57.36 8.48 12.65
C LYS C 121 57.92 9.84 12.24
N ASP C 122 58.84 9.84 11.28
CA ASP C 122 59.53 11.05 10.78
C ASP C 122 59.00 11.43 9.38
N LEU C 123 57.85 10.89 9.01
CA LEU C 123 57.34 10.93 7.64
C LEU C 123 56.22 11.94 7.43
N ALA C 124 55.12 11.87 8.18
CA ALA C 124 53.94 12.68 7.87
C ALA C 124 53.00 12.78 9.05
N THR C 125 52.27 13.90 9.07
CA THR C 125 51.17 14.15 9.96
C THR C 125 49.91 13.80 9.17
N VAL C 126 49.04 13.02 9.76
CA VAL C 126 47.78 12.66 9.12
C VAL C 126 46.60 13.26 9.89
N THR C 127 45.62 13.82 9.15
CA THR C 127 44.38 14.27 9.77
CA THR C 127 44.38 14.29 9.77
C THR C 127 43.21 13.76 8.92
N TYR C 128 42.18 13.27 9.59
CA TYR C 128 41.00 12.75 8.88
C TYR C 128 39.75 13.23 9.61
N SER C 129 38.73 13.64 8.83
CA SER C 129 37.50 14.19 9.39
C SER C 129 36.36 13.53 8.66
N TYR C 130 35.39 12.94 9.37
CA TYR C 130 34.21 12.40 8.69
C TYR C 130 32.92 13.06 9.20
N TYR C 131 31.90 12.94 8.30
CA TYR C 131 30.62 13.63 8.41
C TYR C 131 29.47 12.76 7.89
N ALA C 132 28.37 12.68 8.65
CA ALA C 132 27.10 12.21 8.09
C ALA C 132 26.46 13.45 7.48
N LEU C 133 26.55 13.62 6.17
CA LEU C 133 26.16 14.95 5.61
C LEU C 133 24.72 15.29 5.98
N ARG C 134 24.54 16.54 6.42
CA ARG C 134 23.31 16.94 7.09
C ARG C 134 22.21 17.07 6.03
N HIS C 135 22.60 17.46 4.82
CA HIS C 135 21.59 17.72 3.81
C HIS C 135 21.30 16.54 2.91
N LEU C 136 22.12 15.46 3.01
CA LEU C 136 22.05 14.34 2.14
C LEU C 136 21.97 13.13 3.02
N PRO C 137 20.74 12.67 3.31
CA PRO C 137 20.53 11.68 4.37
C PRO C 137 21.31 10.40 4.21
N HIS C 138 21.53 10.02 2.95
CA HIS C 138 22.13 8.73 2.67
C HIS C 138 23.62 8.86 2.28
N CYS C 139 24.28 10.01 2.47
CA CYS C 139 25.64 10.26 2.02
C CYS C 139 26.55 10.60 3.21
N ILE C 140 27.75 9.96 3.21
CA ILE C 140 28.82 10.21 4.15
C ILE C 140 30.09 10.66 3.43
N MET C 141 30.97 11.44 4.10
CA MET C 141 32.24 11.81 3.49
C MET C 141 33.30 11.83 4.59
N MET C 142 34.50 11.37 4.26
CA MET C 142 35.68 11.57 5.07
C MET C 142 36.70 12.29 4.20
N VAL C 143 37.39 13.28 4.78
CA VAL C 143 38.46 14.00 4.14
C VAL C 143 39.78 13.71 4.87
N VAL C 144 40.81 13.29 4.11
CA VAL C 144 42.10 12.93 4.63
C VAL C 144 43.14 13.93 4.13
N ASN C 145 43.94 14.44 5.05
CA ASN C 145 45.03 15.35 4.77
C ASN C 145 46.32 14.69 5.27
N ILE C 146 47.32 14.66 4.38
CA ILE C 146 48.63 14.15 4.76
C ILE C 146 49.65 15.26 4.56
N ASN C 147 50.29 15.67 5.65
CA ASN C 147 51.27 16.73 5.64
C ASN C 147 52.66 16.09 5.87
N THR C 148 53.52 16.12 4.84
CA THR C 148 54.80 15.42 4.89
C THR C 148 55.94 16.26 5.47
N GLN C 149 56.80 15.54 6.20
CA GLN C 149 58.08 16.03 6.72
C GLN C 149 59.28 15.43 5.96
N LYS C 150 59.02 14.29 5.29
CA LYS C 150 59.98 13.68 4.39
C LYS C 150 59.23 13.17 3.16
N ASP C 151 60.02 12.93 2.11
CA ASP C 151 59.51 12.21 0.95
C ASP C 151 58.86 10.91 1.39
N THR C 152 57.67 10.62 0.83
CA THR C 152 57.05 9.37 1.21
C THR C 152 56.07 8.92 0.16
N GLU C 153 55.88 7.62 0.10
CA GLU C 153 54.87 7.08 -0.78
C GLU C 153 53.79 6.47 0.09
N ILE C 154 52.53 6.87 -0.16
CA ILE C 154 51.39 6.31 0.57
C ILE C 154 50.65 5.30 -0.27
N ASN C 155 50.23 4.21 0.36
CA ASN C 155 49.25 3.31 -0.19
C ASN C 155 48.00 3.45 0.67
N VAL C 156 46.87 3.66 -0.03
CA VAL C 156 45.57 3.93 0.56
C VAL C 156 44.63 2.87 0.05
N GLU C 157 43.94 2.22 0.99
N GLU C 157 43.94 2.20 0.99
CA GLU C 157 42.93 1.21 0.69
CA GLU C 157 42.93 1.21 0.67
C GLU C 157 41.65 1.53 1.45
C GLU C 157 41.65 1.53 1.45
N ASN C 158 40.52 1.52 0.72
CA ASN C 158 39.19 1.58 1.30
C ASN C 158 38.60 0.19 1.20
N LEU C 159 38.13 -0.33 2.36
CA LEU C 159 37.61 -1.67 2.45
C LEU C 159 36.10 -1.62 2.62
N LEU C 160 35.37 -2.41 1.81
CA LEU C 160 33.98 -2.72 2.09
C LEU C 160 33.86 -4.19 2.49
N GLU C 161 33.81 -4.36 3.80
CA GLU C 161 33.63 -5.62 4.48
C GLU C 161 32.13 -5.77 4.79
N THR C 162 31.55 -6.87 4.30
CA THR C 162 30.15 -7.20 4.56
C THR C 162 30.08 -7.67 5.97
N PRO C 163 29.38 -7.01 6.87
CA PRO C 163 29.24 -7.46 8.26
C PRO C 163 28.49 -8.78 8.30
N SER C 164 28.74 -9.52 9.38
CA SER C 164 28.11 -10.80 9.51
C SER C 164 26.62 -10.71 9.85
N SER C 165 26.03 -9.50 9.99
CA SER C 165 24.59 -9.31 10.06
C SER C 165 23.88 -9.40 8.69
N LEU C 166 24.67 -9.32 7.58
CA LEU C 166 24.21 -9.39 6.22
C LEU C 166 24.63 -10.68 5.54
N ASN C 167 23.90 -10.99 4.45
CA ASN C 167 24.09 -12.22 3.73
C ASN C 167 23.89 -11.97 2.22
N ASN C 168 24.33 -12.94 1.49
CA ASN C 168 24.19 -12.99 0.01
C ASN C 168 24.79 -11.75 -0.69
N GLN C 169 25.97 -11.33 -0.23
CA GLN C 169 26.55 -10.07 -0.68
C GLN C 169 27.07 -10.29 -2.10
N GLN C 170 27.15 -9.21 -2.82
CA GLN C 170 27.90 -9.05 -4.07
C GLN C 170 28.78 -7.81 -3.97
N ASN C 171 29.95 -7.97 -4.57
CA ASN C 171 31.00 -6.99 -4.55
C ASN C 171 31.39 -6.51 -5.95
N TYR C 172 31.07 -5.23 -6.27
CA TYR C 172 31.29 -4.73 -7.60
C TYR C 172 32.34 -3.60 -7.63
N PHE C 173 32.85 -3.30 -8.80
CA PHE C 173 33.70 -2.15 -9.00
C PHE C 173 33.64 -1.68 -10.45
N GLN C 174 33.49 -0.35 -10.70
CA GLN C 174 33.48 0.05 -12.09
C GLN C 174 33.91 1.49 -12.19
N ASN C 175 34.28 1.88 -13.40
CA ASN C 175 34.61 3.26 -13.66
C ASN C 175 33.47 3.94 -14.40
N ILE C 176 33.08 5.09 -13.86
CA ILE C 176 32.14 6.04 -14.49
C ILE C 176 32.96 7.15 -15.12
N THR C 177 32.92 7.32 -16.44
CA THR C 177 33.84 8.23 -17.10
C THR C 177 33.13 9.10 -18.15
N ASN C 178 33.68 10.30 -18.34
CA ASN C 178 33.40 11.14 -19.50
C ASN C 178 34.71 11.86 -19.82
N THR C 179 34.68 12.86 -20.71
CA THR C 179 35.91 13.54 -21.07
C THR C 179 36.54 14.23 -19.84
N HIS C 180 35.76 14.55 -18.79
CA HIS C 180 36.31 15.29 -17.68
C HIS C 180 36.64 14.41 -16.46
N VAL C 181 36.01 13.25 -16.27
CA VAL C 181 36.15 12.54 -15.01
C VAL C 181 36.32 11.04 -15.24
N ASN C 182 36.89 10.45 -14.19
CA ASN C 182 36.90 9.02 -13.91
C ASN C 182 36.57 8.90 -12.43
N ILE C 183 35.30 8.49 -12.18
CA ILE C 183 34.72 8.19 -10.89
C ILE C 183 34.75 6.69 -10.68
N PRO C 184 35.69 6.17 -9.88
CA PRO C 184 35.70 4.72 -9.61
C PRO C 184 34.77 4.48 -8.46
N LEU C 185 33.83 3.54 -8.66
CA LEU C 185 32.79 3.20 -7.69
C LEU C 185 33.05 1.80 -7.14
N LEU C 186 33.17 1.73 -5.81
CA LEU C 186 33.32 0.47 -5.06
C LEU C 186 31.93 0.23 -4.47
N THR C 187 31.25 -0.85 -4.89
CA THR C 187 29.86 -1.07 -4.52
C THR C 187 29.69 -2.45 -3.91
N SER C 188 28.83 -2.56 -2.89
CA SER C 188 28.40 -3.82 -2.37
C SER C 188 26.88 -3.78 -2.20
N VAL C 189 26.26 -4.93 -2.43
CA VAL C 189 24.82 -5.12 -2.24
C VAL C 189 24.64 -6.33 -1.40
N ALA C 190 23.82 -6.25 -0.34
CA ALA C 190 23.59 -7.41 0.48
C ALA C 190 22.19 -7.37 1.09
N PHE C 191 21.88 -8.44 1.79
CA PHE C 191 20.60 -8.58 2.48
C PHE C 191 20.71 -8.66 4.02
N THR C 192 19.63 -8.22 4.67
CA THR C 192 19.37 -8.43 6.11
C THR C 192 19.01 -9.89 6.37
N PRO C 193 19.09 -10.34 7.64
CA PRO C 193 19.07 -11.78 7.86
C PRO C 193 17.93 -12.60 7.23
N THR C 194 16.70 -12.06 7.19
CA THR C 194 15.56 -12.83 6.65
C THR C 194 15.27 -12.52 5.17
N GLY C 195 16.10 -11.65 4.60
CA GLY C 195 15.92 -11.18 3.24
C GLY C 195 14.96 -10.03 3.14
N ARG C 196 14.50 -9.51 4.25
CA ARG C 196 13.48 -8.45 4.31
C ARG C 196 13.92 -7.15 3.65
N SER C 197 15.23 -6.82 3.68
N SER C 197 15.20 -6.75 3.78
CA SER C 197 15.73 -5.54 3.21
CA SER C 197 15.72 -5.51 3.21
C SER C 197 17.02 -5.76 2.42
C SER C 197 16.98 -5.79 2.40
N LYS C 198 17.11 -5.13 1.24
CA LYS C 198 18.31 -5.13 0.41
C LYS C 198 19.03 -3.83 0.67
N ILE C 199 20.31 -3.95 0.97
CA ILE C 199 21.18 -2.83 1.31
C ILE C 199 22.18 -2.67 0.18
N ALA C 200 22.37 -1.43 -0.23
CA ALA C 200 23.47 -1.10 -1.11
C ALA C 200 24.35 0.03 -0.58
N VAL C 201 25.62 -0.07 -0.89
CA VAL C 201 26.62 0.89 -0.47
C VAL C 201 27.54 1.10 -1.65
N SER C 202 27.82 2.36 -1.92
CA SER C 202 28.72 2.71 -3.01
C SER C 202 29.63 3.84 -2.60
N ASN C 203 30.94 3.63 -2.82
CA ASN C 203 32.01 4.55 -2.34
C ASN C 203 32.86 5.05 -3.51
N THR C 204 33.39 6.27 -3.43
CA THR C 204 34.31 6.74 -4.46
C THR C 204 35.39 7.59 -3.82
N PHE C 205 36.57 7.69 -4.46
CA PHE C 205 37.59 8.64 -4.01
C PHE C 205 37.45 9.96 -4.79
N LEU C 206 37.64 11.11 -4.11
CA LEU C 206 37.73 12.41 -4.77
C LEU C 206 39.12 12.98 -4.60
N PHE C 207 39.68 13.45 -5.70
CA PHE C 207 41.01 14.02 -5.77
C PHE C 207 40.94 15.47 -6.26
N ASP C 208 41.91 16.26 -5.91
CA ASP C 208 41.91 17.65 -6.38
C ASP C 208 42.59 17.73 -7.73
N GLU C 209 43.50 16.77 -8.05
CA GLU C 209 44.40 16.94 -9.19
C GLU C 209 43.75 16.68 -10.56
N GLY C 210 42.56 16.15 -10.67
CA GLY C 210 42.07 16.05 -12.05
C GLY C 210 42.38 14.71 -12.71
N LYS C 211 41.56 14.37 -13.72
CA LYS C 211 41.46 13.01 -14.22
C LYS C 211 42.79 12.45 -14.71
N LYS C 212 43.51 13.24 -15.50
CA LYS C 212 44.77 12.78 -16.10
C LYS C 212 45.81 12.45 -15.03
N LEU C 213 45.86 13.24 -13.94
CA LEU C 213 46.91 13.11 -12.95
C LEU C 213 46.47 12.30 -11.73
N GLN C 214 45.19 11.98 -11.58
CA GLN C 214 44.74 11.29 -10.36
C GLN C 214 45.37 9.89 -10.34
N PRO C 215 45.57 9.28 -9.16
CA PRO C 215 46.09 7.92 -9.11
C PRO C 215 45.18 6.88 -9.77
N GLU C 216 45.81 5.89 -10.42
CA GLU C 216 45.11 4.70 -10.86
C GLU C 216 44.52 4.01 -9.62
N ILE C 217 43.25 3.57 -9.73
CA ILE C 217 42.56 2.86 -8.63
C ILE C 217 42.50 1.37 -8.96
N LEU C 218 43.09 0.56 -8.09
CA LEU C 218 43.00 -0.87 -8.22
C LEU C 218 41.82 -1.43 -7.39
N HIS C 219 41.36 -2.63 -7.78
CA HIS C 219 40.27 -3.31 -7.13
C HIS C 219 40.67 -4.75 -6.80
N ARG C 220 40.51 -5.16 -5.55
CA ARG C 220 40.81 -6.55 -5.17
C ARG C 220 39.54 -7.12 -4.51
N MET C 221 39.31 -8.42 -4.76
CA MET C 221 38.14 -9.17 -4.27
C MET C 221 38.71 -10.45 -3.71
N ASN C 222 39.54 -10.34 -2.66
CA ASN C 222 40.25 -11.57 -2.29
C ASN C 222 39.53 -12.43 -1.26
N ASP C 223 38.50 -11.86 -0.62
CA ASP C 223 37.71 -12.53 0.39
C ASP C 223 36.26 -12.70 -0.04
N ALA C 224 35.52 -13.56 0.65
CA ALA C 224 34.11 -13.80 0.41
C ALA C 224 33.35 -12.55 0.84
N ASP C 225 33.80 -11.94 1.98
CA ASP C 225 33.06 -10.87 2.63
C ASP C 225 33.85 -9.57 2.68
N MET C 226 34.80 -9.37 1.75
CA MET C 226 35.46 -8.06 1.67
C MET C 226 36.11 -7.85 0.30
N HIS C 227 35.95 -6.63 -0.22
CA HIS C 227 36.67 -6.19 -1.40
C HIS C 227 37.10 -4.76 -1.11
N ALA C 228 38.05 -4.27 -1.91
CA ALA C 228 38.74 -3.04 -1.57
C ALA C 228 39.20 -2.30 -2.81
N MET C 229 39.17 -0.96 -2.76
CA MET C 229 39.83 -0.23 -3.82
C MET C 229 41.05 0.47 -3.20
N SER C 230 42.06 0.72 -4.00
CA SER C 230 43.34 1.23 -3.45
C SER C 230 44.10 2.01 -4.50
N PHE C 231 45.02 2.85 -4.01
CA PHE C 231 45.97 3.51 -4.88
C PHE C 231 47.24 3.81 -4.08
N ASP C 232 48.26 4.15 -4.85
CA ASP C 232 49.52 4.68 -4.38
C ASP C 232 49.72 6.12 -4.83
N LYS C 233 50.52 6.87 -4.04
CA LYS C 233 50.78 8.28 -4.34
C LYS C 233 52.10 8.66 -3.68
N LYS C 234 53.05 9.07 -4.52
CA LYS C 234 54.29 9.69 -4.05
C LYS C 234 54.02 11.14 -3.65
N ILE C 235 54.46 11.52 -2.44
CA ILE C 235 54.38 12.89 -1.99
C ILE C 235 55.78 13.37 -1.59
N LYS C 236 56.22 14.49 -2.11
CA LYS C 236 57.51 15.03 -1.72
C LYS C 236 57.41 15.69 -0.34
N ALA C 237 58.56 15.76 0.31
CA ALA C 237 58.62 16.39 1.60
C ALA C 237 58.06 17.82 1.54
N GLY C 238 57.36 18.24 2.59
CA GLY C 238 56.96 19.63 2.70
C GLY C 238 55.67 19.95 1.98
N LYS C 239 54.91 18.93 1.61
CA LYS C 239 53.71 19.08 0.82
C LYS C 239 52.53 18.56 1.63
N THR C 240 51.31 19.03 1.28
CA THR C 240 50.06 18.46 1.77
C THR C 240 49.36 17.83 0.59
N TYR C 241 48.89 16.62 0.76
CA TYR C 241 48.11 15.88 -0.22
C TYR C 241 46.81 15.56 0.48
N SER C 242 45.70 15.88 -0.18
N SER C 242 45.65 15.93 -0.11
CA SER C 242 44.36 15.66 0.33
CA SER C 242 44.34 15.70 0.47
C SER C 242 43.61 14.75 -0.64
C SER C 242 43.50 14.94 -0.53
N PHE C 243 42.78 13.92 -0.06
CA PHE C 243 41.78 13.21 -0.85
C PHE C 243 40.55 12.97 0.04
N ALA C 244 39.42 12.69 -0.59
CA ALA C 244 38.20 12.41 0.13
C ALA C 244 37.62 11.08 -0.32
N LEU C 245 36.86 10.49 0.61
CA LEU C 245 36.11 9.28 0.38
C LEU C 245 34.64 9.65 0.54
N ILE C 246 33.81 9.38 -0.48
CA ILE C 246 32.38 9.65 -0.41
C ILE C 246 31.68 8.30 -0.48
N GLY C 247 30.64 8.13 0.34
CA GLY C 247 29.94 6.86 0.41
C GLY C 247 28.45 7.16 0.50
N SER C 248 27.61 6.37 -0.21
CA SER C 248 26.17 6.40 -0.06
C SER C 248 25.69 5.04 0.40
N LEU C 249 24.73 5.01 1.33
CA LEU C 249 24.28 3.80 1.99
C LEU C 249 22.75 3.88 2.08
N ILE C 250 22.04 2.98 1.42
CA ILE C 250 20.59 3.08 1.28
C ILE C 250 20.03 1.68 1.21
N SER C 251 18.73 1.49 1.46
CA SER C 251 18.12 0.17 1.45
C SER C 251 16.78 0.22 0.70
N SER C 252 16.24 -0.94 0.51
CA SER C 252 14.91 -1.14 -0.08
C SER C 252 13.77 -0.60 0.81
N ASP C 253 14.06 -0.27 2.08
CA ASP C 253 13.11 0.36 3.00
C ASP C 253 12.96 1.83 2.63
N HIS C 254 13.96 2.35 1.92
CA HIS C 254 13.99 3.79 1.61
C HIS C 254 13.71 4.09 0.12
N ILE C 255 13.93 3.14 -0.76
CA ILE C 255 13.87 3.27 -2.21
C ILE C 255 13.70 1.92 -2.83
N ASN C 256 13.03 1.80 -4.00
CA ASN C 256 12.81 0.50 -4.59
C ASN C 256 14.05 -0.16 -5.17
N ASP C 257 15.02 0.65 -5.67
CA ASP C 257 16.22 0.11 -6.31
C ASP C 257 17.43 0.72 -5.64
N PRO C 258 17.82 0.16 -4.46
CA PRO C 258 18.95 0.71 -3.72
C PRO C 258 20.25 0.58 -4.46
N TYR C 259 20.48 -0.50 -5.22
CA TYR C 259 21.74 -0.66 -5.95
C TYR C 259 22.04 0.52 -6.85
N ASN C 260 21.11 0.81 -7.71
CA ASN C 260 21.30 1.90 -8.67
C ASN C 260 21.23 3.26 -7.98
N GLU C 261 20.41 3.35 -6.95
CA GLU C 261 20.31 4.67 -6.31
C GLU C 261 21.61 4.99 -5.54
N ALA C 262 22.29 3.98 -4.97
CA ALA C 262 23.53 4.21 -4.22
C ALA C 262 24.60 4.73 -5.18
N GLU C 263 24.72 4.11 -6.38
CA GLU C 263 25.72 4.53 -7.35
C GLU C 263 25.38 5.95 -7.82
N ARG C 264 24.12 6.16 -8.10
CA ARG C 264 23.67 7.47 -8.61
C ARG C 264 24.04 8.58 -7.60
N LEU C 265 23.73 8.35 -6.35
CA LEU C 265 24.00 9.24 -5.21
C LEU C 265 25.50 9.54 -5.12
N THR C 266 26.35 8.52 -5.20
CA THR C 266 27.78 8.77 -5.04
C THR C 266 28.31 9.54 -6.26
N ILE C 267 27.80 9.27 -7.47
CA ILE C 267 28.21 9.99 -8.64
C ILE C 267 27.81 11.44 -8.40
N TYR C 268 26.55 11.61 -8.01
CA TYR C 268 26.05 13.00 -7.87
C TYR C 268 26.95 13.77 -6.87
N ALA C 269 27.15 13.15 -5.70
CA ALA C 269 27.97 13.78 -4.64
C ALA C 269 29.38 14.07 -5.18
N ALA C 270 29.98 13.12 -5.91
CA ALA C 270 31.31 13.36 -6.47
C ALA C 270 31.33 14.60 -7.37
N LEU C 271 30.29 14.81 -8.16
CA LEU C 271 30.25 15.91 -9.11
C LEU C 271 29.84 17.22 -8.42
N GLU C 272 29.15 17.16 -7.30
CA GLU C 272 28.97 18.38 -6.49
C GLU C 272 30.30 18.80 -5.83
N GLY C 273 31.09 17.83 -5.35
CA GLY C 273 32.45 18.04 -4.86
C GLY C 273 32.43 18.43 -3.38
N LYS C 274 33.59 18.29 -2.75
CA LYS C 274 33.80 18.42 -1.31
C LYS C 274 33.38 19.77 -0.77
N SER C 275 33.79 20.82 -1.45
CA SER C 275 33.48 22.17 -1.00
C SER C 275 31.99 22.39 -0.91
N ARG C 276 31.27 22.15 -1.99
CA ARG C 276 29.83 22.34 -1.99
C ARG C 276 29.14 21.44 -0.97
N LEU C 277 29.52 20.18 -0.90
CA LEU C 277 28.91 19.33 0.10
C LEU C 277 29.12 19.87 1.51
N LEU C 278 30.35 20.25 1.85
CA LEU C 278 30.60 20.72 3.21
C LEU C 278 29.93 22.07 3.48
N ASN C 279 29.82 22.92 2.45
CA ASN C 279 29.16 24.20 2.67
C ASN C 279 27.67 23.97 3.02
N ARG C 280 26.99 23.06 2.30
CA ARG C 280 25.59 22.73 2.54
CA ARG C 280 25.59 22.76 2.57
C ARG C 280 25.44 22.10 3.93
N HIS C 281 26.30 21.12 4.25
CA HIS C 281 26.40 20.57 5.59
C HIS C 281 26.44 21.64 6.72
N MET C 282 27.37 22.61 6.60
N MET C 282 27.36 22.62 6.62
N MET C 282 27.38 22.60 6.60
CA MET C 282 27.59 23.62 7.62
CA MET C 282 27.55 23.58 7.69
CA MET C 282 27.61 23.64 7.59
C MET C 282 26.34 24.50 7.74
C MET C 282 26.34 24.53 7.76
C MET C 282 26.35 24.50 7.74
N GLN C 283 25.75 24.87 6.61
CA GLN C 283 24.52 25.68 6.60
C GLN C 283 23.39 25.05 7.41
N GLU C 284 23.19 23.73 7.31
CA GLU C 284 22.13 23.03 8.01
C GLU C 284 22.48 22.95 9.49
N TRP C 285 23.75 22.61 9.86
CA TRP C 285 24.17 22.57 11.29
C TRP C 285 24.06 23.97 11.90
N ASN C 286 24.40 24.99 11.13
CA ASN C 286 24.27 26.37 11.56
C ASN C 286 22.84 26.65 12.00
N SER C 287 21.86 26.30 11.17
N SER C 287 21.87 26.26 11.19
CA SER C 287 20.46 26.52 11.50
CA SER C 287 20.44 26.49 11.42
C SER C 287 20.09 25.78 12.78
C SER C 287 19.95 25.70 12.64
N LEU C 288 20.51 24.51 12.89
CA LEU C 288 20.19 23.78 14.07
C LEU C 288 20.68 24.51 15.31
N TRP C 289 21.83 25.16 15.26
CA TRP C 289 22.39 25.72 16.49
C TRP C 289 21.86 27.14 16.73
N GLN C 290 20.95 27.59 15.86
CA GLN C 290 20.31 28.86 16.20
CA GLN C 290 20.25 28.84 16.15
C GLN C 290 19.41 28.68 17.44
N SER C 291 19.10 27.45 17.85
CA SER C 291 18.50 27.12 19.13
C SER C 291 19.56 26.43 19.98
N ASP C 292 19.90 27.01 21.12
CA ASP C 292 21.11 26.75 21.89
C ASP C 292 20.85 27.03 23.36
N ILE C 293 21.71 26.47 24.21
CA ILE C 293 21.72 26.73 25.64
C ILE C 293 23.15 27.11 26.04
N GLN C 294 23.29 28.35 26.58
CA GLN C 294 24.56 28.91 27.02
C GLN C 294 24.53 29.06 28.54
N VAL C 295 25.54 28.51 29.22
CA VAL C 295 25.70 28.56 30.68
C VAL C 295 27.00 29.26 31.02
N GLU C 296 26.95 30.42 31.73
CA GLU C 296 28.17 31.04 32.27
C GLU C 296 28.45 30.54 33.68
N GLY C 297 29.71 30.24 33.98
CA GLY C 297 30.17 29.92 35.33
C GLY C 297 30.41 28.44 35.59
N ASP C 298 30.22 27.60 34.55
CA ASP C 298 30.23 26.15 34.73
C ASP C 298 30.55 25.49 33.38
N PRO C 299 31.84 25.52 33.00
CA PRO C 299 32.22 24.99 31.68
C PRO C 299 31.84 23.54 31.43
N GLN C 300 31.85 22.73 32.50
CA GLN C 300 31.57 21.32 32.33
C GLN C 300 30.08 21.11 32.03
N ALA C 301 29.20 21.79 32.75
CA ALA C 301 27.79 21.81 32.41
C ALA C 301 27.58 22.32 30.99
N GLN C 302 28.31 23.39 30.63
CA GLN C 302 28.11 24.00 29.32
C GLN C 302 28.39 22.96 28.24
N GLN C 303 29.50 22.22 28.41
CA GLN C 303 29.86 21.17 27.43
C GLN C 303 28.87 20.01 27.45
N ASP C 304 28.50 19.55 28.65
CA ASP C 304 27.58 18.43 28.82
C ASP C 304 26.24 18.74 28.15
N ILE C 305 25.75 19.97 28.31
CA ILE C 305 24.45 20.34 27.77
C ILE C 305 24.50 20.43 26.25
N ARG C 306 25.61 20.98 25.74
CA ARG C 306 25.82 21.04 24.30
C ARG C 306 25.86 19.60 23.78
N SER C 307 26.48 18.69 24.51
CA SER C 307 26.53 17.28 24.05
C SER C 307 25.11 16.68 23.95
N MET C 308 24.26 17.00 24.95
CA MET C 308 22.86 16.56 24.89
C MET C 308 22.12 17.11 23.67
N LEU C 309 22.22 18.40 23.44
CA LEU C 309 21.62 18.97 22.27
C LEU C 309 22.18 18.33 21.00
N TYR C 310 23.52 18.22 20.93
CA TYR C 310 24.12 17.66 19.72
C TYR C 310 23.57 16.27 19.39
N HIS C 311 23.32 15.46 20.42
CA HIS C 311 22.85 14.09 20.23
C HIS C 311 21.40 14.07 19.79
N LEU C 312 20.56 14.92 20.39
CA LEU C 312 19.19 14.99 19.93
C LEU C 312 19.16 15.49 18.48
N TYR C 313 19.99 16.48 18.16
CA TYR C 313 19.94 17.10 16.86
C TYR C 313 20.46 16.10 15.84
N SER C 314 21.46 15.27 16.24
CA SER C 314 21.99 14.28 15.34
C SER C 314 21.03 13.08 15.10
N PHE C 315 20.19 12.81 16.10
CA PHE C 315 19.38 11.59 16.13
C PHE C 315 17.96 11.86 15.64
N THR C 316 17.74 13.06 15.08
CA THR C 316 16.43 13.38 14.57
C THR C 316 16.53 14.12 13.25
N ARG C 317 15.42 14.29 12.54
CA ARG C 317 15.44 14.93 11.25
C ARG C 317 14.11 15.61 10.89
N LYS C 318 14.16 16.94 10.70
CA LYS C 318 12.98 17.67 10.28
C LYS C 318 12.46 17.19 8.92
N SER C 319 11.17 17.39 8.66
CA SER C 319 10.56 17.11 7.35
C SER C 319 10.64 15.63 7.01
N THR C 320 10.45 14.82 8.04
CA THR C 320 10.35 13.36 7.86
C THR C 320 9.19 12.78 8.66
N SER C 321 9.16 11.43 8.78
CA SER C 321 8.30 10.70 9.69
C SER C 321 9.19 9.73 10.48
N LEU C 322 10.42 10.18 10.79
CA LEU C 322 11.35 9.40 11.59
C LEU C 322 11.19 9.83 13.04
N SER C 323 11.33 8.87 13.91
CA SER C 323 11.37 9.04 15.35
C SER C 323 12.56 8.31 15.93
N PRO C 324 13.23 8.84 16.99
CA PRO C 324 14.39 8.17 17.56
C PRO C 324 14.04 7.04 18.49
N SER C 325 14.92 6.03 18.46
CA SER C 325 14.94 5.04 19.49
C SER C 325 15.57 5.61 20.77
N PRO C 326 15.54 4.89 21.91
CA PRO C 326 16.13 5.41 23.17
C PRO C 326 17.63 5.69 22.99
N MET C 327 18.26 5.01 21.98
CA MET C 327 19.72 5.11 21.75
C MET C 327 19.99 5.82 20.43
N GLY C 328 18.95 6.45 19.86
CA GLY C 328 19.12 7.17 18.61
C GLY C 328 19.83 6.32 17.55
N LEU C 329 20.88 6.87 16.91
CA LEU C 329 21.66 6.13 15.91
C LEU C 329 23.06 5.82 16.43
N SER C 330 23.18 5.58 17.76
CA SER C 330 24.42 5.35 18.45
C SER C 330 24.69 3.84 18.44
N GLY C 331 23.75 3.03 17.88
CA GLY C 331 23.96 1.57 17.93
C GLY C 331 22.59 0.86 17.92
N LEU C 332 22.54 -0.41 18.32
N LEU C 332 22.53 -0.38 18.40
CA LEU C 332 21.34 -1.24 18.32
CA LEU C 332 21.37 -1.22 18.34
C LEU C 332 20.57 -1.24 19.66
C LEU C 332 20.51 -1.19 19.62
N GLY C 333 20.80 -0.21 20.51
CA GLY C 333 20.10 -0.05 21.79
C GLY C 333 18.58 -0.25 21.61
N TYR C 334 17.97 -1.17 22.38
CA TYR C 334 16.53 -1.44 22.32
C TYR C 334 16.07 -1.66 20.89
N ASN C 335 16.95 -2.29 20.08
CA ASN C 335 16.66 -2.76 18.73
C ASN C 335 16.25 -1.63 17.78
N GLY C 336 16.51 -0.39 18.15
CA GLY C 336 16.09 0.74 17.35
C GLY C 336 14.57 1.05 17.45
N HIS C 337 13.87 0.47 18.42
CA HIS C 337 12.43 0.60 18.47
C HIS C 337 12.11 1.96 19.05
N VAL C 338 10.92 2.45 18.71
CA VAL C 338 10.38 3.69 19.24
C VAL C 338 9.42 3.41 20.41
N PHE C 339 9.59 4.20 21.48
CA PHE C 339 8.93 4.11 22.79
C PHE C 339 8.40 5.47 23.15
N TRP C 340 7.69 5.53 24.29
CA TRP C 340 7.27 6.82 24.86
C TRP C 340 8.48 7.65 25.28
N ASP C 341 9.65 7.05 25.26
CA ASP C 341 10.92 7.79 25.35
C ASP C 341 10.91 8.94 24.37
N THR C 342 10.35 8.73 23.17
CA THR C 342 10.22 9.90 22.30
C THR C 342 9.19 10.89 22.86
N GLU C 343 7.89 10.50 22.92
CA GLU C 343 6.87 11.51 23.21
C GLU C 343 7.11 12.29 24.50
N ILE C 344 7.49 11.62 25.58
CA ILE C 344 7.62 12.27 26.88
C ILE C 344 9.05 12.77 27.20
N TRP C 345 10.09 12.24 26.56
CA TRP C 345 11.46 12.47 27.05
C TRP C 345 12.24 13.32 26.05
N MET C 346 12.24 12.91 24.75
CA MET C 346 13.05 13.57 23.70
C MET C 346 12.23 14.65 23.02
N PHE C 347 10.90 14.43 22.89
CA PHE C 347 10.07 15.33 22.10
C PHE C 347 9.92 16.68 22.78
N PRO C 348 9.64 16.83 24.10
CA PRO C 348 9.38 18.16 24.66
C PRO C 348 10.47 19.17 24.42
N PRO C 349 11.74 18.85 24.61
CA PRO C 349 12.74 19.86 24.38
C PRO C 349 12.88 20.20 22.90
N MET C 350 12.67 19.23 22.02
CA MET C 350 12.72 19.48 20.57
C MET C 350 11.55 20.40 20.13
N LEU C 351 10.36 20.19 20.70
CA LEU C 351 9.21 21.00 20.40
C LEU C 351 9.51 22.45 20.68
N LEU C 352 10.15 22.75 21.81
CA LEU C 352 10.36 24.15 22.19
C LEU C 352 11.47 24.77 21.34
N LEU C 353 12.53 24.00 21.04
CA LEU C 353 13.67 24.53 20.31
C LEU C 353 13.47 24.52 18.79
N HIS C 354 12.82 23.48 18.27
CA HIS C 354 12.83 23.22 16.82
C HIS C 354 11.54 22.48 16.51
N PRO C 355 10.38 23.14 16.52
CA PRO C 355 9.11 22.39 16.41
C PRO C 355 8.98 21.43 15.20
N GLU C 356 9.75 21.65 14.13
CA GLU C 356 9.69 20.85 12.92
C GLU C 356 10.38 19.51 13.18
N ILE C 357 11.23 19.46 14.19
CA ILE C 357 11.70 18.15 14.64
C ILE C 357 10.57 17.41 15.35
N ALA C 358 9.90 18.05 16.30
CA ALA C 358 8.79 17.47 17.00
C ALA C 358 7.73 17.02 15.98
N LYS C 359 7.55 17.79 14.88
CA LYS C 359 6.60 17.46 13.84
C LYS C 359 6.90 16.11 13.19
N SER C 360 8.19 15.84 12.92
CA SER C 360 8.59 14.50 12.42
C SER C 360 8.28 13.39 13.43
N MET C 361 8.54 13.62 14.72
CA MET C 361 8.38 12.56 15.72
C MET C 361 6.91 12.20 15.76
N ILE C 362 6.01 13.22 15.70
CA ILE C 362 4.60 12.86 15.83
C ILE C 362 4.08 12.35 14.48
N GLU C 363 4.64 12.81 13.37
CA GLU C 363 4.31 12.25 12.04
C GLU C 363 4.50 10.71 12.03
N TYR C 364 5.58 10.26 12.64
CA TYR C 364 5.88 8.83 12.82
C TYR C 364 4.65 8.10 13.37
N ARG C 365 4.01 8.70 14.39
CA ARG C 365 2.84 8.08 14.97
C ARG C 365 1.67 8.20 14.03
N TYR C 366 1.46 9.41 13.47
CA TYR C 366 0.28 9.59 12.65
C TYR C 366 0.26 8.56 11.54
N GLN C 367 1.44 8.28 10.95
N GLN C 367 1.43 8.25 10.95
CA GLN C 367 1.53 7.38 9.81
CA GLN C 367 1.47 7.35 9.80
C GLN C 367 1.21 5.96 10.26
C GLN C 367 1.36 5.90 10.25
N ARG C 368 1.31 5.73 11.56
CA ARG C 368 1.19 4.40 12.13
C ARG C 368 -0.14 4.27 12.89
N LEU C 369 -1.08 5.20 12.62
CA LEU C 369 -2.37 5.17 13.31
C LEU C 369 -3.13 3.89 12.98
N ASP C 370 -3.11 3.43 11.73
CA ASP C 370 -3.87 2.28 11.30
CA ASP C 370 -3.91 2.29 11.34
C ASP C 370 -3.36 1.03 12.00
N ALA C 371 -2.03 0.95 12.21
CA ALA C 371 -1.43 -0.21 12.92
C ALA C 371 -1.85 -0.20 14.39
N ALA C 372 -2.11 1.00 14.96
CA ALA C 372 -2.54 1.08 16.34
C ALA C 372 -4.05 0.71 16.42
N ARG C 373 -4.86 1.02 15.40
CA ARG C 373 -6.25 0.54 15.35
CA ARG C 373 -6.25 0.55 15.30
C ARG C 373 -6.24 -0.99 15.25
N LYS C 374 -5.34 -1.55 14.45
CA LYS C 374 -5.21 -2.99 14.39
C LYS C 374 -4.91 -3.60 15.75
N LYS C 375 -3.91 -3.03 16.44
CA LYS C 375 -3.52 -3.56 17.74
C LYS C 375 -4.70 -3.56 18.71
N ALA C 376 -5.40 -2.43 18.77
CA ALA C 376 -6.54 -2.35 19.65
C ALA C 376 -7.59 -3.40 19.37
N ALA C 377 -7.92 -3.66 18.08
CA ALA C 377 -8.92 -4.65 17.75
C ALA C 377 -8.43 -6.05 18.18
N ILE C 378 -7.14 -6.31 18.05
CA ILE C 378 -6.62 -7.66 18.38
C ILE C 378 -6.67 -7.92 19.89
N TYR C 379 -6.52 -6.85 20.70
CA TYR C 379 -6.53 -6.91 22.15
C TYR C 379 -7.90 -6.60 22.73
N GLY C 380 -8.95 -6.45 21.87
CA GLY C 380 -10.33 -6.38 22.35
C GLY C 380 -10.77 -4.97 22.77
N TYR C 381 -10.19 -3.94 22.18
CA TYR C 381 -10.49 -2.54 22.51
C TYR C 381 -10.93 -1.80 21.28
N ASP C 382 -11.45 -0.59 21.51
CA ASP C 382 -11.81 0.34 20.44
CA ASP C 382 -11.79 0.32 20.41
C ASP C 382 -10.64 1.27 20.10
N GLY C 383 -10.78 2.04 19.00
CA GLY C 383 -9.86 3.14 18.69
C GLY C 383 -8.45 2.72 18.33
N ALA C 384 -7.44 3.45 18.80
CA ALA C 384 -6.03 3.22 18.44
C ALA C 384 -5.27 2.97 19.74
N MET C 385 -4.67 1.78 19.87
CA MET C 385 -3.84 1.33 20.94
C MET C 385 -2.41 1.35 20.40
N PHE C 386 -1.65 2.40 20.69
CA PHE C 386 -0.26 2.45 20.24
C PHE C 386 0.53 1.33 20.91
N PRO C 387 1.52 0.77 20.19
CA PRO C 387 2.34 -0.31 20.70
C PRO C 387 3.30 0.28 21.73
N TRP C 388 3.74 -0.59 22.64
CA TRP C 388 4.77 -0.28 23.63
C TRP C 388 6.06 -0.01 22.86
N GLU C 389 6.36 -0.86 21.85
CA GLU C 389 7.55 -0.72 21.02
C GLU C 389 7.15 -0.80 19.55
N SER C 390 7.58 0.21 18.78
CA SER C 390 7.22 0.39 17.40
C SER C 390 8.46 0.42 16.52
N ALA C 391 8.29 -0.07 15.30
CA ALA C 391 9.39 -0.06 14.35
C ALA C 391 8.83 0.30 12.98
N ASP C 392 8.96 -0.53 11.97
CA ASP C 392 8.56 -0.17 10.61
C ASP C 392 7.04 0.01 10.45
N SER C 393 6.29 -1.05 10.77
CA SER C 393 4.86 -1.10 10.49
C SER C 393 4.01 -0.26 11.48
N GLY C 394 4.49 -0.04 12.70
CA GLY C 394 3.60 0.45 13.74
C GLY C 394 2.86 -0.60 14.58
N ALA C 395 3.02 -1.90 14.27
CA ALA C 395 2.53 -2.99 15.07
C ALA C 395 3.40 -3.14 16.31
N GLU C 396 2.93 -3.89 17.29
CA GLU C 396 3.72 -4.18 18.50
C GLU C 396 4.98 -4.97 18.16
N GLU C 397 6.13 -4.48 18.66
CA GLU C 397 7.42 -5.10 18.41
C GLU C 397 8.16 -5.44 19.70
N THR C 398 7.52 -5.38 20.85
CA THR C 398 8.17 -5.72 22.12
C THR C 398 8.48 -7.21 22.16
N PRO C 399 9.67 -7.55 22.61
CA PRO C 399 9.99 -8.99 22.82
C PRO C 399 8.91 -9.62 23.69
N VAL C 400 8.57 -10.87 23.39
CA VAL C 400 7.42 -11.52 24.02
C VAL C 400 7.69 -11.84 25.49
N ASN C 401 8.97 -11.96 25.85
CA ASN C 401 9.32 -12.23 27.23
C ASN C 401 9.22 -11.01 28.12
N ALA C 402 8.97 -9.81 27.58
CA ALA C 402 8.81 -8.62 28.37
C ALA C 402 7.29 -8.34 28.48
N LEU C 403 6.74 -8.28 29.72
CA LEU C 403 5.28 -8.17 29.84
C LEU C 403 4.83 -6.76 29.48
N THR C 404 5.81 -5.87 29.34
CA THR C 404 5.47 -4.47 28.96
C THR C 404 4.71 -4.46 27.62
N GLY C 405 5.07 -5.39 26.73
CA GLY C 405 4.54 -5.44 25.37
C GLY C 405 3.00 -5.58 25.34
N ALA C 406 2.52 -6.46 26.18
CA ALA C 406 1.11 -6.73 26.26
C ALA C 406 0.38 -5.82 27.27
N PHE C 407 1.08 -5.33 28.30
CA PHE C 407 0.41 -4.70 29.44
C PHE C 407 0.76 -3.25 29.77
N GLU C 408 1.86 -2.68 29.24
CA GLU C 408 2.17 -1.31 29.61
C GLU C 408 1.47 -0.35 28.67
N HIS C 409 0.32 0.19 29.03
CA HIS C 409 -0.60 0.73 28.05
C HIS C 409 -0.52 2.24 28.05
N HIS C 410 0.28 2.86 28.98
CA HIS C 410 0.27 4.34 29.00
C HIS C 410 0.82 5.01 27.73
N VAL C 411 1.53 4.26 26.90
CA VAL C 411 2.06 4.73 25.60
C VAL C 411 0.97 5.40 24.75
N THR C 412 -0.27 4.88 24.80
CA THR C 412 -1.31 5.47 24.00
C THR C 412 -1.60 6.87 24.51
N GLY C 413 -1.70 7.07 25.83
CA GLY C 413 -1.95 8.43 26.29
C GLY C 413 -0.71 9.32 26.07
N ASP C 414 0.49 8.75 26.13
CA ASP C 414 1.72 9.52 25.89
C ASP C 414 1.75 10.07 24.43
N VAL C 415 1.26 9.30 23.47
CA VAL C 415 1.12 9.74 22.07
C VAL C 415 0.12 10.89 21.97
N ALA C 416 -1.05 10.80 22.62
CA ALA C 416 -2.02 11.86 22.59
C ALA C 416 -1.44 13.14 23.22
N ILE C 417 -0.79 13.03 24.38
CA ILE C 417 -0.20 14.18 25.05
C ILE C 417 0.72 15.00 24.11
N ALA C 418 1.64 14.31 23.48
CA ALA C 418 2.52 14.94 22.49
C ALA C 418 1.79 15.56 21.30
N ALA C 419 0.74 14.86 20.80
CA ALA C 419 -0.05 15.38 19.69
C ALA C 419 -0.64 16.70 20.10
N TRP C 420 -1.19 16.74 21.32
CA TRP C 420 -1.84 17.99 21.76
C TRP C 420 -0.80 19.10 22.00
N GLN C 421 0.29 18.77 22.65
CA GLN C 421 1.37 19.71 22.85
C GLN C 421 1.85 20.33 21.53
N TYR C 422 1.91 19.54 20.48
CA TYR C 422 2.34 20.04 19.18
C TYR C 422 1.44 21.21 18.80
N TYR C 423 0.12 20.95 18.84
CA TYR C 423 -0.84 21.98 18.55
C TYR C 423 -0.63 23.15 19.48
N LEU C 424 -0.55 22.92 20.81
CA LEU C 424 -0.45 24.04 21.75
C LEU C 424 0.71 24.94 21.34
N VAL C 425 1.85 24.37 20.97
CA VAL C 425 3.07 25.14 20.73
C VAL C 425 3.06 25.87 19.37
N THR C 426 2.55 25.21 18.33
CA THR C 426 2.57 25.77 16.96
C THR C 426 1.28 26.53 16.58
N GLY C 427 0.15 26.16 17.18
CA GLY C 427 -1.08 26.82 16.82
C GLY C 427 -1.57 26.39 15.45
N ASP C 428 -1.03 25.31 14.89
CA ASP C 428 -1.33 24.96 13.51
C ASP C 428 -2.63 24.17 13.48
N LYS C 429 -3.69 24.86 13.13
CA LYS C 429 -5.03 24.31 13.26
C LYS C 429 -5.31 23.35 12.11
N GLU C 430 -4.62 23.54 10.99
CA GLU C 430 -4.76 22.69 9.82
C GLU C 430 -4.14 21.32 10.17
N TRP C 431 -3.00 21.37 10.85
CA TRP C 431 -2.37 20.13 11.31
C TRP C 431 -3.29 19.45 12.30
N LEU C 432 -3.92 20.22 13.18
CA LEU C 432 -4.78 19.60 14.15
C LEU C 432 -5.92 18.88 13.44
N LYS C 433 -6.57 19.51 12.45
CA LYS C 433 -7.67 18.89 11.74
C LYS C 433 -7.20 17.63 11.00
N GLU C 434 -6.04 17.68 10.34
CA GLU C 434 -5.60 16.61 9.45
C GLU C 434 -5.00 15.45 10.23
N LYS C 435 -4.26 15.69 11.33
CA LYS C 435 -3.42 14.66 11.96
C LYS C 435 -3.61 14.56 13.48
N GLY C 436 -3.67 15.74 14.15
CA GLY C 436 -3.84 15.82 15.58
C GLY C 436 -5.13 15.12 16.05
N TRP C 437 -6.25 15.56 15.45
CA TRP C 437 -7.57 15.03 15.75
C TRP C 437 -7.71 13.54 15.46
N PRO C 438 -7.31 13.01 14.28
CA PRO C 438 -7.35 11.56 14.10
C PRO C 438 -6.68 10.81 15.24
N ILE C 439 -5.49 11.30 15.68
CA ILE C 439 -4.80 10.63 16.76
C ILE C 439 -5.60 10.81 18.07
N LEU C 440 -6.02 12.03 18.40
CA LEU C 440 -6.64 12.31 19.68
C LEU C 440 -8.00 11.60 19.80
N LYS C 441 -8.73 11.49 18.69
CA LYS C 441 -10.07 10.90 18.69
C LYS C 441 -9.90 9.39 18.87
N ALA C 442 -8.96 8.83 18.14
CA ALA C 442 -8.80 7.37 18.17
C ALA C 442 -8.25 6.92 19.53
N THR C 443 -7.26 7.64 20.08
CA THR C 443 -6.69 7.31 21.39
C THR C 443 -7.68 7.47 22.53
N ALA C 444 -8.50 8.51 22.49
CA ALA C 444 -9.56 8.57 23.48
C ALA C 444 -10.60 7.44 23.43
N GLU C 445 -10.99 7.01 22.20
CA GLU C 445 -11.94 5.94 22.03
C GLU C 445 -11.33 4.68 22.67
N PHE C 446 -9.99 4.53 22.54
CA PHE C 446 -9.28 3.45 23.23
C PHE C 446 -9.50 3.50 24.75
N TRP C 447 -9.25 4.67 25.39
CA TRP C 447 -9.37 4.81 26.85
C TRP C 447 -10.82 4.58 27.27
N ALA C 448 -11.79 5.19 26.52
CA ALA C 448 -13.21 4.95 26.75
C ALA C 448 -13.57 3.45 26.80
N SER C 449 -12.89 2.59 26.03
CA SER C 449 -13.11 1.15 26.01
C SER C 449 -12.27 0.39 27.01
N ARG C 450 -11.19 1.01 27.49
CA ARG C 450 -10.19 0.38 28.34
C ARG C 450 -10.59 0.48 29.82
N VAL C 451 -11.34 1.53 30.20
CA VAL C 451 -11.69 1.71 31.60
C VAL C 451 -12.80 0.74 31.93
N GLU C 452 -12.98 0.47 33.22
CA GLU C 452 -14.13 -0.24 33.79
C GLU C 452 -14.75 0.60 34.91
N LYS C 453 -16.06 0.76 34.83
CA LYS C 453 -16.78 1.47 35.88
C LYS C 453 -17.05 0.54 37.07
N ASN C 454 -16.85 1.01 38.29
CA ASN C 454 -17.13 0.18 39.44
C ASN C 454 -18.42 0.67 40.09
N ASP C 455 -18.78 0.02 41.20
CA ASP C 455 -20.03 0.26 41.94
C ASP C 455 -20.13 1.68 42.49
N LYS C 456 -19.00 2.26 42.89
CA LYS C 456 -18.97 3.61 43.42
C LYS C 456 -19.10 4.66 42.31
N GLY C 457 -19.20 4.23 41.03
CA GLY C 457 -19.25 5.09 39.85
C GLY C 457 -17.88 5.65 39.44
N GLU C 458 -16.80 5.09 39.98
CA GLU C 458 -15.47 5.51 39.57
C GLU C 458 -15.05 4.65 38.36
N TYR C 459 -14.04 5.12 37.64
CA TYR C 459 -13.51 4.38 36.51
C TYR C 459 -12.11 3.90 36.84
N GLU C 460 -11.89 2.61 36.62
CA GLU C 460 -10.65 1.96 36.92
C GLU C 460 -9.94 1.51 35.63
N ILE C 461 -8.61 1.37 35.67
CA ILE C 461 -7.86 0.73 34.61
C ILE C 461 -7.05 -0.39 35.25
N LYS C 462 -7.54 -1.60 35.05
CA LYS C 462 -7.00 -2.78 35.74
C LYS C 462 -5.99 -3.53 34.89
N ASN C 463 -4.99 -4.11 35.57
CA ASN C 463 -4.06 -5.10 35.04
C ASN C 463 -3.22 -4.46 33.94
N VAL C 464 -2.27 -3.64 34.39
CA VAL C 464 -1.23 -3.04 33.57
C VAL C 464 0.15 -3.30 34.21
N VAL C 465 1.16 -3.00 33.41
CA VAL C 465 2.49 -2.72 33.91
C VAL C 465 2.64 -1.23 34.07
N ALA C 466 3.08 -0.79 35.24
CA ALA C 466 3.21 0.62 35.52
C ALA C 466 4.39 1.24 34.77
N ALA C 467 4.37 2.56 34.61
CA ALA C 467 5.64 3.20 34.23
C ALA C 467 6.81 2.74 35.11
N ASP C 468 6.57 2.66 36.44
CA ASP C 468 7.48 1.87 37.26
C ASP C 468 7.33 0.41 36.86
N GLU C 469 8.16 -0.04 35.89
CA GLU C 469 7.94 -1.35 35.26
C GLU C 469 8.27 -2.52 36.19
N TRP C 470 8.73 -2.28 37.42
CA TRP C 470 8.87 -3.37 38.36
C TRP C 470 7.49 -3.75 38.92
N ALA C 471 6.46 -2.94 38.73
CA ALA C 471 5.10 -3.23 39.19
C ALA C 471 4.34 -3.77 37.98
N GLU C 472 4.17 -5.07 37.98
CA GLU C 472 3.57 -5.78 36.85
C GLU C 472 2.22 -6.37 37.25
N ASN C 473 1.24 -6.21 36.32
CA ASN C 473 -0.09 -6.80 36.45
C ASN C 473 -0.72 -6.26 37.73
N ILE C 474 -0.79 -4.91 37.86
CA ILE C 474 -1.37 -4.24 39.01
C ILE C 474 -2.44 -3.27 38.48
N ASP C 475 -3.18 -2.64 39.38
CA ASP C 475 -4.37 -1.89 39.02
C ASP C 475 -4.25 -0.41 39.34
N ASN C 476 -4.83 0.44 38.47
CA ASN C 476 -4.96 1.87 38.76
C ASN C 476 -3.58 2.49 39.05
N ASN C 477 -2.62 2.16 38.17
CA ASN C 477 -1.31 2.81 38.14
C ASN C 477 -1.54 4.32 38.05
N ALA C 478 -0.88 5.10 38.88
CA ALA C 478 -1.04 6.57 38.87
C ALA C 478 -0.68 7.15 37.49
N TYR C 479 0.48 6.83 36.95
CA TYR C 479 0.91 7.48 35.73
C TYR C 479 -0.09 7.06 34.64
N THR C 480 -0.34 5.77 34.55
CA THR C 480 -1.25 5.29 33.49
C THR C 480 -2.58 6.08 33.54
N ASN C 481 -3.21 6.05 34.74
CA ASN C 481 -4.54 6.59 34.89
C ASN C 481 -4.41 8.07 34.57
N GLY C 482 -3.25 8.70 34.91
CA GLY C 482 -3.23 10.14 34.61
C GLY C 482 -3.15 10.44 33.10
N THR C 483 -2.46 9.55 32.37
CA THR C 483 -2.30 9.71 30.91
C THR C 483 -3.65 9.47 30.24
N ALA C 484 -4.47 8.61 30.83
CA ALA C 484 -5.79 8.35 30.26
C ALA C 484 -6.66 9.61 30.43
N ILE C 485 -6.60 10.21 31.63
CA ILE C 485 -7.29 11.47 31.94
C ILE C 485 -6.88 12.50 30.90
N ARG C 486 -5.58 12.79 30.79
CA ARG C 486 -5.09 13.79 29.84
C ARG C 486 -5.54 13.50 28.40
N ASN C 487 -5.49 12.26 27.98
CA ASN C 487 -5.91 11.90 26.64
C ASN C 487 -7.37 12.21 26.39
N LEU C 488 -8.24 11.86 27.35
CA LEU C 488 -9.65 12.13 27.20
C LEU C 488 -9.92 13.65 27.25
N GLN C 489 -9.18 14.36 28.08
CA GLN C 489 -9.43 15.80 28.18
C GLN C 489 -9.00 16.51 26.90
N TYR C 490 -7.81 16.14 26.40
CA TYR C 490 -7.18 16.87 25.32
C TYR C 490 -8.02 16.62 24.06
N ALA C 491 -8.55 15.39 23.94
CA ALA C 491 -9.38 15.04 22.78
C ALA C 491 -10.67 15.87 22.79
N SER C 492 -11.23 16.01 24.00
CA SER C 492 -12.43 16.80 24.16
C SER C 492 -12.07 18.23 23.82
N LYS C 493 -10.86 18.71 24.22
CA LYS C 493 -10.58 20.13 23.92
C LYS C 493 -10.39 20.34 22.41
N CYS C 494 -9.77 19.34 21.80
CA CYS C 494 -9.47 19.35 20.37
C CYS C 494 -10.77 19.39 19.56
N ALA C 495 -11.74 18.58 19.96
CA ALA C 495 -13.02 18.55 19.24
C ALA C 495 -13.63 19.95 19.22
N THR C 496 -13.57 20.60 20.39
CA THR C 496 -14.00 21.99 20.49
C THR C 496 -13.32 22.93 19.50
N VAL C 497 -11.98 23.02 19.53
CA VAL C 497 -11.26 23.87 18.59
C VAL C 497 -11.80 23.66 17.19
N LEU C 498 -12.06 22.41 16.79
CA LEU C 498 -12.45 22.12 15.42
C LEU C 498 -13.96 22.24 15.23
N GLY C 499 -14.72 22.64 16.25
CA GLY C 499 -16.16 22.82 16.10
C GLY C 499 -16.94 21.51 16.01
N VAL C 500 -16.42 20.43 16.62
CA VAL C 500 -17.06 19.13 16.61
C VAL C 500 -17.46 18.77 18.04
N ILE C 501 -18.53 17.97 18.18
CA ILE C 501 -19.05 17.64 19.51
C ILE C 501 -18.41 16.34 19.97
N ALA C 502 -17.67 16.37 21.06
CA ALA C 502 -16.95 15.17 21.51
C ALA C 502 -17.95 14.27 22.23
N PRO C 503 -17.83 12.94 22.23
CA PRO C 503 -18.63 12.12 23.13
C PRO C 503 -18.58 12.61 24.59
N LYS C 504 -19.75 12.86 25.19
CA LYS C 504 -19.77 13.44 26.53
C LYS C 504 -19.19 12.45 27.55
N GLU C 505 -19.19 11.15 27.21
CA GLU C 505 -18.58 10.10 28.04
C GLU C 505 -17.08 10.39 28.32
N TRP C 506 -16.35 10.98 27.38
CA TRP C 506 -14.95 11.26 27.59
C TRP C 506 -14.69 12.09 28.83
N THR C 507 -15.43 13.19 29.00
CA THR C 507 -15.24 14.04 30.14
C THR C 507 -15.72 13.34 31.41
N LEU C 508 -16.86 12.66 31.34
CA LEU C 508 -17.41 11.96 32.51
C LEU C 508 -16.38 10.94 32.99
N ILE C 509 -15.74 10.24 32.06
CA ILE C 509 -14.75 9.24 32.43
C ILE C 509 -13.52 9.94 33.02
N ALA C 510 -13.01 10.94 32.29
CA ALA C 510 -11.80 11.63 32.71
C ALA C 510 -11.95 12.14 34.15
N ASP C 511 -13.13 12.71 34.49
CA ASP C 511 -13.36 13.29 35.81
C ASP C 511 -13.48 12.23 36.92
N LYS C 512 -13.55 10.92 36.61
CA LYS C 512 -13.85 9.90 37.63
C LYS C 512 -12.83 8.76 37.59
N ILE C 513 -11.80 8.92 36.79
CA ILE C 513 -10.68 7.95 36.79
C ILE C 513 -9.95 8.08 38.12
N LEU C 514 -9.72 6.94 38.77
CA LEU C 514 -9.20 6.87 40.13
C LEU C 514 -7.73 7.27 40.21
N ILE C 515 -7.44 8.23 41.09
CA ILE C 515 -6.06 8.49 41.51
C ILE C 515 -6.13 8.58 43.01
N SER C 516 -5.45 7.65 43.72
CA SER C 516 -5.63 7.46 45.15
C SER C 516 -4.43 7.94 45.95
N LYS C 517 -4.71 8.18 47.23
CA LYS C 517 -3.69 8.62 48.16
C LYS C 517 -3.57 7.63 49.28
N MET C 518 -2.36 7.45 49.80
CA MET C 518 -2.14 6.65 50.99
C MET C 518 -2.53 7.46 52.23
N SER C 519 -2.49 6.84 53.40
CA SER C 519 -2.94 7.54 54.61
C SER C 519 -2.07 8.77 54.91
N ASN C 520 -0.85 8.82 54.42
CA ASN C 520 -0.01 9.97 54.71
C ASN C 520 -0.24 11.08 53.67
N GLY C 521 -1.20 10.88 52.75
CA GLY C 521 -1.58 11.91 51.79
C GLY C 521 -0.70 11.89 50.52
N VAL C 522 0.20 10.89 50.40
CA VAL C 522 1.04 10.72 49.24
C VAL C 522 0.28 9.96 48.17
N THR C 523 0.47 10.40 46.95
CA THR C 523 -0.12 9.75 45.80
C THR C 523 0.33 8.26 45.75
N ARG C 524 -0.62 7.34 45.69
CA ARG C 524 -0.32 5.91 45.68
C ARG C 524 0.02 5.44 44.27
N GLU C 525 1.13 4.71 44.10
CA GLU C 525 1.58 4.33 42.74
C GLU C 525 0.63 3.38 42.01
N HIS C 526 0.04 2.43 42.74
CA HIS C 526 -0.96 1.50 42.22
C HIS C 526 -1.67 0.89 43.43
N ASP C 527 -2.70 0.06 43.19
CA ASP C 527 -3.57 -0.40 44.24
C ASP C 527 -2.90 -1.36 45.23
N SER C 528 -1.78 -1.92 44.83
CA SER C 528 -1.01 -2.86 45.64
C SER C 528 0.26 -2.19 46.21
N TYR C 529 0.38 -0.86 46.10
CA TYR C 529 1.60 -0.17 46.47
C TYR C 529 1.53 0.31 47.95
N THR C 530 2.62 0.07 48.69
CA THR C 530 2.84 0.54 50.04
C THR C 530 4.18 1.27 50.08
N ASP C 531 5.28 0.51 50.01
CA ASP C 531 6.59 1.13 50.16
C ASP C 531 7.70 0.46 49.30
N GLN C 532 7.29 -0.23 48.20
CA GLN C 532 8.20 -0.96 47.34
C GLN C 532 9.20 0.00 46.72
N ASN C 533 10.42 -0.49 46.49
CA ASN C 533 11.33 0.17 45.56
C ASN C 533 10.64 0.26 44.20
N ILE C 534 10.99 1.31 43.44
CA ILE C 534 10.42 1.56 42.12
C ILE C 534 11.57 1.77 41.12
N LYS C 535 11.28 1.40 39.86
CA LYS C 535 12.31 1.41 38.83
C LYS C 535 12.66 2.83 38.44
N GLN C 536 11.63 3.67 38.40
CA GLN C 536 11.74 4.96 37.81
C GLN C 536 10.54 5.76 38.23
N ALA C 537 10.58 7.05 37.94
CA ALA C 537 9.46 7.92 38.29
C ALA C 537 8.11 7.48 37.70
N ASP C 538 7.03 7.69 38.48
CA ASP C 538 5.66 7.24 38.15
C ASP C 538 4.70 8.25 38.77
N ALA C 539 4.46 8.21 40.11
CA ALA C 539 3.60 9.17 40.73
C ALA C 539 4.09 10.61 40.57
N ASN C 540 5.35 10.87 40.63
CA ASN C 540 5.89 12.19 40.46
C ASN C 540 5.68 12.74 39.06
N LEU C 541 5.41 11.88 38.05
CA LEU C 541 5.11 12.31 36.70
C LEU C 541 3.74 13.02 36.64
N LEU C 542 2.87 12.81 37.66
CA LEU C 542 1.59 13.51 37.67
C LEU C 542 1.79 15.00 37.88
N ALA C 543 2.93 15.37 38.51
CA ALA C 543 3.25 16.77 38.77
C ALA C 543 3.89 17.33 37.52
N TYR C 544 4.91 16.66 37.02
CA TYR C 544 5.46 17.00 35.69
C TYR C 544 5.83 15.70 35.00
N PRO C 545 5.41 15.46 33.73
CA PRO C 545 4.79 16.48 32.86
C PRO C 545 3.26 16.62 32.86
N LEU C 546 2.52 15.81 33.58
CA LEU C 546 1.08 15.79 33.41
C LEU C 546 0.46 17.05 34.01
N LYS C 547 1.04 17.64 35.06
CA LYS C 547 0.43 18.77 35.70
C LYS C 547 -0.99 18.49 36.24
N LEU C 548 -1.29 17.24 36.59
CA LEU C 548 -2.52 16.97 37.32
C LEU C 548 -2.40 17.32 38.79
N ILE C 549 -1.17 17.31 39.32
CA ILE C 549 -0.89 17.80 40.66
C ILE C 549 -0.07 19.08 40.58
N THR C 550 -0.67 20.15 41.09
CA THR C 550 -0.10 21.48 40.99
C THR C 550 0.09 22.05 42.39
N ASP C 551 -0.67 21.59 43.38
CA ASP C 551 -0.45 22.02 44.77
C ASP C 551 0.99 21.73 45.21
N LYS C 552 1.72 22.79 45.56
CA LYS C 552 3.14 22.70 45.94
C LYS C 552 3.42 21.77 47.14
N GLU C 553 2.53 21.72 48.13
CA GLU C 553 2.73 20.83 49.26
C GLU C 553 2.53 19.37 48.84
N GLN C 554 1.55 19.08 47.94
CA GLN C 554 1.39 17.74 47.40
C GLN C 554 2.61 17.33 46.60
N ILE C 555 3.10 18.25 45.73
CA ILE C 555 4.28 17.93 44.94
C ILE C 555 5.43 17.48 45.85
N GLU C 556 5.60 18.21 46.94
CA GLU C 556 6.70 18.06 47.87
C GLU C 556 6.55 16.74 48.65
N ARG C 557 5.32 16.43 49.06
CA ARG C 557 5.00 15.23 49.79
C ARG C 557 5.37 14.03 48.95
N ASP C 558 5.00 14.11 47.66
CA ASP C 558 5.21 13.01 46.73
C ASP C 558 6.72 12.84 46.49
N LEU C 559 7.43 13.93 46.33
CA LEU C 559 8.89 13.84 46.19
C LEU C 559 9.54 13.24 47.45
N LYS C 560 9.16 13.71 48.67
CA LYS C 560 9.74 13.19 49.89
C LYS C 560 9.51 11.70 49.96
N TYR C 561 8.34 11.20 49.56
CA TYR C 561 8.09 9.78 49.76
C TYR C 561 8.82 8.92 48.75
N TYR C 562 8.82 9.30 47.46
CA TYR C 562 9.34 8.45 46.42
C TYR C 562 10.82 8.68 46.08
N GLN C 563 11.46 9.79 46.45
CA GLN C 563 12.74 10.12 45.81
C GLN C 563 13.81 9.09 46.21
N THR C 564 13.65 8.49 47.40
CA THR C 564 14.56 7.45 47.83
C THR C 564 14.08 6.03 47.48
N LYS C 565 13.00 5.86 46.71
CA LYS C 565 12.47 4.56 46.35
C LYS C 565 13.15 4.04 45.08
N ILE C 566 13.98 4.86 44.43
CA ILE C 566 14.69 4.43 43.23
C ILE C 566 16.08 3.96 43.60
N PRO C 567 16.37 2.65 43.50
CA PRO C 567 17.70 2.22 43.83
C PRO C 567 18.79 2.75 42.90
N GLN C 568 20.03 2.60 43.39
CA GLN C 568 21.18 3.08 42.67
C GLN C 568 21.38 2.24 41.42
N SER C 569 21.34 0.93 41.52
CA SER C 569 21.66 0.07 40.40
C SER C 569 20.42 -0.26 39.54
N ASP C 570 20.66 -0.40 38.24
CA ASP C 570 19.68 -0.98 37.30
C ASP C 570 18.40 -0.15 37.20
N THR C 571 18.55 1.17 37.29
CA THR C 571 17.42 2.08 37.23
C THR C 571 17.74 3.12 36.15
N PRO C 572 16.89 3.23 35.11
CA PRO C 572 17.24 4.07 33.96
C PRO C 572 17.07 5.58 34.22
N ALA C 573 17.67 6.37 33.32
CA ALA C 573 17.78 7.80 33.42
C ALA C 573 16.48 8.40 32.97
N MET C 574 15.43 8.12 33.76
CA MET C 574 14.07 8.53 33.52
C MET C 574 13.41 8.95 34.86
N THR C 575 14.16 9.64 35.73
CA THR C 575 13.75 9.87 37.09
C THR C 575 14.31 11.19 37.59
N GLN C 576 15.64 11.27 37.72
CA GLN C 576 16.22 12.34 38.54
C GLN C 576 16.06 13.69 37.83
N ALA C 577 15.95 13.67 36.49
CA ALA C 577 15.74 14.90 35.75
C ALA C 577 14.40 15.51 36.12
N ILE C 578 13.39 14.65 36.36
CA ILE C 578 12.09 15.11 36.76
C ILE C 578 12.14 15.67 38.18
N PHE C 579 12.82 14.96 39.10
CA PHE C 579 13.12 15.47 40.43
C PHE C 579 13.73 16.87 40.34
N SER C 580 14.73 17.03 39.48
CA SER C 580 15.44 18.29 39.33
C SER C 580 14.49 19.42 38.98
N LEU C 581 13.71 19.10 37.94
CA LEU C 581 12.75 20.06 37.38
C LEU C 581 11.75 20.47 38.45
N LEU C 582 11.25 19.49 39.19
CA LEU C 582 10.21 19.78 40.16
C LEU C 582 10.77 20.60 41.34
N TYR C 583 12.02 20.36 41.78
CA TYR C 583 12.67 21.19 42.79
C TYR C 583 12.98 22.61 42.25
N SER C 584 13.28 22.72 40.96
CA SER C 584 13.41 24.07 40.44
C SER C 584 12.09 24.81 40.54
N ARG C 585 10.97 24.15 40.20
CA ARG C 585 9.66 24.82 40.20
C ARG C 585 9.30 25.22 41.62
N LEU C 586 9.76 24.36 42.57
CA LEU C 586 9.66 24.71 44.00
C LEU C 586 10.72 25.71 44.49
N GLU C 587 11.62 26.14 43.61
CA GLU C 587 12.58 27.19 43.94
C GLU C 587 13.54 26.70 45.02
N ASP C 588 13.91 25.42 44.89
CA ASP C 588 14.91 24.79 45.76
C ASP C 588 16.17 24.51 44.94
N SER C 589 17.10 25.47 44.99
CA SER C 589 18.26 25.45 44.12
C SER C 589 19.18 24.25 44.41
N ASP C 590 19.38 23.95 45.68
CA ASP C 590 20.36 22.94 46.09
C ASP C 590 19.88 21.57 45.68
N GLN C 591 18.61 21.31 45.97
CA GLN C 591 18.03 20.03 45.55
C GLN C 591 17.94 19.97 44.01
N ALA C 592 17.52 21.05 43.31
CA ALA C 592 17.38 20.98 41.86
C ALA C 592 18.70 20.57 41.22
N TYR C 593 19.78 21.16 41.76
CA TYR C 593 21.11 20.99 41.20
C TYR C 593 21.64 19.60 41.55
N HIS C 594 21.40 19.13 42.79
CA HIS C 594 21.79 17.77 43.18
C HIS C 594 21.25 16.74 42.17
N TRP C 595 19.96 16.89 41.86
CA TRP C 595 19.24 15.93 41.04
C TRP C 595 19.66 16.04 39.57
N PHE C 596 19.91 17.26 39.11
CA PHE C 596 20.42 17.49 37.76
C PHE C 596 21.71 16.72 37.55
N LYS C 597 22.69 16.86 38.48
CA LYS C 597 23.95 16.11 38.33
C LYS C 597 23.69 14.63 38.46
N ASP C 598 22.84 14.26 39.41
CA ASP C 598 22.65 12.84 39.65
C ASP C 598 21.97 12.14 38.46
N ALA C 599 21.27 12.91 37.63
CA ALA C 599 20.52 12.36 36.48
C ALA C 599 21.39 11.76 35.38
N TYR C 600 22.65 12.24 35.27
CA TYR C 600 23.49 11.80 34.14
C TYR C 600 24.96 11.61 34.49
N GLN C 601 25.52 12.34 35.47
CA GLN C 601 26.94 12.25 35.73
C GLN C 601 27.35 10.85 36.18
N PRO C 602 26.54 10.10 36.97
CA PRO C 602 26.87 8.72 37.31
C PRO C 602 26.72 7.69 36.18
N ASN C 603 26.22 8.15 35.02
CA ASN C 603 25.91 7.27 33.88
C ASN C 603 26.94 7.42 32.74
N LEU C 604 28.04 8.17 32.95
CA LEU C 604 28.91 8.60 31.85
C LEU C 604 29.94 7.53 31.54
N ASN C 605 30.37 7.49 30.25
CA ASN C 605 31.37 6.56 29.76
C ASN C 605 32.50 7.30 29.04
N PRO C 606 33.77 6.92 29.25
CA PRO C 606 34.88 7.67 28.69
C PRO C 606 35.14 7.26 27.23
N PRO C 607 35.89 8.07 26.46
CA PRO C 607 36.50 9.34 26.92
C PRO C 607 35.66 10.57 26.60
N PHE C 608 34.46 10.42 25.96
CA PHE C 608 33.68 11.56 25.47
C PHE C 608 32.45 11.92 26.34
N ARG C 609 32.32 11.39 27.53
CA ARG C 609 31.21 11.63 28.42
C ARG C 609 29.88 11.30 27.72
N VAL C 610 29.81 10.16 27.03
CA VAL C 610 28.52 9.65 26.53
C VAL C 610 27.70 9.10 27.71
N ILE C 611 26.38 9.03 27.55
CA ILE C 611 25.45 8.68 28.64
C ILE C 611 24.97 7.26 28.43
N SER C 612 25.16 6.41 29.47
CA SER C 612 24.53 5.12 29.53
C SER C 612 23.15 5.17 30.16
N GLU C 613 22.37 4.08 29.97
CA GLU C 613 21.00 4.03 30.41
C GLU C 613 20.93 4.17 31.95
N CYS C 614 21.75 3.42 32.65
CA CYS C 614 21.73 3.36 34.11
C CYS C 614 23.07 3.83 34.70
N LYS C 615 23.08 4.04 36.02
CA LYS C 615 24.29 4.38 36.72
C LYS C 615 25.32 3.29 36.56
N GLY C 616 26.55 3.68 36.19
CA GLY C 616 27.61 2.70 36.03
C GLY C 616 27.40 1.78 34.83
N GLY C 617 26.41 2.05 34.02
CA GLY C 617 26.10 1.22 32.86
C GLY C 617 27.15 1.40 31.74
N THR C 618 27.01 0.59 30.66
CA THR C 618 27.98 0.50 29.58
C THR C 618 27.28 0.27 28.22
N ASN C 619 26.11 0.91 28.01
CA ASN C 619 25.35 0.84 26.78
C ASN C 619 24.92 2.20 26.24
N PRO C 620 25.88 3.14 26.07
CA PRO C 620 25.53 4.48 25.57
C PRO C 620 25.10 4.32 24.11
N TYR C 621 24.53 5.32 23.48
CA TYR C 621 24.13 6.62 24.05
C TYR C 621 22.63 6.68 24.28
N PHE C 622 22.25 6.87 25.54
CA PHE C 622 20.86 6.90 25.95
C PHE C 622 20.28 8.31 25.79
N SER C 623 19.82 8.55 24.56
N SER C 623 19.81 8.58 24.58
CA SER C 623 19.23 9.83 24.12
CA SER C 623 19.30 9.93 24.28
C SER C 623 17.99 10.17 24.94
C SER C 623 17.99 10.20 25.00
N THR C 624 17.28 9.16 25.44
CA THR C 624 16.16 9.36 26.35
C THR C 624 16.61 10.14 27.62
N GLY C 625 17.74 9.78 28.19
CA GLY C 625 18.29 10.43 29.38
C GLY C 625 18.62 11.90 29.13
N ALA C 626 19.28 12.12 27.97
CA ALA C 626 19.57 13.47 27.51
C ALA C 626 18.31 14.29 27.37
N GLY C 627 17.25 13.71 26.76
CA GLY C 627 16.02 14.48 26.60
C GLY C 627 15.46 14.91 27.97
N GLY C 628 15.47 14.00 28.92
CA GLY C 628 15.02 14.33 30.26
C GLY C 628 15.85 15.45 30.89
N VAL C 629 17.18 15.36 30.80
CA VAL C 629 18.04 16.37 31.41
C VAL C 629 17.78 17.70 30.72
N LEU C 630 17.54 17.67 29.38
CA LEU C 630 17.34 18.94 28.71
C LEU C 630 16.06 19.59 29.22
N GLN C 631 15.06 18.79 29.64
CA GLN C 631 13.84 19.39 30.16
C GLN C 631 14.13 20.00 31.57
N ALA C 632 14.88 19.27 32.40
CA ALA C 632 15.45 19.82 33.66
C ALA C 632 16.08 21.21 33.44
N VAL C 633 16.72 21.40 32.29
CA VAL C 633 17.44 22.64 32.08
C VAL C 633 16.51 23.69 31.53
N ILE C 634 15.71 23.31 30.50
CA ILE C 634 14.86 24.30 29.83
C ILE C 634 13.62 24.63 30.65
N MET C 635 12.90 23.60 31.11
CA MET C 635 11.61 23.79 31.75
C MET C 635 11.86 23.96 33.24
N GLY C 636 12.97 23.40 33.78
CA GLY C 636 13.29 23.50 35.20
C GLY C 636 14.06 24.77 35.56
N PHE C 637 15.35 24.76 35.27
CA PHE C 637 16.18 25.93 35.49
C PHE C 637 15.63 27.09 34.68
N GLY C 638 15.12 26.86 33.46
CA GLY C 638 14.73 28.01 32.64
C GLY C 638 13.31 28.45 32.91
N GLY C 639 12.52 27.64 33.60
CA GLY C 639 11.15 28.04 33.89
C GLY C 639 10.18 27.93 32.70
N LEU C 640 10.62 27.37 31.56
CA LEU C 640 9.75 27.31 30.38
C LEU C 640 8.72 26.19 30.52
N ASP C 641 7.53 26.48 29.97
CA ASP C 641 6.38 25.60 30.15
C ASP C 641 5.47 25.75 28.95
N ILE C 642 4.90 24.65 28.53
CA ILE C 642 3.82 24.69 27.54
C ILE C 642 2.56 25.20 28.26
N ASP C 643 2.03 26.32 27.84
CA ASP C 643 0.78 26.83 28.39
C ASP C 643 -0.43 26.06 27.84
N ALA C 644 -1.30 25.62 28.76
CA ALA C 644 -2.52 24.88 28.45
C ALA C 644 -3.41 25.62 27.46
N ALA C 645 -3.25 26.94 27.38
CA ALA C 645 -4.05 27.75 26.49
C ALA C 645 -3.28 28.10 25.22
N GLY C 646 -2.09 27.54 25.03
CA GLY C 646 -1.37 27.81 23.79
C GLY C 646 -0.11 28.65 24.01
N GLY C 647 0.98 28.27 23.34
CA GLY C 647 2.22 29.02 23.44
C GLY C 647 3.14 28.46 24.52
N ILE C 648 4.29 29.13 24.67
CA ILE C 648 5.21 28.96 25.77
C ILE C 648 5.09 30.11 26.80
N LYS C 649 5.13 29.75 28.08
CA LYS C 649 5.07 30.77 29.12
C LYS C 649 6.23 30.50 30.07
N GLN C 650 6.50 31.44 30.96
CA GLN C 650 7.62 31.22 31.88
C GLN C 650 7.10 31.29 33.32
N VAL C 651 7.41 30.28 34.14
CA VAL C 651 7.10 30.21 35.57
C VAL C 651 8.38 30.41 36.41
N LYS C 652 8.15 30.55 37.71
CA LYS C 652 9.21 30.77 38.68
C LYS C 652 10.22 29.64 38.62
N SER C 653 11.51 29.99 38.67
CA SER C 653 12.56 28.98 38.66
C SER C 653 13.74 29.43 39.51
N VAL C 654 14.73 28.58 39.65
CA VAL C 654 16.00 28.96 40.22
C VAL C 654 17.11 28.45 39.31
N LEU C 655 18.33 28.93 39.53
CA LEU C 655 19.48 28.29 38.91
C LEU C 655 20.37 27.62 39.94
N PRO C 656 21.22 26.68 39.54
CA PRO C 656 22.32 26.27 40.42
C PRO C 656 23.09 27.51 40.87
N LYS C 657 23.54 27.48 42.13
CA LYS C 657 24.34 28.51 42.74
C LYS C 657 25.46 29.05 41.86
N ASN C 658 26.21 28.12 41.29
CA ASN C 658 27.44 28.37 40.56
C ASN C 658 27.17 28.78 39.10
N TRP C 659 25.90 28.76 38.64
CA TRP C 659 25.57 29.29 37.34
C TRP C 659 25.30 30.79 37.46
N LYS C 660 26.05 31.58 36.71
CA LYS C 660 25.87 33.01 36.66
C LYS C 660 24.83 33.47 35.63
N LYS C 661 24.72 32.76 34.54
CA LYS C 661 23.75 33.13 33.53
C LYS C 661 23.39 31.86 32.75
N LEU C 662 22.07 31.72 32.53
CA LEU C 662 21.54 30.69 31.64
C LEU C 662 20.84 31.44 30.51
N THR C 663 21.23 31.18 29.26
CA THR C 663 20.58 31.75 28.09
C THR C 663 20.08 30.63 27.18
N ILE C 664 18.77 30.70 26.88
CA ILE C 664 18.09 29.74 26.02
C ILE C 664 17.53 30.47 24.80
N THR C 665 17.96 30.06 23.60
CA THR C 665 17.64 30.74 22.36
C THR C 665 16.78 29.85 21.46
N GLY C 666 15.95 30.55 20.65
CA GLY C 666 15.16 29.93 19.61
C GLY C 666 13.87 29.27 20.11
N ILE C 667 13.24 29.78 21.18
CA ILE C 667 12.14 29.06 21.84
C ILE C 667 10.79 29.45 21.22
N GLY C 668 10.01 28.44 20.92
CA GLY C 668 8.66 28.68 20.44
C GLY C 668 8.66 29.26 19.02
N ILE C 669 7.44 29.49 18.50
CA ILE C 669 7.37 29.87 17.09
C ILE C 669 7.78 31.33 16.96
N GLU C 670 7.88 32.10 18.05
CA GLU C 670 8.42 33.47 18.00
C GLU C 670 9.93 33.47 18.14
N LYS C 671 10.55 32.28 18.30
CA LYS C 671 12.00 32.17 18.37
C LYS C 671 12.55 33.12 19.42
N LYS C 672 12.03 33.02 20.63
CA LYS C 672 12.42 33.95 21.67
C LYS C 672 13.69 33.47 22.40
N THR C 673 14.41 34.46 22.92
CA THR C 673 15.51 34.22 23.83
C THR C 673 15.12 34.52 25.28
N PHE C 674 15.43 33.59 26.18
CA PHE C 674 15.27 33.78 27.60
C PHE C 674 16.61 33.79 28.33
N VAL C 675 16.79 34.84 29.18
CA VAL C 675 17.98 34.99 29.99
C VAL C 675 17.57 34.91 31.45
N LEU C 676 18.27 34.05 32.20
CA LEU C 676 18.16 33.95 33.66
C LEU C 676 19.49 34.25 34.35
N THR C 677 19.35 34.97 35.48
CA THR C 677 20.43 35.25 36.41
C THR C 677 19.93 35.06 37.83
N HIS C 678 20.86 35.01 38.78
CA HIS C 678 20.51 35.15 40.19
C HIS C 678 20.00 36.58 40.50
#